data_7YG5
#
_entry.id   7YG5
#
_cell.length_a   1.00
_cell.length_b   1.00
_cell.length_c   1.00
_cell.angle_alpha   90.00
_cell.angle_beta   90.00
_cell.angle_gamma   90.00
#
_symmetry.space_group_name_H-M   'P 1'
#
loop_
_entity.id
_entity.type
_entity.pdbx_description
1 polymer 'Voltage-dependent R-type calcium channel subunit alpha-1E'
2 polymer 'Voltage-dependent L-type calcium channel subunit beta-1'
3 polymer 'Voltage-dependent calcium channel subunit alpha-2/delta-1'
4 branched beta-D-mannopyranose-(1-4)-2-acetamido-2-deoxy-beta-D-glucopyranose-(1-4)-2-acetamido-2-deoxy-beta-D-glucopyranose
5 branched beta-D-mannopyranose-(1-3)-2-acetamido-2-deoxy-beta-D-glucopyranose-(1-4)-2-acetamido-2-deoxy-beta-D-glucopyranose
6 non-polymer 'CHOLESTEROL HEMISUCCINATE'
7 non-polymer HEXADECANE
8 non-polymer 1,2-Distearoyl-sn-glycerophosphoethanolamine
9 non-polymer 'CALCIUM ION'
10 non-polymer "[(3aS,5aR,8aR,8bS)-2,2,7,7-tetramethyltetrahydro-3aH-bis[1,3]dioxolo[4,5-b:4',5'-d]pyran-3a-yl]methyl sulfamate"
11 non-polymer 2-acetamido-2-deoxy-beta-D-glucopyranose
#
loop_
_entity_poly.entity_id
_entity_poly.type
_entity_poly.pdbx_seq_one_letter_code
_entity_poly.pdbx_strand_id
1 'polypeptide(L)'
;MARFGEAVVARPGSGDGDSDQSRNRQGTPVPASGQAAAYKQTKAQRARTMALYNPIPVRQNCFTVNRSLFIFGEDNIVRK
YAKKLIDWPPFEYMILATIIANCIVLALEQHLPEDDKTPMSRRLEKTEPYFIGIFCFEAGIKIVALGFIFHKGSYLRNGW
NVMDFIVVLSGILATAGTHFNTHVDLRTLRAVRVLRPLKLVSGIPSLQIVLKSIMKAMVPLLQIGLLLFFAILMFAIIGL
EFYSGKLHRACFMNNSGILEGFDPPHPCGVQGCPAGYECKDWIGPNDGITQFDNILFAVLTVFQCITMEGWTTVLYNTND
ALGATWNWLYFIPLIIIGSFFVLNLVLGVLSGEFAKERERVENRRAFMKLRRQQQIERELNGYRAWIDKAEEVMLAEENK
NAGTSALEVLRRATIKRSRTEAMTRDSSDEHCVDISSVGTPLARASIKSAKVDGVSYFRHKERLLRISIRHMVKSQVFYW
IVLSLVALNTACVAIVHHNQPQWLTHLLYYAEFLFLGLFLLEMSLKMYGMGPRLYFHSSFNCFDFGVTVGSIFEVVWAIF
RPGTSFGISVLRALRLLRIFKITKYWASLRNLVVSLMSSMKSIISLLFLLFLFIVVFALLGMQLFGGRFNFNDGTPSANF
DTFPAAIMTVFQILTGEDWNEVMYNGIRSQGGVSSGMWSAIYFIVLTLFGNYTLLNVFLAIAVDNLANAQELTKDEQEEE
EAFNQKHALQKAKEVSPMSAPNMPSIERDRRRRHHMSMWEPRSSHLRERRRRHHMSVWEQRTSQLRKHMQMSSQEALNRE
EAPTMNPLNPLNPLSSLNPLNAHPSLYRRPRAIEGLALGLALEKFEEERISRGGSLKGDGGDRSSALDNQRTPLSLGQRE
PPWLARPCHGNCDPTQQEAGGGEAVVTFEDRARHRQSQRRSRHRRVRTEGKESSSASRSRSASQERSLDEAMPTEGEKDH
ELRGNHGAKEPTIQEERAQDLRRTNSLMVSRGSGLAGGLDEADTPLVLPHPELEVGKHVVLTEQEPEGSSEQALLGNVQL
DMGRVISQSEPDLSCITANTDKATTESTSVTVAIPDVDPLVDSTVVHISNKTDGEASPLKEAEIREDEEEVEKKKQKKEK
RETGKAMVPHSSMFIFSTTNPIRRACHYIVNLRYFEMCILLVIAASSIALAAEDPVLTNSERNKVLRYFDYVFTGVFTFE
MVIKMIDQGLILQDGSYFRDLWNILDFVVVVGALVAFALANALGTNKGRDIKTIKSLRVLRVLRPLKTIKRLPKLKAVFD
CVVTSLKNVFNILIVYKLFMFIFAVIAVQLFKGKFFYCTDSSKDTEKECIGNYVDHEKNKMEVKGREWKRHEFHYDNIIW
ALLTLFTVSTGEGWPQVLQHSVDVTEEDRGPSRSNRMEMSIFYVVYFVVFPFFFVNIFVALIIITFQEQGDKMMEECSLE
KNERACIDFAISAKPLTRYMPQNRHTFQYRVWHFVVSPSFEYTIMAMIALNTVVLMMKYYSAPCTYELALKYLNIAFTMV
FSLECVLKVIAFGFLNYFRDTWNIFDFITVIGSITEIILTDSKLVNTSGFNMSFLKLFRAARLIKLLRQGYTIRILLWTF
VQSFKALPYVCLLIAMLFFIYAIIGMQVFGNIKLDEESHINRHNNFRSFFGSLMLLFRSATGEAWQEIMLSCLGEKGCEP
DTTAPSGQNENERCGTDLAYVYFVSFIFFCSFLMLNLFVAVIMDNFEYLTRDSSILGPHHLDEFVRVWAEYDRAACGRIH
YTEMYEMLTLMSPPLGLGKRCPSKVAYKRLVLMNMPVAEDMTVHFTSTLMALIRTALDIKIAKGGADRQQLDSELQKETL
AIWPHLSQKMLDLLVPMPKASDLTVGKIYAAMMIMDYYKQSKVKKQRQQLEEQKNAPMFQRMEPSSLPQEIIANAKALPY
LQQDPVSGLSGRSGYPSMSPLSPQDIFQLACMDPADDGQFQERQSLEPEVSELKSVQPSNHGIYLPSDTQEHAGSGRASS
MPRLTVDPQVVTDPSSMRRSFSTIRDKRSNSSWLEEFSMERSSENTYKSRRRSYHSSLRLSAHRLNSDSGHKSDTHRSGG
RERGRSKERKHLLSPDVSRCNSEERGTQADWESPERRQSRSPSEGRSQTPNRQGTGSLSESSIPSVSDTSTPRRSRRQLP
PVPPKPRPLLSYSSLIRHAGSISPPADGSEEGSPLTSQALESNNACLTESSNSPHPQQSQHASPQRYISEPYLALHEDSH
ASDCGEEETLTFEAAVATSLGRSNTIGSAPPLRHSWQMPNGHYRRRRRGGPGPGMMCGAVNNLLSDTEEDDKC
;
A
2 'polypeptide(L)'
;MVQKTSMSRGPYPPSQEIPMEVFDPSPQGKYSKRKGRFKRSDGSTSSDTTSNSFVRQGSAESYTSRPSDSDVSLEEDREA
LRKEAERQALAQLEKAKTKPVAFAVRTNVGYNPSPGDEVPVQGVAITFEPKDFLHIKEKYNNDWWIGRLVKEGCEVGFIP
SPVKLDSLRLLQEQKLRQNRLGSSKSGDNSSSSLGDVVTGTRRPTPPASAKQKQKSTEHVPPYDVVPSMRPIILVGPSLK
GYEVTDMMQKALFDFLKHRFDGRISITRVTADISLAKRSVLNNPSKHIIIERSNTRSSLAEVQSEIERIFELARTLQLVA
LDADTINHPAQLSKTSLAPIIVYIKITSPKVLQRLIKSRGKSQSKHLNVQIAASEKLAQCPPEMFDIILDENQLEDACEH
LAEYLEAYWKATHPPSSTPPNPLLNRTMATAALAASPAPVSNLQGPYLASGDQPLERATGEHASMHEYPGELGQPPGLYP
SSHPPGRAGTLRALSRQDTFDADTPGSRNSAYTELGDSCVDMETDPSEGPGLGDPAGGGTPPARQGSWEDEEEDYEEELT
DNRNRGRNKARYCAEGGGPVLGRNKNELEGWGRGVYIR
;
B
3 'polypeptide(L)'
;MAAGCLLALTLTLFQSLLIGPSSEEPFPSAVTIKSWVDKMQEDLVTLAKTASGVNQLVDIYEKYQDLYTVEPNNARQLVE
IAARDIEKLLSNRSKALVRLALEAEKVQAAHQWREDFASNEVVYYNAKDDLDPEKNDSEPGSQRIKPVFIEDANFGRQIS
YQHAAVHIPTDIYEGSTIVLNELNWTSALDEVFKKNREEDPSLLWQVFGSATGLARYYPASPWVDNSRTPNKIDLYDVRR
RPWYIQGAASPKDMLILVDVSGSVSGLTLKLIRTSVSEMLETLSDDDFVNVASFNSNAQDVSCFQHLVQANVRNKKVLKD
AVNNITAKGITDYKKGFSFAFEQLLNYNVSRANCNKIIMLFTDGGEERAQEIFNKYNKDKKVRVFTFSVGQHNYDRGPIQ
WMACENKGYYYEIPSIGAIRINTQEYLDVLGRPMVLAGDKAKQVQWTNVYLDALELGLVITGTLPVFNITGQFENKTNLK
NQLILGVMGVDVSLEDIKRLTPRFTLCPNGYYFAIDPNGYVLLHPNLQPKPIGVGIPTINLRKRRPNIQNPKSQEPVTLD
FLDAELENDIKVEIRNKMIDGESGEKTFRTLVKSQDERYIDKGNRTYTWTPVNGTDYSLALVLPTYSFYYIKAKLEETIT
QARYSETLKPDNFEESGYTFIAPRDYCNDLKISDNNTEFLLNFNEFIDRKTPNNPSCNADLINRVLLDAGFTNELVQNYW
SKQKNIKGVKARFVVTDGGITRVYPKEAGENWQENPETYEDSFYKRSLDNDNYVFTAPYFNKSGPGAYESGIMVSKAVEI
YIQGKLLKPAVVGIKIDVNSWIENFTKTSIRDPCAGPVCDCKRNSDVMDCVILDDGGFLLMANHDDYTNQIGRFFGEIDP
SLMRHLVNISVYAFNKSYDYQSVCEPGAAPKQGAGHRSAYVPSVADILQIGWWATAAAWSILQQFLLSLTFPRLLEAVEM
EDDDFTASLSKQSCITEQTQYFFDNDSKSFSGVLDCGNCSRIFHGEKLMNTNLIFIMVESKGTCPCDTRLLIQAEQTSDG
PNPCDMVKQPRYRKGPDVCFDNNVLEDYTDCGGVSGLNPSLWYIIGIQFLLLWLVSGSTHRLL
;
D
#
# COMPACT_ATOMS: atom_id res chain seq x y z
N ASN A 76 -43.29 -19.61 40.23
CA ASN A 76 -42.57 -18.69 39.36
C ASN A 76 -43.47 -18.22 38.22
N ILE A 77 -44.77 -18.36 38.41
CA ILE A 77 -45.77 -17.77 37.53
C ILE A 77 -46.56 -16.74 38.34
N VAL A 78 -45.89 -16.13 39.32
CA VAL A 78 -46.52 -15.22 40.26
C VAL A 78 -47.16 -14.07 39.51
N ARG A 79 -48.50 -13.98 39.58
CA ARG A 79 -49.24 -12.91 38.96
C ARG A 79 -49.11 -11.66 39.83
N LYS A 80 -49.90 -10.62 39.55
CA LYS A 80 -49.64 -9.28 40.06
C LYS A 80 -48.20 -8.88 39.73
N TYR A 81 -47.95 -8.77 38.43
CA TYR A 81 -46.63 -8.36 37.96
C TYR A 81 -46.33 -6.94 38.40
N ALA A 82 -47.12 -5.98 37.91
CA ALA A 82 -46.94 -4.54 38.07
C ALA A 82 -45.70 -4.03 37.34
N LYS A 83 -44.93 -4.95 36.76
CA LYS A 83 -43.80 -4.60 35.91
C LYS A 83 -44.18 -4.53 34.44
N LYS A 84 -45.23 -5.25 34.05
CA LYS A 84 -45.71 -5.17 32.67
C LYS A 84 -46.26 -3.79 32.35
N LEU A 85 -46.74 -3.07 33.38
CA LEU A 85 -47.21 -1.68 33.14
C LEU A 85 -46.01 -0.73 33.12
N ILE A 86 -44.83 -1.21 33.50
CA ILE A 86 -43.61 -0.34 33.39
C ILE A 86 -43.09 -0.47 31.95
N ASP A 87 -43.33 -1.60 31.28
CA ASP A 87 -43.00 -1.67 29.83
C ASP A 87 -44.00 -0.70 29.22
N TRP A 88 -43.60 0.53 28.92
CA TRP A 88 -44.61 1.56 28.56
C TRP A 88 -44.00 2.78 27.89
N PRO A 89 -44.80 3.76 27.45
CA PRO A 89 -44.30 4.94 26.76
C PRO A 89 -42.91 5.50 27.12
N PRO A 90 -42.63 5.90 28.38
CA PRO A 90 -41.35 6.52 28.73
C PRO A 90 -40.12 5.60 28.94
N PHE A 91 -40.31 4.38 29.44
CA PHE A 91 -39.11 3.56 29.74
C PHE A 91 -38.70 2.78 28.51
N GLU A 92 -39.22 3.15 27.34
CA GLU A 92 -38.74 2.52 26.09
C GLU A 92 -38.02 3.60 25.36
N TYR A 93 -38.33 4.84 25.69
CA TYR A 93 -37.61 5.96 25.12
C TYR A 93 -36.40 6.36 25.95
N MET A 94 -36.20 5.73 27.11
CA MET A 94 -34.95 5.86 27.82
C MET A 94 -33.99 4.74 27.44
N ILE A 95 -34.49 3.54 27.22
CA ILE A 95 -33.64 2.48 26.70
C ILE A 95 -33.14 2.84 25.31
N LEU A 96 -34.01 3.43 24.50
CA LEU A 96 -33.60 3.89 23.19
C LEU A 96 -32.47 4.90 23.28
N ALA A 97 -32.35 5.62 24.39
CA ALA A 97 -31.30 6.60 24.55
C ALA A 97 -30.05 6.01 25.18
N THR A 98 -30.20 5.05 26.08
CA THR A 98 -29.02 4.36 26.57
C THR A 98 -28.32 3.60 25.45
N ILE A 99 -29.07 3.08 24.48
CA ILE A 99 -28.43 2.39 23.37
C ILE A 99 -27.68 3.37 22.49
N ILE A 100 -28.25 4.55 22.24
CA ILE A 100 -27.53 5.54 21.45
C ILE A 100 -26.27 5.97 22.15
N ALA A 101 -26.35 6.20 23.46
CA ALA A 101 -25.15 6.56 24.22
C ALA A 101 -24.10 5.47 24.12
N ASN A 102 -24.53 4.21 24.22
CA ASN A 102 -23.59 3.11 24.13
C ASN A 102 -22.94 3.04 22.76
N CYS A 103 -23.72 3.23 21.70
CA CYS A 103 -23.13 3.21 20.37
C CYS A 103 -22.13 4.34 20.19
N ILE A 104 -22.43 5.51 20.74
CA ILE A 104 -21.46 6.60 20.68
C ILE A 104 -20.18 6.20 21.41
N VAL A 105 -20.31 5.59 22.58
CA VAL A 105 -19.13 5.19 23.35
C VAL A 105 -18.29 4.17 22.58
N LEU A 106 -18.95 3.20 21.96
CA LEU A 106 -18.23 2.25 21.11
C LEU A 106 -17.61 2.92 19.90
N ALA A 107 -18.17 4.05 19.46
CA ALA A 107 -17.57 4.79 18.37
C ALA A 107 -16.32 5.52 18.82
N LEU A 108 -16.32 6.05 20.04
CA LEU A 108 -15.20 6.88 20.46
C LEU A 108 -13.94 6.07 20.70
N GLU A 109 -14.05 4.77 20.84
CA GLU A 109 -12.91 3.97 21.26
C GLU A 109 -11.84 3.90 20.16
N GLN A 110 -10.60 3.81 20.61
CA GLN A 110 -9.45 3.67 19.72
C GLN A 110 -8.64 2.49 20.20
N HIS A 111 -8.21 1.66 19.25
CA HIS A 111 -7.50 0.43 19.55
C HIS A 111 -6.02 0.62 19.26
N LEU A 112 -5.21 0.44 20.27
CA LEU A 112 -3.79 0.66 20.14
C LEU A 112 -3.08 -0.68 20.04
N PRO A 113 -1.91 -0.71 19.45
CA PRO A 113 -1.33 -1.99 19.04
C PRO A 113 -1.14 -3.06 20.08
N GLU A 114 -0.39 -2.83 21.15
CA GLU A 114 -0.05 -3.94 22.05
C GLU A 114 -0.32 -3.53 23.47
N ASP A 115 -1.53 -3.77 23.95
CA ASP A 115 -1.95 -3.54 25.31
C ASP A 115 -1.97 -2.06 25.66
N ASP A 116 -1.55 -1.19 24.75
CA ASP A 116 -1.59 0.24 25.01
C ASP A 116 -3.02 0.73 24.96
N LYS A 117 -3.29 1.80 25.71
CA LYS A 117 -4.62 2.38 25.76
C LYS A 117 -4.50 3.88 25.79
N THR A 118 -5.32 4.56 24.99
CA THR A 118 -5.32 6.00 25.06
C THR A 118 -5.90 6.44 26.39
N PRO A 119 -5.64 7.67 26.82
CA PRO A 119 -6.33 8.16 28.01
C PRO A 119 -7.84 8.12 27.88
N MET A 120 -8.38 8.47 26.72
CA MET A 120 -9.83 8.48 26.59
C MET A 120 -10.42 7.09 26.66
N SER A 121 -9.74 6.07 26.16
CA SER A 121 -10.30 4.74 26.22
C SER A 121 -10.28 4.20 27.65
N ARG A 122 -9.28 4.57 28.44
CA ARG A 122 -9.33 4.25 29.86
C ARG A 122 -10.43 5.02 30.54
N ARG A 123 -10.69 6.24 30.12
CA ARG A 123 -11.80 7.00 30.66
C ARG A 123 -13.14 6.33 30.37
N LEU A 124 -13.31 5.82 29.14
CA LEU A 124 -14.58 5.23 28.74
C LEU A 124 -14.78 3.84 29.33
N GLU A 125 -13.71 3.08 29.52
CA GLU A 125 -13.84 1.75 30.09
C GLU A 125 -14.49 1.78 31.46
N LYS A 126 -14.68 2.96 32.04
CA LYS A 126 -15.38 3.14 33.31
C LYS A 126 -16.83 3.52 33.12
N THR A 127 -17.42 3.26 31.95
CA THR A 127 -18.85 3.37 31.80
C THR A 127 -19.52 2.05 31.49
N GLU A 128 -18.78 1.05 31.04
CA GLU A 128 -19.39 -0.23 30.71
C GLU A 128 -20.25 -0.78 31.83
N PRO A 129 -19.87 -0.69 33.11
CA PRO A 129 -20.79 -1.15 34.16
C PRO A 129 -22.12 -0.43 34.17
N TYR A 130 -22.18 0.86 33.83
CA TYR A 130 -23.48 1.54 33.79
C TYR A 130 -24.40 0.92 32.75
N PHE A 131 -23.90 0.75 31.53
CA PHE A 131 -24.70 0.16 30.47
C PHE A 131 -25.07 -1.28 30.79
N ILE A 132 -24.14 -2.04 31.35
CA ILE A 132 -24.46 -3.41 31.72
C ILE A 132 -25.55 -3.41 32.77
N GLY A 133 -25.50 -2.46 33.71
CA GLY A 133 -26.54 -2.40 34.71
C GLY A 133 -27.90 -2.12 34.12
N ILE A 134 -27.99 -1.14 33.23
CA ILE A 134 -29.27 -0.82 32.63
C ILE A 134 -29.78 -1.99 31.79
N PHE A 135 -28.90 -2.68 31.08
CA PHE A 135 -29.36 -3.76 30.21
C PHE A 135 -29.78 -4.99 31.02
N CYS A 136 -29.06 -5.30 32.10
CA CYS A 136 -29.55 -6.41 32.92
C CYS A 136 -30.82 -6.01 33.63
N PHE A 137 -31.01 -4.71 33.88
CA PHE A 137 -32.29 -4.26 34.42
C PHE A 137 -33.41 -4.48 33.42
N GLU A 138 -33.16 -4.21 32.13
CA GLU A 138 -34.17 -4.49 31.12
C GLU A 138 -34.48 -5.97 31.03
N ALA A 139 -33.45 -6.80 31.02
CA ALA A 139 -33.71 -8.23 31.05
C ALA A 139 -34.53 -8.59 32.29
N GLY A 140 -34.20 -8.00 33.44
CA GLY A 140 -34.92 -8.34 34.65
C GLY A 140 -36.38 -7.96 34.57
N ILE A 141 -36.67 -6.75 34.14
CA ILE A 141 -38.05 -6.28 34.14
C ILE A 141 -38.85 -7.00 33.07
N LYS A 142 -38.26 -7.22 31.89
CA LYS A 142 -38.99 -7.95 30.86
C LYS A 142 -39.23 -9.39 31.28
N ILE A 143 -38.26 -10.02 31.94
CA ILE A 143 -38.43 -11.40 32.37
C ILE A 143 -39.42 -11.55 33.49
N VAL A 144 -39.44 -10.65 34.47
CA VAL A 144 -40.41 -10.79 35.53
C VAL A 144 -41.80 -10.38 35.05
N ALA A 145 -41.89 -9.47 34.07
CA ALA A 145 -43.17 -9.08 33.53
C ALA A 145 -43.63 -9.98 32.39
N LEU A 146 -42.85 -11.00 32.05
CA LEU A 146 -43.25 -12.03 31.09
C LEU A 146 -42.76 -13.38 31.60
N GLY A 147 -42.73 -14.39 30.74
CA GLY A 147 -42.13 -15.66 31.08
C GLY A 147 -40.65 -15.68 30.78
N PHE A 148 -40.09 -16.89 30.79
CA PHE A 148 -38.72 -17.07 30.32
C PHE A 148 -38.64 -17.98 29.10
N ILE A 149 -39.01 -19.25 29.22
CA ILE A 149 -39.06 -20.15 28.07
C ILE A 149 -40.38 -20.89 28.06
N PHE A 150 -40.72 -21.49 29.21
CA PHE A 150 -41.84 -22.42 29.31
C PHE A 150 -43.16 -21.74 28.98
N HIS A 151 -43.37 -20.52 29.47
CA HIS A 151 -44.52 -19.75 29.03
C HIS A 151 -44.43 -19.53 27.53
N LYS A 152 -45.57 -19.60 26.84
CA LYS A 152 -45.51 -19.52 25.38
C LYS A 152 -45.11 -18.13 24.92
N GLY A 153 -45.77 -17.10 25.45
CA GLY A 153 -45.44 -15.74 25.06
C GLY A 153 -44.27 -15.17 25.83
N SER A 154 -43.40 -16.05 26.31
CA SER A 154 -42.37 -15.68 27.27
C SER A 154 -41.31 -14.83 26.60
N TYR A 155 -40.29 -14.49 27.39
CA TYR A 155 -39.20 -13.64 26.95
C TYR A 155 -38.53 -14.22 25.72
N LEU A 156 -37.92 -15.39 25.86
CA LEU A 156 -37.10 -15.92 24.78
C LEU A 156 -37.91 -16.30 23.55
N ARG A 157 -39.23 -16.49 23.68
CA ARG A 157 -39.99 -16.86 22.51
C ARG A 157 -40.00 -15.74 21.48
N ASN A 158 -39.70 -14.52 21.90
CA ASN A 158 -39.43 -13.46 20.94
C ASN A 158 -38.10 -13.70 20.25
N GLY A 159 -38.03 -13.31 18.98
CA GLY A 159 -36.81 -13.54 18.23
C GLY A 159 -35.68 -12.61 18.58
N TRP A 160 -35.99 -11.35 18.89
CA TRP A 160 -34.94 -10.37 19.19
C TRP A 160 -34.49 -10.46 20.62
N ASN A 161 -35.38 -10.84 21.53
CA ASN A 161 -35.05 -10.89 22.93
C ASN A 161 -33.99 -11.93 23.24
N VAL A 162 -33.87 -12.97 22.43
CA VAL A 162 -32.81 -13.93 22.68
C VAL A 162 -31.44 -13.30 22.47
N MET A 163 -31.28 -12.50 21.42
CA MET A 163 -29.98 -11.87 21.22
C MET A 163 -29.77 -10.69 22.17
N ASP A 164 -30.85 -9.97 22.52
CA ASP A 164 -30.77 -9.04 23.63
C ASP A 164 -30.22 -9.70 24.88
N PHE A 165 -30.74 -10.89 25.20
CA PHE A 165 -30.30 -11.62 26.36
C PHE A 165 -28.86 -12.10 26.23
N ILE A 166 -28.47 -12.54 25.04
CA ILE A 166 -27.09 -12.99 24.86
C ILE A 166 -26.13 -11.83 25.07
N VAL A 167 -26.47 -10.65 24.54
CA VAL A 167 -25.60 -9.50 24.70
C VAL A 167 -25.50 -9.11 26.17
N VAL A 168 -26.63 -9.06 26.88
CA VAL A 168 -26.52 -8.69 28.29
C VAL A 168 -25.84 -9.79 29.10
N LEU A 169 -26.00 -11.04 28.70
CA LEU A 169 -25.29 -12.13 29.36
C LEU A 169 -23.79 -11.94 29.22
N SER A 170 -23.32 -11.62 28.03
CA SER A 170 -21.90 -11.40 27.83
C SER A 170 -21.44 -10.12 28.53
N GLY A 171 -22.34 -9.16 28.69
CA GLY A 171 -22.02 -8.01 29.51
C GLY A 171 -21.81 -8.37 30.96
N ILE A 172 -22.62 -9.29 31.48
CA ILE A 172 -22.46 -9.74 32.85
C ILE A 172 -21.17 -10.54 33.00
N LEU A 173 -20.92 -11.45 32.06
CA LEU A 173 -19.79 -12.36 32.17
C LEU A 173 -18.46 -11.62 31.99
N ALA A 174 -18.35 -10.83 30.92
CA ALA A 174 -17.07 -10.22 30.60
C ALA A 174 -16.64 -9.24 31.66
N THR A 175 -17.58 -8.69 32.42
CA THR A 175 -17.24 -7.83 33.55
C THR A 175 -16.97 -8.64 34.80
N ALA A 176 -16.95 -9.97 34.72
CA ALA A 176 -16.55 -10.84 35.81
C ALA A 176 -15.13 -11.35 35.61
N GLY A 177 -14.26 -10.47 35.16
CA GLY A 177 -12.85 -10.87 34.89
C GLY A 177 -11.93 -10.53 36.06
N THR A 178 -12.05 -9.31 36.58
CA THR A 178 -11.17 -8.87 37.70
C THR A 178 -11.29 -9.86 38.86
N HIS A 179 -12.50 -10.39 39.09
CA HIS A 179 -12.74 -11.34 40.20
C HIS A 179 -11.81 -12.55 40.03
N PHE A 180 -11.59 -12.99 38.78
CA PHE A 180 -10.74 -14.17 38.52
C PHE A 180 -9.48 -13.73 37.78
N ASN A 181 -9.23 -12.42 37.72
CA ASN A 181 -8.05 -11.89 36.99
C ASN A 181 -8.11 -12.39 35.53
N THR A 182 -9.32 -12.71 35.05
CA THR A 182 -9.48 -13.22 33.66
C THR A 182 -8.47 -14.36 33.45
N HIS A 183 -8.33 -15.25 34.43
CA HIS A 183 -7.40 -16.41 34.29
C HIS A 183 -7.86 -17.26 33.10
N VAL A 184 -9.15 -17.20 32.77
CA VAL A 184 -9.70 -17.98 31.62
C VAL A 184 -9.02 -17.49 30.33
N ASP A 185 -8.50 -16.26 30.34
CA ASP A 185 -7.86 -15.69 29.12
C ASP A 185 -8.88 -15.75 27.97
N LEU A 186 -10.07 -15.20 28.19
CA LEU A 186 -11.11 -15.23 27.16
C LEU A 186 -10.67 -14.60 25.86
N ARG A 187 -10.34 -13.30 25.86
CA ARG A 187 -10.06 -12.54 24.64
C ARG A 187 -11.17 -12.69 23.60
N THR A 188 -12.35 -13.17 24.02
CA THR A 188 -13.38 -13.55 23.06
C THR A 188 -14.80 -13.23 23.49
N LEU A 189 -15.01 -12.49 24.57
CA LEU A 189 -16.37 -12.28 25.05
C LEU A 189 -16.86 -10.86 24.92
N ARG A 190 -15.98 -9.88 24.93
CA ARG A 190 -16.42 -8.52 24.67
C ARG A 190 -16.62 -8.26 23.19
N ALA A 191 -16.24 -9.18 22.32
CA ALA A 191 -16.62 -9.12 20.92
C ALA A 191 -18.12 -9.31 20.71
N VAL A 192 -18.85 -9.74 21.74
CA VAL A 192 -20.31 -9.72 21.68
C VAL A 192 -20.85 -8.32 21.88
N ARG A 193 -20.09 -7.45 22.53
CA ARG A 193 -20.49 -6.06 22.68
C ARG A 193 -20.83 -5.40 21.37
N VAL A 194 -20.16 -5.77 20.27
CA VAL A 194 -20.41 -5.14 18.99
C VAL A 194 -21.80 -5.40 18.45
N LEU A 195 -22.55 -6.33 19.03
CA LEU A 195 -23.93 -6.54 18.62
C LEU A 195 -24.87 -5.55 19.23
N ARG A 196 -24.40 -4.66 20.08
CA ARG A 196 -25.29 -3.75 20.77
C ARG A 196 -25.96 -2.74 19.87
N PRO A 197 -25.37 -2.29 18.76
CA PRO A 197 -26.13 -1.42 17.86
C PRO A 197 -27.39 -2.06 17.35
N LEU A 198 -27.40 -3.38 17.13
CA LEU A 198 -28.60 -4.03 16.64
C LEU A 198 -29.76 -3.92 17.61
N LYS A 199 -29.50 -3.62 18.87
CA LYS A 199 -30.61 -3.43 19.79
C LYS A 199 -31.44 -2.21 19.42
N LEU A 200 -30.95 -1.34 18.55
CA LEU A 200 -31.80 -0.30 18.02
C LEU A 200 -32.94 -0.90 17.20
N VAL A 201 -32.61 -1.87 16.34
CA VAL A 201 -33.65 -2.56 15.57
C VAL A 201 -34.62 -3.23 16.52
N SER A 202 -34.11 -3.80 17.60
CA SER A 202 -34.98 -4.47 18.56
C SER A 202 -35.90 -3.47 19.26
N GLY A 203 -35.49 -2.22 19.38
CA GLY A 203 -36.29 -1.25 20.10
C GLY A 203 -37.27 -0.49 19.25
N ILE A 204 -37.07 -0.49 17.93
CA ILE A 204 -37.88 0.26 16.99
C ILE A 204 -38.53 -0.74 16.03
N PRO A 205 -39.79 -1.11 16.22
CA PRO A 205 -40.39 -2.09 15.30
C PRO A 205 -40.58 -1.56 13.89
N SER A 206 -40.65 -0.25 13.72
CA SER A 206 -40.66 0.35 12.40
C SER A 206 -39.40 0.03 11.61
N LEU A 207 -38.33 -0.39 12.25
CA LEU A 207 -37.15 -0.88 11.56
C LEU A 207 -37.19 -2.38 11.35
N GLN A 208 -37.78 -3.13 12.28
CA GLN A 208 -37.87 -4.57 12.08
C GLN A 208 -38.74 -4.91 10.90
N ILE A 209 -39.83 -4.17 10.71
CA ILE A 209 -40.75 -4.58 9.64
C ILE A 209 -40.24 -4.07 8.31
N VAL A 210 -39.05 -3.49 8.28
CA VAL A 210 -38.37 -3.17 7.03
C VAL A 210 -37.29 -4.22 6.83
N LEU A 211 -36.59 -4.53 7.92
CA LEU A 211 -35.59 -5.58 7.86
C LEU A 211 -36.19 -6.91 7.44
N LYS A 212 -37.37 -7.24 7.95
CA LYS A 212 -37.97 -8.51 7.57
C LYS A 212 -38.34 -8.51 6.11
N SER A 213 -38.79 -7.38 5.59
CA SER A 213 -39.10 -7.30 4.17
C SER A 213 -37.84 -7.54 3.33
N ILE A 214 -36.74 -6.93 3.73
CA ILE A 214 -35.49 -7.09 2.99
C ILE A 214 -35.03 -8.53 3.04
N MET A 215 -34.96 -9.13 4.23
CA MET A 215 -34.59 -10.53 4.32
C MET A 215 -35.58 -11.42 3.58
N LYS A 216 -36.82 -10.99 3.44
CA LYS A 216 -37.79 -11.78 2.69
C LYS A 216 -37.48 -11.78 1.21
N ALA A 217 -36.97 -10.68 0.67
CA ALA A 217 -36.66 -10.66 -0.74
C ALA A 217 -35.43 -11.48 -1.11
N MET A 218 -34.66 -11.97 -0.14
CA MET A 218 -33.43 -12.70 -0.43
C MET A 218 -33.57 -14.20 -0.29
N VAL A 219 -34.70 -14.71 0.19
CA VAL A 219 -34.89 -16.15 0.26
C VAL A 219 -34.74 -16.82 -1.10
N PRO A 220 -35.28 -16.27 -2.20
CA PRO A 220 -35.05 -16.94 -3.48
C PRO A 220 -33.59 -17.03 -3.84
N LEU A 221 -32.75 -16.15 -3.30
CA LEU A 221 -31.35 -16.19 -3.62
C LEU A 221 -30.66 -17.42 -3.04
N LEU A 222 -31.25 -18.09 -2.07
CA LEU A 222 -30.55 -19.25 -1.54
C LEU A 222 -30.72 -20.46 -2.43
N GLN A 223 -30.64 -20.25 -3.72
CA GLN A 223 -30.36 -21.28 -4.70
C GLN A 223 -29.39 -20.81 -5.74
N ILE A 224 -29.18 -19.51 -5.88
CA ILE A 224 -28.01 -19.03 -6.58
C ILE A 224 -26.78 -19.28 -5.72
N GLY A 225 -26.91 -19.05 -4.42
CA GLY A 225 -25.78 -19.32 -3.54
C GLY A 225 -25.34 -20.76 -3.63
N LEU A 226 -26.28 -21.69 -3.55
CA LEU A 226 -25.90 -23.09 -3.75
C LEU A 226 -25.41 -23.33 -5.16
N LEU A 227 -25.97 -22.63 -6.14
CA LEU A 227 -25.37 -22.72 -7.46
C LEU A 227 -24.01 -22.09 -7.47
N LEU A 228 -23.83 -20.98 -6.76
CA LEU A 228 -22.52 -20.33 -6.74
C LEU A 228 -21.50 -21.20 -6.04
N PHE A 229 -21.80 -21.65 -4.83
CA PHE A 229 -20.85 -22.47 -4.10
C PHE A 229 -20.57 -23.79 -4.80
N PHE A 230 -21.47 -24.27 -5.64
CA PHE A 230 -21.11 -25.40 -6.47
C PHE A 230 -20.04 -25.02 -7.47
N ALA A 231 -20.23 -23.92 -8.20
CA ALA A 231 -19.25 -23.50 -9.18
C ALA A 231 -17.90 -23.27 -8.52
N ILE A 232 -17.88 -22.53 -7.41
CA ILE A 232 -16.65 -22.32 -6.65
C ILE A 232 -16.01 -23.64 -6.30
N LEU A 233 -16.79 -24.64 -5.96
CA LEU A 233 -16.21 -25.93 -5.64
C LEU A 233 -15.71 -26.62 -6.90
N MET A 234 -16.48 -26.56 -7.97
CA MET A 234 -16.09 -27.26 -9.18
C MET A 234 -14.80 -26.68 -9.77
N PHE A 235 -14.62 -25.37 -9.69
CA PHE A 235 -13.39 -24.75 -10.12
C PHE A 235 -12.28 -24.83 -9.09
N ALA A 236 -12.58 -25.24 -7.87
CA ALA A 236 -11.52 -25.42 -6.90
C ALA A 236 -10.92 -26.81 -7.03
N ILE A 237 -11.75 -27.83 -7.15
CA ILE A 237 -11.28 -29.17 -7.45
C ILE A 237 -10.30 -29.13 -8.61
N ILE A 238 -10.72 -28.57 -9.74
CA ILE A 238 -9.84 -28.45 -10.90
C ILE A 238 -8.55 -27.72 -10.55
N GLY A 239 -8.65 -26.61 -9.81
CA GLY A 239 -7.44 -25.94 -9.40
C GLY A 239 -6.53 -26.84 -8.63
N LEU A 240 -7.10 -27.63 -7.72
CA LEU A 240 -6.32 -28.58 -6.95
C LEU A 240 -5.60 -29.58 -7.83
N GLU A 241 -6.19 -29.92 -8.97
CA GLU A 241 -5.50 -30.88 -9.81
C GLU A 241 -4.34 -30.23 -10.54
N PHE A 242 -4.46 -28.95 -10.90
CA PHE A 242 -3.56 -28.41 -11.91
C PHE A 242 -2.55 -27.42 -11.40
N TYR A 243 -2.83 -26.66 -10.34
CA TYR A 243 -1.88 -25.69 -9.82
C TYR A 243 -1.50 -25.98 -8.38
N SER A 244 -1.60 -27.24 -7.96
CA SER A 244 -1.61 -27.50 -6.52
C SER A 244 -0.30 -27.13 -5.86
N GLY A 245 0.82 -27.45 -6.48
CA GLY A 245 2.06 -27.10 -5.84
C GLY A 245 2.96 -26.26 -6.71
N LYS A 246 2.41 -25.80 -7.83
CA LYS A 246 3.20 -25.12 -8.85
C LYS A 246 3.16 -23.61 -8.73
N LEU A 247 3.38 -23.08 -7.55
CA LEU A 247 3.51 -21.64 -7.37
C LEU A 247 4.52 -21.32 -6.30
N HIS A 248 5.58 -22.12 -6.19
CA HIS A 248 6.49 -22.00 -5.07
C HIS A 248 7.92 -21.72 -5.46
N ARG A 249 8.24 -21.65 -6.74
CA ARG A 249 9.56 -21.24 -7.19
C ARG A 249 9.45 -19.87 -7.80
N ALA A 250 10.32 -18.97 -7.41
CA ALA A 250 10.34 -17.63 -7.97
C ALA A 250 11.74 -17.31 -8.46
N CYS A 251 11.78 -16.40 -9.43
CA CYS A 251 13.05 -15.99 -10.04
C CYS A 251 13.67 -14.90 -9.20
N PHE A 252 14.68 -15.25 -8.42
CA PHE A 252 15.43 -14.31 -7.61
C PHE A 252 16.77 -14.01 -8.26
N MET A 253 17.21 -12.76 -8.15
CA MET A 253 18.54 -12.40 -8.62
C MET A 253 19.58 -13.25 -7.92
N ASN A 254 20.64 -13.61 -8.65
CA ASN A 254 21.65 -14.52 -8.11
C ASN A 254 22.25 -13.99 -6.83
N ASN A 255 23.00 -12.89 -6.93
CA ASN A 255 23.30 -11.97 -5.83
C ASN A 255 23.32 -12.68 -4.49
N SER A 256 24.10 -13.75 -4.38
CA SER A 256 23.95 -14.66 -3.24
C SER A 256 24.09 -13.92 -1.93
N GLY A 257 23.34 -14.36 -0.93
CA GLY A 257 23.16 -13.58 0.26
C GLY A 257 21.88 -12.79 0.16
N ILE A 258 22.00 -11.55 -0.30
CA ILE A 258 20.83 -10.69 -0.50
C ILE A 258 20.13 -11.12 -1.80
N LEU A 259 19.12 -11.96 -1.68
CA LEU A 259 18.29 -12.30 -2.83
C LEU A 259 17.35 -11.15 -3.13
N GLU A 260 17.06 -10.94 -4.41
CA GLU A 260 16.36 -9.74 -4.82
C GLU A 260 14.95 -10.01 -5.31
N GLY A 261 14.77 -10.81 -6.34
CA GLY A 261 13.45 -10.99 -6.92
C GLY A 261 12.89 -9.71 -7.51
N PHE A 262 11.73 -9.79 -8.15
CA PHE A 262 11.10 -8.60 -8.67
C PHE A 262 10.19 -7.99 -7.60
N ASP A 263 9.59 -6.85 -7.92
CA ASP A 263 8.62 -6.32 -6.96
C ASP A 263 7.27 -6.99 -7.14
N PRO A 264 6.76 -7.15 -8.37
CA PRO A 264 5.82 -8.23 -8.61
C PRO A 264 6.60 -9.50 -8.86
N PRO A 265 6.65 -10.40 -7.88
CA PRO A 265 7.55 -11.54 -7.99
C PRO A 265 7.24 -12.40 -9.20
N HIS A 266 8.30 -12.83 -9.87
CA HIS A 266 8.22 -13.60 -11.10
C HIS A 266 8.36 -15.06 -10.75
N PRO A 267 7.33 -15.89 -10.92
CA PRO A 267 7.49 -17.31 -10.65
C PRO A 267 8.26 -18.03 -11.75
N CYS A 268 8.55 -19.31 -11.48
CA CYS A 268 9.25 -20.21 -12.38
C CYS A 268 8.36 -21.38 -12.73
N GLY A 269 8.91 -22.25 -13.56
CA GLY A 269 8.23 -23.49 -13.90
C GLY A 269 9.17 -24.34 -14.71
N VAL A 270 8.66 -24.93 -15.80
CA VAL A 270 9.58 -25.20 -16.90
C VAL A 270 9.86 -23.92 -17.64
N GLN A 271 8.98 -22.93 -17.52
CA GLN A 271 9.30 -21.57 -17.92
C GLN A 271 10.29 -21.01 -16.90
N GLY A 272 11.58 -21.04 -17.25
CA GLY A 272 12.63 -20.68 -16.34
C GLY A 272 12.87 -19.18 -16.27
N CYS A 273 13.92 -18.82 -15.56
CA CYS A 273 14.21 -17.43 -15.25
C CYS A 273 14.80 -16.70 -16.45
N PRO A 274 14.44 -15.42 -16.65
CA PRO A 274 14.76 -14.75 -17.91
C PRO A 274 16.23 -14.56 -18.28
N ALA A 275 16.98 -13.80 -17.49
CA ALA A 275 18.29 -13.34 -17.97
C ALA A 275 19.45 -13.77 -17.09
N GLY A 276 19.44 -13.41 -15.82
CA GLY A 276 20.55 -13.65 -14.93
C GLY A 276 20.00 -13.98 -13.56
N TYR A 277 18.74 -14.39 -13.57
CA TYR A 277 18.03 -14.77 -12.36
C TYR A 277 18.06 -16.28 -12.21
N GLU A 278 17.98 -16.74 -10.97
CA GLU A 278 17.96 -18.15 -10.68
C GLU A 278 16.68 -18.49 -9.95
N CYS A 279 16.25 -19.73 -10.08
CA CYS A 279 14.94 -20.16 -9.66
C CYS A 279 15.00 -20.70 -8.24
N LYS A 280 14.73 -19.85 -7.26
CA LYS A 280 14.83 -20.24 -5.87
C LYS A 280 13.46 -20.55 -5.30
N ASP A 281 13.44 -20.97 -4.04
CA ASP A 281 12.19 -21.22 -3.36
C ASP A 281 11.46 -19.91 -3.08
N TRP A 282 10.21 -20.04 -2.63
CA TRP A 282 9.32 -18.90 -2.49
C TRP A 282 8.12 -19.36 -1.70
N ILE A 283 7.65 -18.53 -0.78
CA ILE A 283 6.29 -18.71 -0.29
C ILE A 283 5.37 -18.22 -1.41
N GLY A 284 4.09 -18.50 -1.31
CA GLY A 284 3.20 -18.22 -2.39
C GLY A 284 3.11 -16.75 -2.76
N PRO A 285 2.20 -16.44 -3.64
CA PRO A 285 2.16 -15.09 -4.22
C PRO A 285 1.95 -13.96 -3.23
N ASN A 286 0.87 -13.98 -2.46
CA ASN A 286 0.57 -12.87 -1.57
C ASN A 286 1.00 -13.18 -0.14
N ASP A 287 2.31 -13.37 0.02
CA ASP A 287 2.87 -13.92 1.26
C ASP A 287 2.24 -15.28 1.55
N GLY A 288 1.94 -16.03 0.50
CA GLY A 288 1.52 -17.40 0.64
C GLY A 288 0.04 -17.65 0.68
N ILE A 289 -0.79 -16.65 0.40
CA ILE A 289 -2.22 -16.76 0.61
C ILE A 289 -3.00 -17.11 -0.65
N THR A 290 -2.42 -16.94 -1.83
CA THR A 290 -3.19 -16.97 -3.08
C THR A 290 -2.77 -18.17 -3.93
N GLN A 291 -2.78 -19.35 -3.34
CA GLN A 291 -2.29 -20.55 -3.97
C GLN A 291 -3.35 -21.65 -3.89
N PHE A 292 -3.24 -22.63 -4.77
CA PHE A 292 -4.17 -23.77 -4.78
C PHE A 292 -3.64 -24.96 -4.00
N ASP A 293 -3.20 -24.80 -2.76
CA ASP A 293 -2.59 -25.94 -2.09
C ASP A 293 -3.63 -26.88 -1.48
N ASN A 294 -4.37 -26.42 -0.49
CA ASN A 294 -5.43 -27.23 0.06
C ASN A 294 -6.62 -27.15 -0.85
N ILE A 295 -7.74 -27.72 -0.40
CA ILE A 295 -8.98 -27.35 -1.04
C ILE A 295 -9.44 -26.00 -0.49
N LEU A 296 -9.11 -25.70 0.75
CA LEU A 296 -9.54 -24.45 1.37
C LEU A 296 -8.77 -23.27 0.85
N PHE A 297 -7.55 -23.48 0.38
CA PHE A 297 -6.82 -22.42 -0.29
C PHE A 297 -7.26 -22.24 -1.72
N ALA A 298 -7.83 -23.27 -2.33
CA ALA A 298 -8.34 -23.15 -3.68
C ALA A 298 -9.75 -22.59 -3.72
N VAL A 299 -10.61 -22.96 -2.77
CA VAL A 299 -11.93 -22.36 -2.75
C VAL A 299 -11.89 -20.94 -2.22
N LEU A 300 -10.74 -20.46 -1.78
CA LEU A 300 -10.60 -19.05 -1.44
C LEU A 300 -9.99 -18.25 -2.58
N THR A 301 -9.00 -18.81 -3.26
CA THR A 301 -8.48 -18.16 -4.47
C THR A 301 -9.53 -18.06 -5.54
N VAL A 302 -10.33 -19.10 -5.72
CA VAL A 302 -11.36 -19.04 -6.72
C VAL A 302 -12.49 -18.12 -6.31
N PHE A 303 -12.79 -18.00 -5.03
CA PHE A 303 -13.77 -17.02 -4.61
C PHE A 303 -13.26 -15.63 -4.86
N GLN A 304 -11.98 -15.39 -4.63
CA GLN A 304 -11.41 -14.11 -4.98
C GLN A 304 -11.54 -13.81 -6.46
N CYS A 305 -11.26 -14.80 -7.31
CA CYS A 305 -11.31 -14.55 -8.75
C CYS A 305 -12.73 -14.31 -9.22
N ILE A 306 -13.71 -14.97 -8.62
CA ILE A 306 -15.11 -14.73 -8.98
C ILE A 306 -15.58 -13.35 -8.55
N THR A 307 -15.13 -12.85 -7.41
CA THR A 307 -15.46 -11.46 -7.12
C THR A 307 -14.72 -10.49 -8.01
N MET A 308 -13.86 -10.98 -8.89
CA MET A 308 -13.16 -10.21 -9.91
C MET A 308 -12.10 -9.30 -9.34
N GLU A 309 -11.72 -9.48 -8.09
CA GLU A 309 -10.66 -8.69 -7.49
C GLU A 309 -9.35 -9.42 -7.65
N GLY A 310 -8.42 -8.82 -8.39
CA GLY A 310 -7.13 -9.45 -8.53
C GLY A 310 -7.20 -10.84 -9.10
N TRP A 311 -8.01 -11.05 -10.13
CA TRP A 311 -8.00 -12.32 -10.81
C TRP A 311 -6.95 -12.37 -11.88
N THR A 312 -6.55 -11.22 -12.41
CA THR A 312 -5.49 -11.22 -13.39
C THR A 312 -4.14 -11.44 -12.77
N THR A 313 -3.93 -11.03 -11.52
CA THR A 313 -2.65 -11.35 -10.92
C THR A 313 -2.51 -12.85 -10.76
N VAL A 314 -3.60 -13.54 -10.45
CA VAL A 314 -3.55 -14.99 -10.37
C VAL A 314 -3.34 -15.60 -11.74
N LEU A 315 -4.03 -15.07 -12.74
CA LEU A 315 -3.85 -15.59 -14.09
C LEU A 315 -2.41 -15.41 -14.54
N TYR A 316 -1.80 -14.28 -14.21
CA TYR A 316 -0.44 -14.03 -14.63
C TYR A 316 0.54 -14.89 -13.87
N ASN A 317 0.31 -15.10 -12.59
CA ASN A 317 1.17 -16.01 -11.84
C ASN A 317 1.16 -17.38 -12.46
N THR A 318 -0.02 -17.91 -12.77
CA THR A 318 -0.01 -19.26 -13.32
C THR A 318 0.47 -19.29 -14.76
N ASN A 319 0.38 -18.18 -15.50
CA ASN A 319 1.00 -18.12 -16.81
C ASN A 319 2.50 -18.22 -16.71
N ASP A 320 3.09 -17.50 -15.75
CA ASP A 320 4.53 -17.60 -15.53
C ASP A 320 4.93 -18.99 -15.06
N ALA A 321 4.18 -19.53 -14.12
CA ALA A 321 4.60 -20.76 -13.47
C ALA A 321 4.34 -21.99 -14.31
N LEU A 322 3.44 -21.93 -15.28
CA LEU A 322 3.17 -23.12 -16.07
C LEU A 322 3.31 -22.89 -17.56
N GLY A 323 3.10 -21.68 -18.03
CA GLY A 323 3.12 -21.46 -19.45
C GLY A 323 1.78 -20.96 -19.94
N ALA A 324 1.80 -19.96 -20.79
CA ALA A 324 0.63 -19.13 -21.02
C ALA A 324 -0.34 -19.70 -22.02
N THR A 325 -0.34 -20.99 -22.27
CA THR A 325 -1.17 -21.49 -23.35
C THR A 325 -2.54 -21.96 -22.91
N TRP A 326 -2.66 -22.61 -21.76
CA TRP A 326 -3.93 -23.19 -21.37
C TRP A 326 -4.61 -22.49 -20.21
N ASN A 327 -3.92 -21.60 -19.51
CA ASN A 327 -4.49 -21.03 -18.29
C ASN A 327 -5.68 -20.16 -18.58
N TRP A 328 -5.72 -19.50 -19.74
CA TRP A 328 -6.87 -18.67 -20.05
C TRP A 328 -8.15 -19.49 -20.12
N LEU A 329 -8.06 -20.80 -20.28
CA LEU A 329 -9.27 -21.64 -20.27
C LEU A 329 -9.82 -21.85 -18.89
N TYR A 330 -9.04 -21.61 -17.86
CA TYR A 330 -9.55 -21.75 -16.52
C TYR A 330 -10.08 -20.44 -15.99
N PHE A 331 -9.39 -19.34 -16.24
CA PHE A 331 -9.75 -18.08 -15.64
C PHE A 331 -10.72 -17.26 -16.45
N ILE A 332 -10.92 -17.54 -17.72
CA ILE A 332 -11.97 -16.83 -18.44
C ILE A 332 -13.32 -17.45 -18.11
N PRO A 333 -13.56 -18.75 -18.29
CA PRO A 333 -14.85 -19.31 -17.89
C PRO A 333 -15.10 -19.26 -16.42
N LEU A 334 -14.09 -19.05 -15.61
CA LEU A 334 -14.35 -18.84 -14.19
C LEU A 334 -14.94 -17.47 -13.95
N ILE A 335 -14.59 -16.49 -14.79
CA ILE A 335 -15.14 -15.16 -14.67
C ILE A 335 -16.46 -15.05 -15.40
N ILE A 336 -16.57 -15.72 -16.56
CA ILE A 336 -17.81 -15.66 -17.30
C ILE A 336 -18.89 -16.44 -16.57
N ILE A 337 -18.61 -17.66 -16.15
CA ILE A 337 -19.61 -18.47 -15.49
C ILE A 337 -19.86 -17.98 -14.07
N GLY A 338 -18.80 -17.77 -13.32
CA GLY A 338 -18.99 -17.51 -11.91
C GLY A 338 -19.33 -16.08 -11.57
N SER A 339 -18.98 -15.14 -12.42
CA SER A 339 -19.12 -13.75 -12.07
C SER A 339 -20.12 -13.00 -12.91
N PHE A 340 -20.24 -13.34 -14.19
CA PHE A 340 -21.22 -12.69 -15.04
C PHE A 340 -22.54 -13.46 -15.05
N PHE A 341 -22.50 -14.74 -15.40
CA PHE A 341 -23.67 -15.58 -15.37
C PHE A 341 -24.36 -15.58 -14.03
N VAL A 342 -23.62 -15.49 -12.94
CA VAL A 342 -24.26 -15.44 -11.62
C VAL A 342 -24.91 -14.08 -11.35
N LEU A 343 -24.34 -12.98 -11.85
CA LEU A 343 -25.08 -11.72 -11.83
C LEU A 343 -26.34 -11.79 -12.64
N ASN A 344 -26.32 -12.48 -13.76
CA ASN A 344 -27.53 -12.62 -14.55
C ASN A 344 -28.58 -13.40 -13.78
N LEU A 345 -28.18 -14.50 -13.14
CA LEU A 345 -29.13 -15.26 -12.35
C LEU A 345 -29.68 -14.44 -11.22
N VAL A 346 -28.84 -13.68 -10.53
CA VAL A 346 -29.30 -12.93 -9.37
C VAL A 346 -30.22 -11.80 -9.78
N LEU A 347 -29.89 -11.09 -10.85
CA LEU A 347 -30.79 -10.07 -11.35
C LEU A 347 -32.12 -10.69 -11.77
N GLY A 348 -32.09 -11.83 -12.44
CA GLY A 348 -33.33 -12.45 -12.87
C GLY A 348 -34.18 -12.89 -11.72
N VAL A 349 -33.57 -13.54 -10.74
CA VAL A 349 -34.32 -14.02 -9.59
C VAL A 349 -34.89 -12.86 -8.79
N LEU A 350 -34.10 -11.82 -8.55
CA LEU A 350 -34.64 -10.68 -7.83
C LEU A 350 -35.74 -9.99 -8.60
N SER A 351 -35.62 -9.87 -9.91
CA SER A 351 -36.65 -9.16 -10.65
C SER A 351 -37.93 -9.96 -10.68
N GLY A 352 -37.84 -11.28 -10.77
CA GLY A 352 -39.03 -12.08 -10.59
C GLY A 352 -39.66 -11.90 -9.23
N GLU A 353 -38.83 -11.85 -8.19
CA GLU A 353 -39.36 -11.66 -6.84
C GLU A 353 -40.00 -10.29 -6.68
N PHE A 354 -39.45 -9.28 -7.32
CA PHE A 354 -40.04 -7.95 -7.24
C PHE A 354 -41.33 -7.87 -8.02
N ALA A 355 -41.44 -8.57 -9.14
CA ALA A 355 -42.72 -8.62 -9.83
C ALA A 355 -43.76 -9.33 -9.01
N LYS A 356 -43.38 -10.43 -8.35
CA LYS A 356 -44.33 -11.19 -7.55
C LYS A 356 -44.67 -10.50 -6.25
N GLU A 357 -43.83 -9.59 -5.79
CA GLU A 357 -44.10 -8.94 -4.51
C GLU A 357 -44.82 -7.61 -4.65
N ARG A 358 -44.79 -7.02 -5.84
CA ARG A 358 -45.54 -5.79 -6.02
C ARG A 358 -47.03 -6.03 -6.07
N GLU A 359 -47.45 -7.28 -6.26
CA GLU A 359 -48.85 -7.62 -6.46
C GLU A 359 -49.51 -8.23 -5.24
N ARG A 360 -48.78 -8.38 -4.14
CA ARG A 360 -49.45 -8.79 -2.92
C ARG A 360 -50.47 -7.76 -2.52
N VAL A 361 -51.51 -8.22 -1.83
CA VAL A 361 -52.65 -7.35 -1.51
C VAL A 361 -52.20 -6.15 -0.72
N GLU A 362 -51.32 -6.34 0.25
CA GLU A 362 -50.91 -5.25 1.10
C GLU A 362 -50.06 -4.24 0.34
N ASN A 363 -49.61 -4.58 -0.86
CA ASN A 363 -48.85 -3.67 -1.70
C ASN A 363 -49.68 -3.01 -2.78
N ARG A 364 -50.58 -3.75 -3.43
CA ARG A 364 -51.56 -3.09 -4.29
C ARG A 364 -52.35 -2.06 -3.50
N ARG A 365 -52.66 -2.35 -2.25
CA ARG A 365 -53.41 -1.42 -1.44
C ARG A 365 -52.66 -0.10 -1.28
N ALA A 366 -51.41 -0.18 -0.85
CA ALA A 366 -50.61 1.02 -0.62
C ALA A 366 -50.21 1.70 -1.91
N PHE A 367 -50.36 1.04 -3.04
CA PHE A 367 -50.18 1.76 -4.29
C PHE A 367 -51.43 2.48 -4.73
N MET A 368 -52.59 1.84 -4.60
CA MET A 368 -53.83 2.54 -4.93
C MET A 368 -54.00 3.76 -4.07
N LYS A 369 -53.56 3.70 -2.81
CA LYS A 369 -53.57 4.88 -1.97
C LYS A 369 -52.71 6.00 -2.53
N LEU A 370 -51.70 5.69 -3.33
CA LEU A 370 -50.89 6.72 -3.96
C LEU A 370 -51.53 7.22 -5.23
N ARG A 371 -52.11 6.32 -6.00
CA ARG A 371 -52.72 6.71 -7.26
C ARG A 371 -53.95 7.57 -7.04
N ARG A 372 -54.74 7.26 -6.02
CA ARG A 372 -55.88 8.11 -5.69
C ARG A 372 -55.43 9.50 -5.29
N GLN A 373 -54.36 9.61 -4.53
CA GLN A 373 -53.97 10.94 -4.09
C GLN A 373 -53.36 11.72 -5.23
N GLN A 374 -52.74 11.03 -6.18
CA GLN A 374 -52.32 11.70 -7.40
C GLN A 374 -53.53 12.22 -8.18
N GLN A 375 -54.60 11.43 -8.25
CA GLN A 375 -55.82 11.90 -8.90
C GLN A 375 -56.34 13.15 -8.21
N ILE A 376 -56.37 13.14 -6.88
CA ILE A 376 -56.84 14.31 -6.16
C ILE A 376 -56.04 15.53 -6.56
N GLU A 377 -54.72 15.43 -6.51
CA GLU A 377 -53.91 16.62 -6.80
C GLU A 377 -54.04 17.03 -8.26
N ARG A 378 -54.12 16.05 -9.16
CA ARG A 378 -54.21 16.37 -10.58
C ARG A 378 -55.46 17.16 -10.90
N GLU A 379 -56.60 16.76 -10.33
CA GLU A 379 -57.79 17.57 -10.56
C GLU A 379 -57.79 18.84 -9.74
N LEU A 380 -57.15 18.82 -8.57
CA LEU A 380 -57.14 19.97 -7.70
C LEU A 380 -56.38 21.13 -8.30
N ASN A 381 -55.26 20.84 -8.97
CA ASN A 381 -54.52 21.91 -9.59
C ASN A 381 -55.30 22.53 -10.74
N GLY A 382 -55.96 21.69 -11.53
CA GLY A 382 -56.83 22.22 -12.57
C GLY A 382 -57.88 23.14 -12.00
N TYR A 383 -58.49 22.75 -10.88
CA TYR A 383 -59.47 23.61 -10.23
C TYR A 383 -58.83 24.89 -9.71
N ARG A 384 -57.64 24.78 -9.14
CA ARG A 384 -56.94 25.97 -8.66
C ARG A 384 -56.55 26.88 -9.81
N ALA A 385 -56.60 26.41 -11.05
CA ALA A 385 -56.49 27.31 -12.18
C ALA A 385 -57.73 28.19 -12.33
N TRP A 386 -58.88 27.76 -11.82
CA TRP A 386 -60.08 28.57 -11.91
C TRP A 386 -60.02 29.81 -11.02
N ILE A 387 -59.04 29.91 -10.13
CA ILE A 387 -58.88 31.15 -9.40
C ILE A 387 -58.17 32.11 -10.35
N ASP A 388 -58.96 32.83 -11.13
CA ASP A 388 -58.50 33.75 -12.15
C ASP A 388 -59.08 35.12 -11.87
N LYS A 389 -59.17 35.48 -10.60
CA LYS A 389 -59.73 36.76 -10.20
C LYS A 389 -58.97 37.90 -10.84
N ALA A 390 -59.71 38.88 -11.37
CA ALA A 390 -59.12 40.08 -11.93
C ALA A 390 -59.53 41.31 -11.14
N HIS A 460 -52.49 51.99 0.19
CA HIS A 460 -52.81 52.19 -1.23
C HIS A 460 -52.09 51.17 -2.10
N LYS A 461 -50.87 50.78 -1.67
CA LYS A 461 -50.07 49.84 -2.43
C LYS A 461 -50.38 48.38 -2.10
N GLU A 462 -51.30 48.11 -1.18
CA GLU A 462 -51.61 46.73 -0.84
C GLU A 462 -52.22 45.97 -2.01
N ARG A 463 -52.72 46.68 -3.03
CA ARG A 463 -53.32 46.04 -4.19
C ARG A 463 -52.92 46.73 -5.49
N LEU A 464 -52.17 47.84 -5.42
CA LEU A 464 -51.83 48.63 -6.60
C LEU A 464 -50.58 48.12 -7.34
N LEU A 465 -49.54 47.74 -6.61
CA LEU A 465 -48.39 47.10 -7.22
C LEU A 465 -48.39 45.58 -7.04
N ARG A 466 -48.87 45.09 -5.91
CA ARG A 466 -48.90 43.67 -5.64
C ARG A 466 -49.92 42.94 -6.49
N ILE A 467 -50.47 43.60 -7.49
CA ILE A 467 -51.27 42.95 -8.52
C ILE A 467 -50.45 42.69 -9.77
N SER A 468 -49.51 43.59 -10.08
CA SER A 468 -48.66 43.41 -11.24
C SER A 468 -47.47 42.52 -10.94
N ILE A 469 -47.00 42.50 -9.68
CA ILE A 469 -45.93 41.58 -9.33
C ILE A 469 -46.34 40.16 -9.63
N ARG A 470 -47.36 39.66 -8.92
CA ARG A 470 -47.78 38.27 -9.09
C ARG A 470 -48.21 37.97 -10.52
N HIS A 471 -48.55 38.99 -11.30
CA HIS A 471 -48.76 38.79 -12.73
C HIS A 471 -47.45 38.46 -13.43
N MET A 472 -46.48 39.39 -13.37
CA MET A 472 -45.25 39.21 -14.13
C MET A 472 -44.46 38.01 -13.62
N VAL A 473 -44.41 37.83 -12.31
CA VAL A 473 -43.47 36.94 -11.64
C VAL A 473 -43.99 35.53 -11.80
N LYS A 474 -45.02 35.34 -12.62
CA LYS A 474 -45.44 34.01 -13.04
C LYS A 474 -45.64 33.94 -14.54
N SER A 475 -45.24 34.97 -15.29
CA SER A 475 -45.36 34.95 -16.73
C SER A 475 -44.32 34.00 -17.34
N GLN A 476 -44.63 33.50 -18.53
CA GLN A 476 -43.73 32.57 -19.20
C GLN A 476 -42.42 33.21 -19.65
N VAL A 477 -42.32 34.53 -19.61
CA VAL A 477 -41.02 35.13 -19.89
C VAL A 477 -40.19 35.22 -18.61
N PHE A 478 -40.83 35.26 -17.44
CA PHE A 478 -40.07 35.30 -16.21
C PHE A 478 -39.41 33.96 -15.91
N TYR A 479 -40.15 32.85 -16.08
CA TYR A 479 -39.53 31.56 -15.86
C TYR A 479 -38.31 31.42 -16.75
N TRP A 480 -38.41 31.89 -17.99
CA TRP A 480 -37.29 31.75 -18.91
C TRP A 480 -36.15 32.70 -18.61
N ILE A 481 -36.43 33.89 -18.09
CA ILE A 481 -35.33 34.73 -17.64
C ILE A 481 -34.58 34.07 -16.50
N VAL A 482 -35.30 33.57 -15.50
CA VAL A 482 -34.64 32.92 -14.38
C VAL A 482 -33.88 31.68 -14.84
N LEU A 483 -34.47 30.90 -15.73
CA LEU A 483 -33.81 29.68 -16.19
C LEU A 483 -32.73 29.92 -17.22
N SER A 484 -32.63 31.11 -17.81
CA SER A 484 -31.50 31.40 -18.65
C SER A 484 -30.45 32.19 -17.92
N LEU A 485 -30.73 32.60 -16.70
CA LEU A 485 -29.71 33.21 -15.87
C LEU A 485 -29.09 32.25 -14.87
N VAL A 486 -29.83 31.25 -14.41
CA VAL A 486 -29.21 30.16 -13.65
C VAL A 486 -28.28 29.34 -14.53
N ALA A 487 -28.57 29.22 -15.83
CA ALA A 487 -27.66 28.56 -16.75
C ALA A 487 -26.40 29.36 -17.03
N LEU A 488 -26.40 30.66 -16.77
CA LEU A 488 -25.16 31.43 -16.73
C LEU A 488 -24.44 31.26 -15.41
N ASN A 489 -25.19 31.17 -14.32
CA ASN A 489 -24.56 30.94 -13.04
C ASN A 489 -23.78 29.64 -13.02
N THR A 490 -24.35 28.58 -13.57
CA THR A 490 -23.68 27.29 -13.56
C THR A 490 -22.69 27.11 -14.71
N ALA A 491 -22.53 28.12 -15.56
CA ALA A 491 -21.39 28.16 -16.44
C ALA A 491 -20.28 29.04 -15.90
N CYS A 492 -20.62 30.03 -15.08
CA CYS A 492 -19.60 30.76 -14.35
C CYS A 492 -18.92 29.88 -13.33
N VAL A 493 -19.68 29.19 -12.49
CA VAL A 493 -18.98 28.25 -11.62
C VAL A 493 -18.98 26.89 -12.28
N ALA A 494 -18.29 26.80 -13.38
CA ALA A 494 -17.80 25.54 -13.92
C ALA A 494 -16.53 25.75 -14.70
N ILE A 495 -16.06 26.99 -14.83
CA ILE A 495 -14.83 27.32 -15.51
C ILE A 495 -13.71 27.57 -14.55
N VAL A 496 -13.98 27.57 -13.25
CA VAL A 496 -12.90 27.69 -12.30
C VAL A 496 -12.03 26.46 -12.45
N HIS A 497 -10.73 26.65 -12.41
CA HIS A 497 -9.78 25.56 -12.45
C HIS A 497 -8.61 25.95 -11.58
N HIS A 498 -7.55 25.17 -11.63
CA HIS A 498 -6.35 25.56 -10.92
C HIS A 498 -5.53 26.49 -11.80
N ASN A 499 -5.03 27.56 -11.19
CA ASN A 499 -4.24 28.55 -11.90
C ASN A 499 -5.07 29.26 -12.94
N GLN A 500 -6.32 29.50 -12.62
CA GLN A 500 -7.12 30.32 -13.50
C GLN A 500 -6.55 31.73 -13.52
N PRO A 501 -6.56 32.38 -14.68
CA PRO A 501 -5.92 33.68 -14.78
C PRO A 501 -6.50 34.66 -13.78
N GLN A 502 -5.62 35.50 -13.23
CA GLN A 502 -5.97 36.34 -12.11
C GLN A 502 -7.14 37.27 -12.39
N TRP A 503 -7.43 37.58 -13.65
CA TRP A 503 -8.64 38.35 -13.90
C TRP A 503 -9.90 37.53 -13.65
N LEU A 504 -9.87 36.23 -13.96
CA LEU A 504 -11.04 35.39 -13.70
C LEU A 504 -11.35 35.29 -12.23
N THR A 505 -10.34 35.17 -11.38
CA THR A 505 -10.63 35.04 -9.97
C THR A 505 -11.47 36.22 -9.50
N HIS A 506 -11.11 37.42 -9.91
CA HIS A 506 -11.84 38.60 -9.47
C HIS A 506 -13.18 38.73 -10.19
N LEU A 507 -13.23 38.45 -11.49
CA LEU A 507 -14.49 38.52 -12.21
C LEU A 507 -15.51 37.58 -11.60
N LEU A 508 -15.14 36.32 -11.43
CA LEU A 508 -16.03 35.37 -10.78
C LEU A 508 -16.28 35.74 -9.33
N TYR A 509 -15.35 36.42 -8.66
CA TYR A 509 -15.60 36.86 -7.30
C TYR A 509 -16.76 37.82 -7.26
N TYR A 510 -16.77 38.78 -8.17
CA TYR A 510 -17.93 39.66 -8.26
C TYR A 510 -19.17 38.88 -8.70
N ALA A 511 -18.98 37.87 -9.54
CA ALA A 511 -20.11 37.13 -10.08
C ALA A 511 -20.88 36.39 -9.00
N GLU A 512 -20.20 35.78 -8.03
CA GLU A 512 -20.98 35.07 -7.00
C GLU A 512 -21.91 36.05 -6.32
N PHE A 513 -21.41 37.23 -5.93
CA PHE A 513 -22.25 38.19 -5.25
C PHE A 513 -23.35 38.69 -6.15
N LEU A 514 -23.04 38.97 -7.42
CA LEU A 514 -24.05 39.48 -8.32
C LEU A 514 -25.20 38.50 -8.47
N PHE A 515 -24.88 37.24 -8.79
CA PHE A 515 -25.93 36.26 -8.98
C PHE A 515 -26.65 35.96 -7.68
N LEU A 516 -25.94 35.90 -6.56
CA LEU A 516 -26.60 35.64 -5.29
C LEU A 516 -27.58 36.74 -4.96
N GLY A 517 -27.17 38.00 -5.13
CA GLY A 517 -28.07 39.10 -4.85
C GLY A 517 -29.25 39.10 -5.81
N LEU A 518 -29.00 38.77 -7.07
CA LEU A 518 -30.08 38.75 -8.05
C LEU A 518 -31.10 37.68 -7.69
N PHE A 519 -30.65 36.53 -7.21
CA PHE A 519 -31.59 35.50 -6.79
C PHE A 519 -32.27 35.87 -5.48
N LEU A 520 -31.60 36.59 -4.59
CA LEU A 520 -32.28 37.18 -3.45
C LEU A 520 -33.44 38.06 -3.90
N LEU A 521 -33.19 38.92 -4.87
CA LEU A 521 -34.24 39.83 -5.33
C LEU A 521 -35.38 39.06 -5.97
N GLU A 522 -35.09 38.19 -6.93
CA GLU A 522 -36.16 37.43 -7.57
C GLU A 522 -36.65 36.27 -6.74
N MET A 523 -36.19 36.14 -5.50
CA MET A 523 -36.87 35.28 -4.53
C MET A 523 -37.82 36.09 -3.65
N SER A 524 -37.37 37.25 -3.18
CA SER A 524 -38.24 38.08 -2.36
C SER A 524 -39.43 38.56 -3.15
N LEU A 525 -39.23 38.91 -4.42
CA LEU A 525 -40.33 39.30 -5.29
C LEU A 525 -41.41 38.24 -5.37
N LYS A 526 -41.06 36.99 -5.10
CA LYS A 526 -42.04 35.94 -4.88
C LYS A 526 -42.53 35.88 -3.45
N MET A 527 -41.77 36.40 -2.49
CA MET A 527 -42.18 36.32 -1.09
C MET A 527 -42.81 37.61 -0.61
N TYR A 528 -42.14 38.73 -0.74
CA TYR A 528 -42.79 40.00 -0.42
C TYR A 528 -43.74 40.45 -1.52
N GLY A 529 -43.70 39.83 -2.69
CA GLY A 529 -44.53 40.28 -3.78
C GLY A 529 -45.67 39.34 -4.09
N MET A 530 -45.66 38.18 -3.44
CA MET A 530 -46.78 37.24 -3.57
C MET A 530 -47.22 36.65 -2.25
N GLY A 531 -46.39 36.64 -1.21
CA GLY A 531 -46.86 36.32 0.11
C GLY A 531 -46.13 35.17 0.78
N PRO A 532 -45.44 35.48 1.88
CA PRO A 532 -44.70 34.43 2.60
C PRO A 532 -45.56 33.28 3.05
N ARG A 533 -46.81 33.54 3.46
CA ARG A 533 -47.66 32.45 3.93
C ARG A 533 -47.84 31.39 2.86
N LEU A 534 -48.27 31.80 1.67
CA LEU A 534 -48.38 30.88 0.55
C LEU A 534 -47.15 31.06 -0.33
N TYR A 535 -46.02 30.65 0.21
CA TYR A 535 -44.78 30.66 -0.54
C TYR A 535 -44.13 29.30 -0.58
N PHE A 536 -44.24 28.51 0.48
CA PHE A 536 -43.58 27.22 0.55
C PHE A 536 -44.43 26.12 -0.06
N HIS A 537 -45.31 26.46 -0.99
CA HIS A 537 -46.26 25.52 -1.54
C HIS A 537 -45.82 24.90 -2.86
N SER A 538 -44.64 25.26 -3.36
CA SER A 538 -44.07 24.62 -4.54
C SER A 538 -42.72 24.03 -4.17
N SER A 539 -42.49 22.78 -4.58
CA SER A 539 -41.33 22.04 -4.09
C SER A 539 -40.03 22.76 -4.45
N PHE A 540 -39.83 23.06 -5.74
CA PHE A 540 -38.63 23.81 -6.07
C PHE A 540 -38.65 25.23 -5.55
N ASN A 541 -39.79 25.76 -5.11
CA ASN A 541 -39.74 27.06 -4.46
C ASN A 541 -39.12 26.95 -3.08
N CYS A 542 -39.51 25.93 -2.31
CA CYS A 542 -38.80 25.62 -1.07
C CYS A 542 -37.34 25.35 -1.34
N PHE A 543 -37.05 24.62 -2.43
CA PHE A 543 -35.68 24.28 -2.74
C PHE A 543 -34.85 25.52 -3.05
N ASP A 544 -35.41 26.45 -3.81
CA ASP A 544 -34.67 27.66 -4.14
C ASP A 544 -34.44 28.52 -2.91
N PHE A 545 -35.43 28.57 -2.01
CA PHE A 545 -35.17 29.28 -0.76
C PHE A 545 -34.03 28.62 0.01
N GLY A 546 -34.03 27.29 0.07
CA GLY A 546 -32.95 26.58 0.74
C GLY A 546 -31.59 26.82 0.12
N VAL A 547 -31.50 26.79 -1.20
CA VAL A 547 -30.24 27.05 -1.87
C VAL A 547 -29.80 28.50 -1.66
N THR A 548 -30.73 29.44 -1.61
CA THR A 548 -30.36 30.83 -1.36
C THR A 548 -29.78 31.00 0.03
N VAL A 549 -30.42 30.43 1.04
CA VAL A 549 -29.88 30.56 2.39
C VAL A 549 -28.54 29.85 2.48
N GLY A 550 -28.40 28.71 1.80
CA GLY A 550 -27.12 28.03 1.80
C GLY A 550 -26.01 28.83 1.16
N SER A 551 -26.33 29.55 0.10
CA SER A 551 -25.31 30.39 -0.53
C SER A 551 -24.92 31.56 0.36
N ILE A 552 -25.89 32.10 1.13
CA ILE A 552 -25.53 33.14 2.11
C ILE A 552 -24.61 32.57 3.18
N PHE A 553 -24.93 31.38 3.67
CA PHE A 553 -24.04 30.62 4.55
C PHE A 553 -22.64 30.49 3.97
N GLU A 554 -22.55 30.10 2.70
CA GLU A 554 -21.25 29.88 2.08
C GLU A 554 -20.48 31.19 1.98
N VAL A 555 -21.15 32.29 1.66
CA VAL A 555 -20.47 33.58 1.59
C VAL A 555 -19.88 33.95 2.95
N VAL A 556 -20.70 33.85 3.99
CA VAL A 556 -20.22 34.21 5.34
C VAL A 556 -19.06 33.31 5.74
N TRP A 557 -19.23 32.00 5.57
CA TRP A 557 -18.21 31.06 6.03
C TRP A 557 -16.93 31.17 5.23
N ALA A 558 -17.00 31.60 3.97
CA ALA A 558 -15.78 31.91 3.24
C ALA A 558 -15.14 33.16 3.80
N ILE A 559 -15.94 34.13 4.23
CA ILE A 559 -15.39 35.35 4.81
C ILE A 559 -14.62 35.04 6.10
N PHE A 560 -15.21 34.21 6.96
CA PHE A 560 -14.62 33.96 8.28
C PHE A 560 -13.79 32.68 8.35
N ARG A 561 -13.49 32.03 7.22
CA ARG A 561 -12.55 30.91 7.20
C ARG A 561 -12.10 30.66 5.77
N PRO A 562 -11.25 31.54 5.24
CA PRO A 562 -10.82 31.40 3.85
C PRO A 562 -10.10 30.07 3.66
N GLY A 563 -10.30 29.47 2.50
CA GLY A 563 -9.83 28.11 2.30
C GLY A 563 -10.93 27.24 1.75
N THR A 564 -11.35 26.25 2.54
CA THR A 564 -12.38 25.31 2.08
C THR A 564 -13.67 26.05 1.75
N SER A 565 -14.13 25.87 0.52
CA SER A 565 -15.21 26.68 -0.04
C SER A 565 -16.19 25.82 -0.82
N PHE A 566 -16.69 24.76 -0.19
CA PHE A 566 -17.40 23.72 -0.93
C PHE A 566 -18.60 24.23 -1.72
N GLY A 567 -18.92 25.52 -1.61
CA GLY A 567 -19.65 26.22 -2.64
C GLY A 567 -20.96 25.60 -3.10
N ILE A 568 -21.96 25.61 -2.23
CA ILE A 568 -23.29 25.08 -2.57
C ILE A 568 -24.06 26.23 -3.19
N SER A 569 -23.72 26.52 -4.44
CA SER A 569 -24.47 27.41 -5.29
C SER A 569 -24.60 26.83 -6.68
N VAL A 570 -23.82 25.80 -7.00
CA VAL A 570 -24.06 25.02 -8.19
C VAL A 570 -25.34 24.22 -8.06
N LEU A 571 -25.87 24.08 -6.85
CA LEU A 571 -27.10 23.33 -6.71
C LEU A 571 -28.23 23.96 -7.51
N ARG A 572 -28.13 25.24 -7.86
CA ARG A 572 -29.15 25.86 -8.68
C ARG A 572 -29.24 25.23 -10.05
N ALA A 573 -28.22 24.50 -10.49
CA ALA A 573 -28.34 23.79 -11.75
C ALA A 573 -29.46 22.78 -11.71
N LEU A 574 -29.86 22.34 -10.52
CA LEU A 574 -31.00 21.43 -10.43
C LEU A 574 -32.25 22.03 -11.05
N ARG A 575 -32.37 23.36 -11.02
CA ARG A 575 -33.52 23.99 -11.64
C ARG A 575 -33.59 23.76 -13.12
N LEU A 576 -32.47 23.42 -13.76
CA LEU A 576 -32.53 23.11 -15.17
C LEU A 576 -33.41 21.92 -15.44
N LEU A 577 -33.65 21.06 -14.45
CA LEU A 577 -34.56 19.95 -14.66
C LEU A 577 -35.98 20.43 -14.94
N ARG A 578 -36.32 21.64 -14.47
CA ARG A 578 -37.62 22.21 -14.80
C ARG A 578 -37.81 22.37 -16.29
N ILE A 579 -36.72 22.40 -17.07
CA ILE A 579 -36.85 22.51 -18.51
C ILE A 579 -37.65 21.35 -19.05
N PHE A 580 -37.60 20.20 -18.38
CA PHE A 580 -38.36 19.04 -18.87
C PHE A 580 -39.85 19.33 -18.94
N LYS A 581 -40.33 20.33 -18.21
CA LYS A 581 -41.76 20.65 -18.24
C LYS A 581 -42.24 20.95 -19.64
N ILE A 582 -41.34 21.40 -20.52
CA ILE A 582 -41.77 21.78 -21.85
C ILE A 582 -41.79 20.61 -22.81
N THR A 583 -41.35 19.44 -22.39
CA THR A 583 -41.33 18.26 -23.23
C THR A 583 -42.48 17.34 -22.87
N LYS A 584 -42.51 16.16 -23.48
CA LYS A 584 -43.49 15.16 -23.12
C LYS A 584 -43.00 14.20 -22.08
N TYR A 585 -41.76 14.33 -21.66
CA TYR A 585 -41.14 13.45 -20.68
C TYR A 585 -41.36 13.95 -19.29
N TRP A 586 -42.18 14.98 -19.11
CA TRP A 586 -42.38 15.51 -17.78
C TRP A 586 -43.10 14.53 -16.89
N ALA A 587 -44.11 13.84 -17.42
CA ALA A 587 -44.87 12.94 -16.56
C ALA A 587 -44.01 11.81 -16.06
N SER A 588 -43.18 11.24 -16.94
CA SER A 588 -42.38 10.08 -16.56
C SER A 588 -41.45 10.40 -15.40
N LEU A 589 -41.06 11.66 -15.24
CA LEU A 589 -40.11 12.08 -14.24
C LEU A 589 -40.77 12.68 -13.01
N ARG A 590 -41.83 13.48 -13.18
CA ARG A 590 -42.57 13.92 -12.02
C ARG A 590 -43.19 12.76 -11.29
N ASN A 591 -43.62 11.72 -12.01
CA ASN A 591 -44.15 10.56 -11.34
C ASN A 591 -43.07 9.82 -10.58
N LEU A 592 -41.86 9.78 -11.13
CA LEU A 592 -40.77 9.13 -10.40
C LEU A 592 -40.48 9.88 -9.11
N VAL A 593 -40.43 11.20 -9.19
CA VAL A 593 -40.14 11.99 -7.99
C VAL A 593 -41.28 11.91 -6.99
N VAL A 594 -42.51 11.81 -7.47
CA VAL A 594 -43.65 11.62 -6.56
C VAL A 594 -43.56 10.27 -5.87
N SER A 595 -43.20 9.23 -6.61
CA SER A 595 -43.12 7.91 -6.02
C SER A 595 -41.92 7.77 -5.10
N LEU A 596 -40.88 8.56 -5.32
CA LEU A 596 -39.77 8.59 -4.39
C LEU A 596 -40.13 9.36 -3.13
N MET A 597 -40.76 10.52 -3.28
CA MET A 597 -41.07 11.33 -2.12
C MET A 597 -42.15 10.69 -1.27
N SER A 598 -43.03 9.88 -1.84
CA SER A 598 -43.98 9.18 -1.00
C SER A 598 -43.28 8.12 -0.17
N SER A 599 -42.48 7.29 -0.82
CA SER A 599 -41.75 6.22 -0.14
C SER A 599 -40.37 6.75 0.26
N MET A 600 -40.37 7.53 1.32
CA MET A 600 -39.17 8.12 1.86
C MET A 600 -38.93 7.73 3.29
N LYS A 601 -39.99 7.48 4.06
CA LYS A 601 -39.82 6.89 5.37
C LYS A 601 -39.37 5.45 5.28
N SER A 602 -39.48 4.84 4.10
CA SER A 602 -39.04 3.48 3.92
C SER A 602 -37.76 3.36 3.11
N ILE A 603 -37.30 4.45 2.50
CA ILE A 603 -35.95 4.49 1.96
C ILE A 603 -34.96 4.92 3.03
N ILE A 604 -35.33 5.90 3.85
CA ILE A 604 -34.46 6.30 4.96
C ILE A 604 -34.35 5.20 5.99
N SER A 605 -35.46 4.58 6.36
CA SER A 605 -35.37 3.53 7.35
C SER A 605 -34.69 2.31 6.81
N LEU A 606 -34.21 2.36 5.58
CA LEU A 606 -33.54 1.25 4.94
C LEU A 606 -32.07 1.54 4.68
N LEU A 607 -31.75 2.75 4.24
CA LEU A 607 -30.38 3.22 4.37
C LEU A 607 -29.92 3.18 5.81
N PHE A 608 -30.81 3.42 6.77
CA PHE A 608 -30.39 3.35 8.16
C PHE A 608 -30.05 1.94 8.58
N LEU A 609 -30.71 0.93 8.04
CA LEU A 609 -30.32 -0.43 8.35
C LEU A 609 -29.03 -0.82 7.65
N LEU A 610 -28.82 -0.34 6.43
CA LEU A 610 -27.50 -0.53 5.86
C LEU A 610 -26.43 0.10 6.73
N PHE A 611 -26.67 1.29 7.25
CA PHE A 611 -25.72 1.92 8.14
C PHE A 611 -25.54 1.17 9.45
N LEU A 612 -26.59 0.60 10.04
CA LEU A 612 -26.40 -0.17 11.26
C LEU A 612 -25.57 -1.41 11.00
N PHE A 613 -25.77 -2.08 9.88
CA PHE A 613 -24.97 -3.27 9.66
C PHE A 613 -23.54 -2.92 9.28
N ILE A 614 -23.32 -1.79 8.62
CA ILE A 614 -21.95 -1.31 8.43
C ILE A 614 -21.32 -0.99 9.78
N VAL A 615 -22.06 -0.37 10.70
CA VAL A 615 -21.50 -0.05 12.00
C VAL A 615 -21.16 -1.32 12.77
N VAL A 616 -22.03 -2.31 12.73
CA VAL A 616 -21.76 -3.57 13.42
C VAL A 616 -20.51 -4.22 12.85
N PHE A 617 -20.37 -4.22 11.53
CA PHE A 617 -19.19 -4.84 10.93
C PHE A 617 -17.94 -4.01 11.15
N ALA A 618 -18.09 -2.69 11.28
CA ALA A 618 -16.95 -1.85 11.61
C ALA A 618 -16.47 -2.12 13.02
N LEU A 619 -17.38 -2.26 13.96
CA LEU A 619 -16.98 -2.56 15.32
C LEU A 619 -16.41 -3.96 15.43
N LEU A 620 -16.96 -4.91 14.70
CA LEU A 620 -16.38 -6.25 14.71
C LEU A 620 -14.99 -6.25 14.13
N GLY A 621 -14.77 -5.52 13.03
CA GLY A 621 -13.43 -5.41 12.50
C GLY A 621 -12.48 -4.69 13.41
N MET A 622 -12.97 -3.73 14.19
CA MET A 622 -12.12 -3.12 15.21
C MET A 622 -11.72 -4.13 16.26
N GLN A 623 -12.63 -5.01 16.65
CA GLN A 623 -12.24 -6.02 17.64
C GLN A 623 -11.20 -6.95 17.06
N LEU A 624 -11.45 -7.48 15.88
CA LEU A 624 -10.54 -8.48 15.34
C LEU A 624 -9.20 -7.87 14.96
N PHE A 625 -9.20 -6.69 14.35
CA PHE A 625 -8.01 -6.17 13.69
C PHE A 625 -7.63 -4.80 14.20
N GLY A 626 -8.15 -4.39 15.35
CA GLY A 626 -7.88 -3.05 15.85
C GLY A 626 -6.47 -2.96 16.36
N GLY A 627 -5.66 -2.11 15.75
CA GLY A 627 -4.31 -1.94 16.19
C GLY A 627 -3.38 -3.06 15.80
N ARG A 628 -3.85 -4.08 15.14
CA ARG A 628 -2.98 -5.15 14.68
C ARG A 628 -2.41 -4.88 13.31
N PHE A 629 -2.71 -3.75 12.72
CA PHE A 629 -2.29 -3.42 11.37
C PHE A 629 -1.01 -2.62 11.32
N ASN A 630 -0.37 -2.37 12.46
CA ASN A 630 0.89 -1.64 12.53
C ASN A 630 2.01 -2.57 12.09
N PHE A 631 2.18 -2.72 10.78
CA PHE A 631 3.22 -3.56 10.25
C PHE A 631 4.53 -2.81 10.20
N ASN A 632 5.61 -3.55 10.02
CA ASN A 632 6.93 -2.91 9.95
C ASN A 632 7.07 -2.02 8.72
N ASP A 633 6.21 -2.20 7.73
CA ASP A 633 6.18 -1.32 6.57
C ASP A 633 5.55 0.02 6.91
N GLY A 634 4.60 0.01 7.81
CA GLY A 634 3.78 1.17 8.10
C GLY A 634 2.31 0.77 8.07
N THR A 635 1.51 1.33 8.95
CA THR A 635 0.10 0.98 8.99
C THR A 635 -0.59 1.43 7.71
N PRO A 636 -1.34 0.56 7.03
CA PRO A 636 -1.97 0.96 5.78
C PRO A 636 -3.09 1.95 6.03
N SER A 637 -3.55 2.57 4.95
CA SER A 637 -4.63 3.53 5.09
C SER A 637 -5.95 2.81 5.36
N ALA A 638 -6.06 1.56 4.94
CA ALA A 638 -7.25 0.76 5.21
C ALA A 638 -7.11 0.08 6.56
N ASN A 639 -7.22 0.89 7.60
CA ASN A 639 -7.02 0.48 8.98
C ASN A 639 -8.28 -0.11 9.54
N PHE A 640 -8.20 -0.52 10.79
CA PHE A 640 -9.36 -0.75 11.63
C PHE A 640 -9.15 -0.16 13.01
N ASP A 641 -8.21 0.78 13.16
CA ASP A 641 -7.84 1.27 14.47
C ASP A 641 -8.91 2.16 15.07
N THR A 642 -9.22 3.26 14.40
CA THR A 642 -10.25 4.18 14.86
C THR A 642 -11.54 3.95 14.10
N PHE A 643 -12.61 4.59 14.58
CA PHE A 643 -13.91 4.33 13.96
C PHE A 643 -14.05 4.93 12.57
N PRO A 644 -13.74 6.19 12.32
CA PRO A 644 -13.87 6.70 10.95
C PRO A 644 -12.99 6.00 9.96
N ALA A 645 -11.97 5.27 10.39
CA ALA A 645 -11.17 4.48 9.47
C ALA A 645 -11.57 3.02 9.43
N ALA A 646 -12.43 2.59 10.34
CA ALA A 646 -13.02 1.26 10.23
C ALA A 646 -14.26 1.31 9.36
N ILE A 647 -15.03 2.39 9.47
CA ILE A 647 -16.20 2.58 8.62
C ILE A 647 -15.80 2.62 7.17
N MET A 648 -14.71 3.30 6.86
CA MET A 648 -14.34 3.50 5.48
C MET A 648 -13.50 2.37 4.92
N THR A 649 -13.21 1.33 5.68
CA THR A 649 -12.73 0.09 5.09
C THR A 649 -13.80 -0.97 5.00
N VAL A 650 -14.75 -0.99 5.94
CA VAL A 650 -15.93 -1.80 5.69
C VAL A 650 -16.66 -1.30 4.46
N PHE A 651 -16.60 0.00 4.19
CA PHE A 651 -17.19 0.49 2.96
C PHE A 651 -16.47 -0.03 1.73
N GLN A 652 -15.14 -0.08 1.74
CA GLN A 652 -14.45 -0.69 0.61
C GLN A 652 -14.88 -2.12 0.44
N ILE A 653 -14.90 -2.88 1.52
CA ILE A 653 -15.18 -4.30 1.38
C ILE A 653 -16.59 -4.51 0.85
N LEU A 654 -17.53 -3.67 1.24
CA LEU A 654 -18.87 -3.76 0.64
C LEU A 654 -18.83 -3.43 -0.84
N THR A 655 -18.44 -2.21 -1.18
CA THR A 655 -18.29 -1.88 -2.60
C THR A 655 -17.25 -2.79 -3.24
N GLY A 656 -16.64 -3.64 -2.41
CA GLY A 656 -15.99 -4.83 -2.87
C GLY A 656 -14.77 -4.59 -3.71
N GLU A 657 -14.20 -3.41 -3.67
CA GLU A 657 -13.14 -3.10 -4.59
C GLU A 657 -11.85 -3.00 -3.79
N ASP A 658 -10.92 -3.90 -4.08
CA ASP A 658 -9.70 -4.14 -3.31
C ASP A 658 -10.00 -4.66 -1.92
N TRP A 659 -11.06 -5.44 -1.76
CA TRP A 659 -11.20 -6.20 -0.53
C TRP A 659 -10.08 -7.21 -0.42
N ASN A 660 -9.50 -7.56 -1.55
CA ASN A 660 -8.35 -8.43 -1.62
C ASN A 660 -7.26 -8.01 -0.65
N GLU A 661 -6.72 -6.82 -0.84
CA GLU A 661 -5.57 -6.36 -0.07
C GLU A 661 -5.89 -6.19 1.39
N VAL A 662 -7.09 -5.73 1.71
CA VAL A 662 -7.50 -5.64 3.10
C VAL A 662 -7.51 -7.02 3.73
N MET A 663 -7.94 -8.03 2.98
CA MET A 663 -7.93 -9.37 3.54
C MET A 663 -6.52 -9.88 3.75
N TYR A 664 -5.61 -9.53 2.85
CA TYR A 664 -4.24 -9.97 3.05
C TYR A 664 -3.65 -9.33 4.29
N ASN A 665 -3.93 -8.05 4.50
CA ASN A 665 -3.46 -7.39 5.71
C ASN A 665 -4.09 -8.01 6.94
N GLY A 666 -5.38 -8.34 6.87
CA GLY A 666 -6.04 -8.92 8.02
C GLY A 666 -5.67 -10.36 8.26
N ILE A 667 -5.04 -11.00 7.30
CA ILE A 667 -4.51 -12.34 7.52
C ILE A 667 -3.11 -12.27 8.09
N ARG A 668 -2.25 -11.45 7.52
CA ARG A 668 -0.94 -11.35 8.13
C ARG A 668 -0.97 -10.62 9.46
N SER A 669 -2.09 -9.99 9.78
CA SER A 669 -2.27 -9.39 11.08
C SER A 669 -2.40 -10.43 12.17
N GLN A 670 -3.14 -11.49 11.93
CA GLN A 670 -3.43 -12.51 12.92
C GLN A 670 -2.53 -13.72 12.80
N GLY A 671 -1.31 -13.54 12.34
CA GLY A 671 -0.49 -14.69 12.03
C GLY A 671 0.09 -14.55 10.65
N GLY A 672 -0.35 -15.41 9.74
CA GLY A 672 0.03 -15.31 8.36
C GLY A 672 -0.68 -16.44 7.67
N VAL A 673 -0.05 -17.03 6.65
CA VAL A 673 -0.62 -18.24 6.09
C VAL A 673 -0.22 -19.33 7.07
N SER A 674 -0.98 -19.39 8.14
CA SER A 674 -0.57 -19.95 9.42
C SER A 674 -1.80 -19.88 10.30
N SER A 675 -1.61 -19.76 11.60
CA SER A 675 -2.74 -19.58 12.50
C SER A 675 -3.67 -18.43 12.12
N GLY A 676 -3.31 -17.62 11.14
CA GLY A 676 -4.04 -16.40 10.87
C GLY A 676 -5.12 -16.42 9.82
N MET A 677 -5.33 -17.54 9.14
CA MET A 677 -6.24 -17.54 8.01
C MET A 677 -7.69 -17.79 8.38
N TRP A 678 -7.97 -18.07 9.64
CA TRP A 678 -9.35 -18.12 10.10
C TRP A 678 -10.07 -16.81 9.87
N SER A 679 -9.35 -15.71 9.73
CA SER A 679 -9.94 -14.40 9.51
C SER A 679 -10.06 -14.06 8.04
N ALA A 680 -9.90 -15.02 7.16
CA ALA A 680 -10.41 -14.81 5.82
C ALA A 680 -11.91 -14.97 5.77
N ILE A 681 -12.58 -14.98 6.90
CA ILE A 681 -14.02 -15.32 6.93
C ILE A 681 -14.79 -14.08 7.33
N TYR A 682 -14.12 -12.99 7.63
CA TYR A 682 -14.85 -11.75 7.92
C TYR A 682 -14.90 -11.05 6.59
N PHE A 683 -13.92 -11.28 5.77
CA PHE A 683 -13.86 -10.53 4.53
C PHE A 683 -14.59 -11.34 3.48
N ILE A 684 -15.04 -12.53 3.77
CA ILE A 684 -15.88 -13.29 2.81
C ILE A 684 -17.34 -13.06 3.14
N VAL A 685 -17.70 -13.04 4.39
CA VAL A 685 -19.11 -12.83 4.83
C VAL A 685 -19.47 -11.36 4.74
N LEU A 686 -18.64 -10.51 4.14
CA LEU A 686 -18.91 -9.04 4.11
C LEU A 686 -18.73 -8.58 2.69
N THR A 687 -18.18 -9.42 1.84
CA THR A 687 -17.98 -9.12 0.41
C THR A 687 -18.94 -10.00 -0.33
N LEU A 688 -19.67 -10.85 0.37
CA LEU A 688 -20.72 -11.63 -0.28
C LEU A 688 -21.99 -10.95 0.19
N PHE A 689 -22.35 -11.11 1.43
CA PHE A 689 -23.53 -10.44 2.00
C PHE A 689 -23.30 -8.95 2.10
N GLY A 690 -22.98 -8.32 0.99
CA GLY A 690 -22.77 -6.88 0.92
C GLY A 690 -22.82 -6.54 -0.54
N ASN A 691 -22.22 -7.34 -1.35
CA ASN A 691 -22.26 -7.15 -2.80
C ASN A 691 -23.63 -7.61 -3.24
N TYR A 692 -24.41 -8.28 -2.38
CA TYR A 692 -25.69 -8.90 -2.81
C TYR A 692 -26.83 -8.32 -2.00
N THR A 693 -26.65 -7.96 -0.77
CA THR A 693 -27.73 -7.30 -0.03
C THR A 693 -27.79 -5.83 -0.36
N LEU A 694 -26.84 -5.31 -1.09
CA LEU A 694 -26.84 -3.88 -1.42
C LEU A 694 -27.33 -3.75 -2.84
N LEU A 695 -27.52 -4.84 -3.56
CA LEU A 695 -28.13 -4.80 -4.90
C LEU A 695 -29.56 -5.27 -4.73
N ASN A 696 -29.89 -5.87 -3.63
CA ASN A 696 -31.28 -6.25 -3.38
C ASN A 696 -31.87 -5.07 -2.66
N VAL A 697 -31.07 -4.26 -1.99
CA VAL A 697 -31.73 -3.09 -1.41
C VAL A 697 -31.90 -2.01 -2.46
N PHE A 698 -30.84 -1.69 -3.18
CA PHE A 698 -30.90 -0.58 -4.11
C PHE A 698 -31.57 -0.94 -5.40
N LEU A 699 -31.87 -2.21 -5.65
CA LEU A 699 -32.70 -2.59 -6.78
C LEU A 699 -34.14 -2.70 -6.38
N ALA A 700 -34.44 -3.10 -5.16
CA ALA A 700 -35.81 -3.02 -4.68
C ALA A 700 -36.29 -1.59 -4.70
N ILE A 701 -35.49 -0.68 -4.16
CA ILE A 701 -35.87 0.73 -4.14
C ILE A 701 -36.16 1.23 -5.54
N ALA A 702 -35.26 0.95 -6.47
CA ALA A 702 -35.34 1.49 -7.81
C ALA A 702 -36.35 0.79 -8.70
N VAL A 703 -36.65 -0.48 -8.46
CA VAL A 703 -37.69 -1.15 -9.23
C VAL A 703 -39.05 -0.82 -8.68
N ASP A 704 -39.21 -0.81 -7.36
CA ASP A 704 -40.47 -0.40 -6.78
C ASP A 704 -40.82 1.00 -7.21
N ASN A 705 -40.00 1.98 -6.85
CA ASN A 705 -40.33 3.37 -7.09
C ASN A 705 -40.34 3.75 -8.54
N LEU A 706 -40.13 2.81 -9.44
CA LEU A 706 -40.11 3.10 -10.85
C LEU A 706 -41.15 2.32 -11.62
N ALA A 707 -41.50 1.12 -11.18
CA ALA A 707 -42.75 0.53 -11.61
C ALA A 707 -43.94 1.30 -11.10
N ASN A 708 -43.86 1.91 -9.92
CA ASN A 708 -44.92 2.80 -9.47
C ASN A 708 -45.06 3.98 -10.42
N ALA A 709 -43.95 4.61 -10.78
CA ALA A 709 -44.02 5.76 -11.66
C ALA A 709 -44.30 5.38 -13.10
N GLN A 710 -44.22 4.11 -13.45
CA GLN A 710 -44.69 3.67 -14.75
C GLN A 710 -46.17 3.34 -14.75
N GLU A 711 -46.70 2.84 -13.65
CA GLU A 711 -48.13 2.60 -13.58
C GLU A 711 -48.89 3.89 -13.24
N LEU A 712 -48.25 4.84 -12.56
CA LEU A 712 -48.87 6.13 -12.33
C LEU A 712 -49.04 6.90 -13.63
N THR A 713 -48.07 6.83 -14.52
CA THR A 713 -48.16 7.55 -15.77
C THR A 713 -48.90 6.77 -16.83
N LYS A 714 -49.21 5.51 -16.59
CA LYS A 714 -50.10 4.79 -17.48
C LYS A 714 -51.55 5.07 -17.15
N ASP A 715 -51.80 5.64 -15.97
CA ASP A 715 -53.14 6.05 -15.58
C ASP A 715 -53.32 7.55 -15.63
N GLU A 716 -52.48 8.25 -16.40
CA GLU A 716 -52.81 9.57 -16.89
C GLU A 716 -53.29 9.49 -18.33
N GLN A 717 -52.48 8.95 -19.23
CA GLN A 717 -52.92 8.74 -20.59
C GLN A 717 -54.12 7.80 -20.68
N GLU A 718 -54.34 6.98 -19.68
CA GLU A 718 -55.55 6.17 -19.66
C GLU A 718 -56.73 6.94 -19.10
N GLU A 719 -56.54 8.17 -18.65
CA GLU A 719 -57.66 9.01 -18.27
C GLU A 719 -57.78 10.24 -19.14
N GLU A 720 -56.77 11.09 -19.18
CA GLU A 720 -56.86 12.33 -19.94
C GLU A 720 -56.94 12.08 -21.44
N GLU A 721 -56.50 10.92 -21.90
CA GLU A 721 -56.54 10.59 -23.32
C GLU A 721 -57.52 9.46 -23.63
N ALA A 722 -58.23 8.94 -22.63
CA ALA A 722 -59.21 7.89 -22.86
C ALA A 722 -60.51 8.08 -22.11
N PHE A 723 -60.57 8.90 -21.06
CA PHE A 723 -61.83 9.16 -20.38
C PHE A 723 -62.48 10.46 -20.84
N ASN A 724 -61.80 11.58 -20.65
CA ASN A 724 -62.37 12.86 -21.06
C ASN A 724 -62.50 12.94 -22.57
N GLN A 725 -61.54 12.40 -23.31
CA GLN A 725 -61.64 12.48 -24.76
C GLN A 725 -62.75 11.60 -25.33
N LYS A 726 -63.39 10.79 -24.49
CA LYS A 726 -64.61 10.11 -24.88
C LYS A 726 -65.84 10.71 -24.22
N HIS A 727 -65.76 11.08 -22.94
CA HIS A 727 -66.89 11.62 -22.22
C HIS A 727 -66.97 13.14 -22.27
N ALA A 728 -66.10 13.80 -23.04
CA ALA A 728 -66.30 15.19 -23.41
C ALA A 728 -66.62 15.32 -24.89
N LEU A 729 -67.18 14.27 -25.48
CA LEU A 729 -67.67 14.28 -26.87
C LEU A 729 -69.13 13.86 -26.91
N ARG A 772 -53.31 -4.19 -24.45
CA ARG A 772 -51.86 -4.16 -24.62
C ARG A 772 -51.43 -2.80 -25.17
N HIS A 773 -51.28 -2.69 -26.49
CA HIS A 773 -50.88 -1.45 -27.15
C HIS A 773 -49.51 -0.97 -26.65
N HIS A 774 -48.49 -1.79 -26.94
CA HIS A 774 -47.10 -1.53 -26.62
C HIS A 774 -46.89 -1.52 -25.10
N MET A 775 -47.24 -2.66 -24.54
CA MET A 775 -47.10 -2.95 -23.13
C MET A 775 -45.93 -3.93 -22.97
N SER A 776 -44.94 -3.54 -22.18
CA SER A 776 -43.67 -4.24 -22.09
C SER A 776 -43.85 -5.63 -21.49
N VAL A 777 -42.75 -6.38 -21.41
CA VAL A 777 -42.83 -7.72 -20.84
C VAL A 777 -43.19 -7.65 -19.36
N TRP A 778 -42.57 -6.72 -18.64
CA TRP A 778 -42.86 -6.58 -17.23
C TRP A 778 -44.31 -6.18 -17.00
N GLU A 779 -44.83 -5.26 -17.81
CA GLU A 779 -46.21 -4.83 -17.62
C GLU A 779 -47.17 -5.97 -17.92
N GLN A 780 -46.96 -6.69 -19.02
CA GLN A 780 -47.80 -7.85 -19.29
C GLN A 780 -47.79 -8.80 -18.12
N ARG A 781 -46.62 -9.16 -17.63
CA ARG A 781 -46.55 -10.18 -16.60
C ARG A 781 -47.20 -9.73 -15.32
N THR A 782 -46.95 -8.48 -14.89
CA THR A 782 -47.56 -8.02 -13.65
C THR A 782 -49.06 -7.83 -13.77
N SER A 783 -49.57 -7.43 -14.92
CA SER A 783 -51.02 -7.40 -15.07
C SER A 783 -51.61 -8.79 -15.03
N GLN A 784 -50.95 -9.78 -15.66
CA GLN A 784 -51.43 -11.15 -15.60
C GLN A 784 -51.38 -11.68 -14.18
N LEU A 785 -50.39 -11.29 -13.39
CA LEU A 785 -50.35 -11.66 -11.98
C LEU A 785 -51.48 -11.01 -11.20
N ARG A 786 -51.76 -9.74 -11.48
CA ARG A 786 -52.76 -9.04 -10.69
C ARG A 786 -54.15 -9.55 -10.98
N LYS A 787 -54.39 -10.04 -12.19
CA LYS A 787 -55.61 -10.78 -12.49
C LYS A 787 -55.62 -12.15 -11.85
N HIS A 788 -54.45 -12.66 -11.47
CA HIS A 788 -54.28 -14.03 -11.01
C HIS A 788 -54.76 -15.00 -12.07
N ARG A 1144 -28.15 1.88 -65.29
CA ARG A 1144 -29.21 1.67 -64.30
C ARG A 1144 -29.92 0.38 -64.62
N ALA A 1145 -30.22 0.18 -65.90
CA ALA A 1145 -30.92 -1.00 -66.36
C ALA A 1145 -30.12 -2.25 -66.06
N CYS A 1146 -28.85 -2.26 -66.47
CA CYS A 1146 -27.96 -3.40 -66.27
C CYS A 1146 -27.71 -3.68 -64.79
N HIS A 1147 -27.29 -2.66 -64.04
CA HIS A 1147 -26.83 -2.82 -62.67
C HIS A 1147 -27.94 -3.31 -61.75
N TYR A 1148 -29.19 -3.14 -62.15
CA TYR A 1148 -30.29 -3.65 -61.33
C TYR A 1148 -30.27 -5.17 -61.28
N ILE A 1149 -29.41 -5.80 -62.07
CA ILE A 1149 -29.22 -7.24 -62.03
C ILE A 1149 -28.06 -7.48 -61.07
N VAL A 1150 -27.85 -6.52 -60.18
CA VAL A 1150 -27.01 -6.69 -59.01
C VAL A 1150 -27.53 -7.89 -58.22
N ASN A 1151 -28.85 -8.02 -58.12
CA ASN A 1151 -29.50 -9.02 -57.30
C ASN A 1151 -29.40 -10.40 -57.93
N LEU A 1152 -28.59 -11.28 -57.35
CA LEU A 1152 -28.29 -12.56 -57.99
C LEU A 1152 -28.41 -13.74 -57.03
N ARG A 1153 -28.90 -13.50 -55.81
CA ARG A 1153 -28.94 -14.48 -54.73
C ARG A 1153 -27.52 -14.81 -54.24
N TYR A 1154 -26.52 -14.28 -54.95
CA TYR A 1154 -25.12 -14.44 -54.60
C TYR A 1154 -24.40 -13.10 -54.65
N PHE A 1155 -25.09 -12.00 -54.46
CA PHE A 1155 -24.34 -10.75 -54.32
C PHE A 1155 -24.42 -10.18 -52.92
N GLU A 1156 -25.60 -10.18 -52.31
CA GLU A 1156 -25.74 -9.73 -50.94
C GLU A 1156 -25.34 -10.80 -49.95
N MET A 1157 -25.00 -12.00 -50.42
CA MET A 1157 -24.47 -13.05 -49.58
C MET A 1157 -23.01 -13.35 -49.88
N CYS A 1158 -22.51 -12.95 -51.05
CA CYS A 1158 -21.10 -13.10 -51.38
C CYS A 1158 -20.27 -11.90 -50.97
N ILE A 1159 -20.87 -10.71 -50.86
CA ILE A 1159 -20.21 -9.60 -50.21
C ILE A 1159 -20.08 -9.82 -48.71
N LEU A 1160 -21.00 -10.54 -48.08
CA LEU A 1160 -20.88 -10.84 -46.67
C LEU A 1160 -19.63 -11.67 -46.39
N LEU A 1161 -19.29 -12.61 -47.27
CA LEU A 1161 -18.03 -13.35 -47.11
C LEU A 1161 -16.83 -12.44 -47.23
N VAL A 1162 -16.87 -11.46 -48.13
CA VAL A 1162 -15.75 -10.55 -48.25
C VAL A 1162 -15.63 -9.69 -47.00
N ILE A 1163 -16.77 -9.27 -46.44
CA ILE A 1163 -16.72 -8.51 -45.20
C ILE A 1163 -16.08 -9.33 -44.11
N ALA A 1164 -16.48 -10.60 -44.00
CA ALA A 1164 -15.90 -11.47 -43.01
C ALA A 1164 -14.41 -11.70 -43.23
N ALA A 1165 -13.98 -11.87 -44.48
CA ALA A 1165 -12.56 -12.07 -44.71
C ALA A 1165 -11.76 -10.82 -44.43
N SER A 1166 -12.30 -9.65 -44.77
CA SER A 1166 -11.61 -8.40 -44.48
C SER A 1166 -11.50 -8.16 -42.99
N SER A 1167 -12.57 -8.45 -42.25
CA SER A 1167 -12.51 -8.30 -40.80
C SER A 1167 -11.44 -9.21 -40.21
N ILE A 1168 -11.39 -10.46 -40.67
CA ILE A 1168 -10.39 -11.39 -40.16
C ILE A 1168 -8.99 -10.95 -40.55
N ALA A 1169 -8.84 -10.36 -41.74
CA ALA A 1169 -7.52 -9.91 -42.16
C ALA A 1169 -7.06 -8.69 -41.39
N LEU A 1170 -7.99 -7.93 -40.82
CA LEU A 1170 -7.63 -6.87 -39.89
C LEU A 1170 -6.89 -7.44 -38.68
N ALA A 1171 -7.34 -8.58 -38.18
CA ALA A 1171 -6.81 -9.16 -36.96
C ALA A 1171 -5.36 -9.59 -37.10
N ALA A 1172 -4.89 -9.88 -38.31
CA ALA A 1172 -3.59 -10.48 -38.52
C ALA A 1172 -2.52 -9.47 -38.89
N GLU A 1173 -2.82 -8.18 -38.89
CA GLU A 1173 -1.78 -7.18 -39.03
C GLU A 1173 -0.83 -7.27 -37.85
N ASP A 1174 0.46 -7.12 -38.11
CA ASP A 1174 1.41 -6.95 -37.03
C ASP A 1174 1.44 -5.46 -36.72
N PRO A 1175 1.09 -5.03 -35.52
CA PRO A 1175 1.10 -3.60 -35.24
C PRO A 1175 2.49 -3.01 -35.25
N VAL A 1176 3.48 -3.77 -34.80
CA VAL A 1176 4.82 -3.24 -34.62
C VAL A 1176 5.67 -3.37 -35.88
N LEU A 1177 5.74 -4.54 -36.48
CA LEU A 1177 6.65 -4.78 -37.58
C LEU A 1177 6.02 -4.19 -38.83
N THR A 1178 6.27 -2.90 -39.05
CA THR A 1178 5.52 -2.16 -40.05
C THR A 1178 5.68 -2.76 -41.44
N ASN A 1179 6.89 -3.18 -41.78
CA ASN A 1179 7.20 -3.62 -43.13
C ASN A 1179 7.64 -5.08 -43.15
N SER A 1180 6.95 -5.95 -42.41
CA SER A 1180 7.26 -7.36 -42.42
C SER A 1180 6.65 -8.01 -43.66
N GLU A 1181 6.67 -9.34 -43.70
CA GLU A 1181 6.05 -10.05 -44.81
C GLU A 1181 4.53 -9.99 -44.72
N ARG A 1182 3.99 -10.26 -43.53
CA ARG A 1182 2.54 -10.31 -43.37
C ARG A 1182 1.91 -8.98 -43.73
N ASN A 1183 2.51 -7.87 -43.31
CA ASN A 1183 1.86 -6.59 -43.54
C ASN A 1183 1.85 -6.24 -45.02
N LYS A 1184 2.84 -6.71 -45.78
CA LYS A 1184 2.80 -6.50 -47.22
C LYS A 1184 1.73 -7.38 -47.87
N VAL A 1185 1.66 -8.64 -47.48
CA VAL A 1185 0.61 -9.51 -48.02
C VAL A 1185 -0.75 -8.91 -47.72
N LEU A 1186 -0.96 -8.47 -46.49
CA LEU A 1186 -2.24 -7.88 -46.14
C LEU A 1186 -2.47 -6.54 -46.81
N ARG A 1187 -1.42 -5.81 -47.18
CA ARG A 1187 -1.65 -4.62 -47.98
C ARG A 1187 -2.19 -4.99 -49.35
N TYR A 1188 -1.68 -6.06 -49.96
CA TYR A 1188 -2.25 -6.50 -51.23
C TYR A 1188 -3.69 -6.95 -51.04
N PHE A 1189 -3.98 -7.62 -49.93
CA PHE A 1189 -5.36 -7.94 -49.61
C PHE A 1189 -6.18 -6.68 -49.42
N ASP A 1190 -5.56 -5.61 -48.91
CA ASP A 1190 -6.25 -4.34 -48.75
C ASP A 1190 -6.66 -3.76 -50.09
N TYR A 1191 -5.76 -3.84 -51.07
CA TYR A 1191 -6.14 -3.47 -52.44
C TYR A 1191 -7.35 -4.27 -52.89
N VAL A 1192 -7.31 -5.58 -52.71
CA VAL A 1192 -8.40 -6.42 -53.17
C VAL A 1192 -9.71 -6.00 -52.50
N PHE A 1193 -9.67 -5.77 -51.19
CA PHE A 1193 -10.90 -5.52 -50.45
C PHE A 1193 -11.50 -4.17 -50.80
N THR A 1194 -10.68 -3.13 -50.90
CA THR A 1194 -11.24 -1.85 -51.31
C THR A 1194 -11.71 -1.89 -52.75
N GLY A 1195 -11.09 -2.73 -53.59
CA GLY A 1195 -11.61 -2.90 -54.93
C GLY A 1195 -13.01 -3.50 -54.93
N VAL A 1196 -13.21 -4.56 -54.15
CA VAL A 1196 -14.53 -5.16 -54.07
C VAL A 1196 -15.54 -4.16 -53.53
N PHE A 1197 -15.17 -3.43 -52.48
CA PHE A 1197 -16.13 -2.55 -51.84
C PHE A 1197 -16.51 -1.39 -52.74
N THR A 1198 -15.57 -0.84 -53.50
CA THR A 1198 -15.94 0.21 -54.44
C THR A 1198 -16.75 -0.33 -55.61
N PHE A 1199 -16.35 -1.48 -56.16
CA PHE A 1199 -17.12 -2.04 -57.25
C PHE A 1199 -18.53 -2.41 -56.84
N GLU A 1200 -18.82 -2.51 -55.55
CA GLU A 1200 -20.21 -2.68 -55.16
C GLU A 1200 -20.88 -1.39 -54.71
N MET A 1201 -20.13 -0.47 -54.11
CA MET A 1201 -20.72 0.81 -53.73
C MET A 1201 -21.18 1.59 -54.95
N VAL A 1202 -20.40 1.55 -56.03
CA VAL A 1202 -20.77 2.30 -57.23
C VAL A 1202 -22.07 1.77 -57.81
N ILE A 1203 -22.19 0.44 -57.96
CA ILE A 1203 -23.40 -0.08 -58.56
C ILE A 1203 -24.60 0.16 -57.65
N LYS A 1204 -24.41 0.10 -56.33
CA LYS A 1204 -25.51 0.44 -55.44
C LYS A 1204 -25.94 1.89 -55.61
N MET A 1205 -24.98 2.81 -55.69
CA MET A 1205 -25.36 4.21 -55.89
C MET A 1205 -26.00 4.44 -57.25
N ILE A 1206 -25.63 3.63 -58.25
CA ILE A 1206 -26.30 3.68 -59.54
C ILE A 1206 -27.78 3.33 -59.38
N ASP A 1207 -28.07 2.21 -58.72
CA ASP A 1207 -29.46 1.79 -58.58
C ASP A 1207 -30.22 2.58 -57.51
N GLN A 1208 -29.54 3.40 -56.72
CA GLN A 1208 -30.18 4.10 -55.60
C GLN A 1208 -30.14 5.61 -55.72
N GLY A 1209 -29.23 6.18 -56.49
CA GLY A 1209 -29.15 7.61 -56.57
C GLY A 1209 -28.47 8.21 -55.35
N LEU A 1210 -28.92 9.40 -55.00
CA LEU A 1210 -28.35 10.14 -53.90
C LEU A 1210 -29.43 10.97 -53.18
N TRP A 1222 -27.00 3.99 -42.90
CA TRP A 1222 -26.07 2.87 -42.84
C TRP A 1222 -25.15 2.87 -44.05
N ASN A 1223 -25.64 3.35 -45.18
CA ASN A 1223 -24.79 3.47 -46.35
C ASN A 1223 -23.70 4.51 -46.18
N ILE A 1224 -23.93 5.51 -45.33
CA ILE A 1224 -22.89 6.51 -45.09
C ILE A 1224 -21.65 5.85 -44.50
N LEU A 1225 -21.84 4.74 -43.79
CA LEU A 1225 -20.72 3.99 -43.25
C LEU A 1225 -19.88 3.37 -44.35
N ASP A 1226 -20.55 2.71 -45.30
CA ASP A 1226 -19.88 2.18 -46.48
C ASP A 1226 -19.13 3.28 -47.21
N PHE A 1227 -19.79 4.42 -47.40
CA PHE A 1227 -19.17 5.54 -48.09
C PHE A 1227 -17.92 6.02 -47.36
N VAL A 1228 -18.00 6.18 -46.05
CA VAL A 1228 -16.84 6.68 -45.32
C VAL A 1228 -15.69 5.72 -45.44
N VAL A 1229 -15.96 4.42 -45.29
CA VAL A 1229 -14.85 3.46 -45.34
C VAL A 1229 -14.20 3.47 -46.71
N VAL A 1230 -14.99 3.46 -47.78
CA VAL A 1230 -14.38 3.41 -49.10
C VAL A 1230 -13.65 4.70 -49.41
N VAL A 1231 -14.18 5.84 -48.99
CA VAL A 1231 -13.50 7.11 -49.24
C VAL A 1231 -12.16 7.14 -48.50
N GLY A 1232 -12.16 6.70 -47.25
CA GLY A 1232 -10.91 6.66 -46.51
C GLY A 1232 -9.89 5.74 -47.14
N ALA A 1233 -10.33 4.55 -47.57
CA ALA A 1233 -9.41 3.62 -48.21
C ALA A 1233 -8.84 4.21 -49.49
N LEU A 1234 -9.70 4.81 -50.31
CA LEU A 1234 -9.22 5.41 -51.56
C LEU A 1234 -8.24 6.53 -51.29
N VAL A 1235 -8.54 7.39 -50.32
CA VAL A 1235 -7.67 8.53 -50.04
C VAL A 1235 -6.32 8.05 -49.51
N ALA A 1236 -6.33 7.08 -48.59
CA ALA A 1236 -5.07 6.58 -48.07
C ALA A 1236 -4.24 5.95 -49.16
N PHE A 1237 -4.86 5.16 -50.02
CA PHE A 1237 -4.12 4.53 -51.11
C PHE A 1237 -3.57 5.57 -52.07
N ALA A 1238 -4.36 6.57 -52.42
CA ALA A 1238 -3.90 7.58 -53.35
C ALA A 1238 -2.71 8.34 -52.79
N LEU A 1239 -2.85 8.91 -51.59
CA LEU A 1239 -1.77 9.75 -51.10
C LEU A 1239 -0.66 8.96 -50.45
N ALA A 1240 -0.74 7.63 -50.41
CA ALA A 1240 0.45 6.86 -50.09
C ALA A 1240 1.19 6.42 -51.34
N ASN A 1241 0.45 6.02 -52.38
CA ASN A 1241 1.10 5.68 -53.63
C ASN A 1241 1.72 6.89 -54.30
N ALA A 1242 1.07 8.05 -54.22
CA ALA A 1242 1.53 9.19 -55.00
C ALA A 1242 2.92 9.65 -54.59
N LEU A 1243 3.06 10.20 -53.39
CA LEU A 1243 4.35 10.68 -52.94
C LEU A 1243 4.80 10.11 -51.60
N GLY A 1244 3.94 10.16 -50.59
CA GLY A 1244 4.32 9.73 -49.26
C GLY A 1244 5.23 10.66 -48.50
N THR A 1245 5.99 11.52 -49.17
CA THR A 1245 6.88 12.49 -48.56
C THR A 1245 6.39 13.90 -48.90
N ASN A 1246 7.21 14.90 -48.56
CA ASN A 1246 7.02 16.30 -48.95
C ASN A 1246 5.75 16.92 -48.38
N LYS A 1247 5.12 16.26 -47.41
CA LYS A 1247 4.02 16.82 -46.64
C LYS A 1247 4.31 16.55 -45.16
N GLY A 1248 4.06 17.55 -44.33
CA GLY A 1248 4.55 17.50 -42.97
C GLY A 1248 4.04 16.33 -42.16
N ARG A 1249 4.92 15.35 -41.92
CA ARG A 1249 4.68 14.27 -40.97
C ARG A 1249 3.41 13.49 -41.32
N ASP A 1250 3.34 13.03 -42.57
CA ASP A 1250 2.13 12.41 -43.10
C ASP A 1250 2.24 10.89 -43.21
N ILE A 1251 3.24 10.28 -42.57
CA ILE A 1251 3.16 8.84 -42.33
C ILE A 1251 2.01 8.55 -41.39
N LYS A 1252 1.85 9.37 -40.35
CA LYS A 1252 0.72 9.22 -39.47
C LYS A 1252 -0.59 9.43 -40.19
N THR A 1253 -0.60 10.18 -41.30
CA THR A 1253 -1.84 10.39 -42.02
C THR A 1253 -2.37 9.09 -42.62
N ILE A 1254 -1.50 8.31 -43.25
CA ILE A 1254 -1.96 7.02 -43.74
C ILE A 1254 -2.21 6.08 -42.58
N LYS A 1255 -1.36 6.14 -41.55
CA LYS A 1255 -1.58 5.26 -40.39
C LYS A 1255 -2.92 5.52 -39.73
N SER A 1256 -3.43 6.74 -39.82
CA SER A 1256 -4.66 7.11 -39.16
C SER A 1256 -5.88 6.97 -40.05
N LEU A 1257 -5.74 7.17 -41.35
CA LEU A 1257 -6.86 6.84 -42.23
C LEU A 1257 -6.97 5.36 -42.48
N ARG A 1258 -6.04 4.56 -41.97
CA ARG A 1258 -6.21 3.12 -41.98
C ARG A 1258 -6.88 2.60 -40.73
N VAL A 1259 -7.08 3.45 -39.72
CA VAL A 1259 -7.95 3.08 -38.62
C VAL A 1259 -9.40 2.99 -39.09
N LEU A 1260 -9.77 3.75 -40.12
CA LEU A 1260 -11.12 3.65 -40.65
C LEU A 1260 -11.44 2.24 -41.13
N ARG A 1261 -10.42 1.47 -41.50
CA ARG A 1261 -10.67 0.11 -41.91
C ARG A 1261 -11.39 -0.69 -40.85
N VAL A 1262 -11.22 -0.32 -39.58
CA VAL A 1262 -11.82 -1.14 -38.54
C VAL A 1262 -13.33 -1.12 -38.65
N LEU A 1263 -13.89 -0.18 -39.41
CA LEU A 1263 -15.34 -0.16 -39.54
C LEU A 1263 -15.85 -1.24 -40.46
N ARG A 1264 -14.98 -2.01 -41.09
CA ARG A 1264 -15.46 -3.06 -42.00
C ARG A 1264 -16.37 -4.07 -41.32
N PRO A 1265 -16.08 -4.59 -40.11
CA PRO A 1265 -17.06 -5.46 -39.46
C PRO A 1265 -18.42 -4.84 -39.29
N LEU A 1266 -18.47 -3.54 -38.98
CA LEU A 1266 -19.75 -2.87 -38.80
C LEU A 1266 -20.65 -2.97 -40.01
N LYS A 1267 -20.08 -3.10 -41.21
CA LYS A 1267 -20.92 -3.24 -42.39
C LYS A 1267 -21.87 -4.41 -42.31
N THR A 1268 -21.54 -5.44 -41.53
CA THR A 1268 -22.43 -6.58 -41.46
C THR A 1268 -23.77 -6.24 -40.82
N ILE A 1269 -23.82 -5.22 -39.98
CA ILE A 1269 -25.03 -4.98 -39.18
C ILE A 1269 -26.23 -4.76 -40.07
N LYS A 1270 -26.09 -3.96 -41.12
CA LYS A 1270 -27.21 -3.76 -42.02
C LYS A 1270 -27.48 -5.00 -42.88
N ARG A 1271 -26.45 -5.78 -43.21
CA ARG A 1271 -26.66 -6.95 -44.06
C ARG A 1271 -27.53 -7.99 -43.37
N LEU A 1272 -27.16 -8.37 -42.15
CA LEU A 1272 -27.84 -9.45 -41.45
C LEU A 1272 -29.12 -8.90 -40.83
N PRO A 1273 -30.30 -9.32 -41.27
CA PRO A 1273 -31.52 -8.68 -40.79
C PRO A 1273 -31.79 -8.88 -39.32
N LYS A 1274 -31.15 -9.86 -38.68
CA LYS A 1274 -31.37 -10.09 -37.26
C LYS A 1274 -30.32 -9.43 -36.38
N LEU A 1275 -29.08 -9.33 -36.85
CA LEU A 1275 -28.11 -8.49 -36.18
C LEU A 1275 -28.57 -7.04 -36.18
N LYS A 1276 -29.14 -6.59 -37.28
CA LYS A 1276 -29.72 -5.26 -37.32
C LYS A 1276 -30.84 -5.11 -36.30
N ALA A 1277 -31.67 -6.13 -36.13
CA ALA A 1277 -32.74 -6.06 -35.14
C ALA A 1277 -32.22 -6.00 -33.72
N VAL A 1278 -31.18 -6.76 -33.39
CA VAL A 1278 -30.59 -6.65 -32.06
C VAL A 1278 -29.93 -5.30 -31.85
N PHE A 1279 -29.26 -4.78 -32.87
CA PHE A 1279 -28.69 -3.44 -32.78
C PHE A 1279 -29.77 -2.39 -32.53
N ASP A 1280 -30.90 -2.53 -33.19
CA ASP A 1280 -31.98 -1.59 -32.97
C ASP A 1280 -32.60 -1.76 -31.59
N CYS A 1281 -32.64 -2.98 -31.08
CA CYS A 1281 -33.06 -3.15 -29.69
C CYS A 1281 -32.14 -2.41 -28.75
N VAL A 1282 -30.83 -2.47 -28.99
CA VAL A 1282 -29.89 -1.75 -28.14
C VAL A 1282 -30.14 -0.26 -28.24
N VAL A 1283 -30.38 0.25 -29.44
CA VAL A 1283 -30.61 1.69 -29.60
C VAL A 1283 -31.90 2.11 -28.93
N THR A 1284 -32.95 1.30 -29.01
CA THR A 1284 -34.19 1.70 -28.38
C THR A 1284 -34.10 1.60 -26.87
N SER A 1285 -33.28 0.68 -26.36
CA SER A 1285 -32.99 0.71 -24.93
C SER A 1285 -32.27 1.99 -24.56
N LEU A 1286 -31.33 2.43 -25.38
CA LEU A 1286 -30.60 3.65 -25.06
C LEU A 1286 -31.52 4.85 -25.08
N LYS A 1287 -32.48 4.88 -26.00
CA LYS A 1287 -33.45 5.98 -26.00
C LYS A 1287 -34.40 5.89 -24.82
N ASN A 1288 -34.73 4.69 -24.34
CA ASN A 1288 -35.55 4.60 -23.14
C ASN A 1288 -34.86 5.24 -21.94
N VAL A 1289 -33.61 4.86 -21.68
CA VAL A 1289 -32.83 5.49 -20.60
C VAL A 1289 -32.07 6.64 -21.26
N PHE A 1290 -32.78 7.72 -21.49
CA PHE A 1290 -32.14 8.94 -21.93
C PHE A 1290 -32.66 10.17 -21.24
N ASN A 1291 -33.85 10.14 -20.70
CA ASN A 1291 -34.29 11.19 -19.83
C ASN A 1291 -33.68 11.05 -18.45
N ILE A 1292 -33.06 9.92 -18.17
CA ILE A 1292 -32.46 9.63 -16.87
C ILE A 1292 -30.96 9.70 -17.05
N LEU A 1293 -30.49 9.41 -18.24
CA LEU A 1293 -29.08 9.64 -18.52
C LEU A 1293 -28.75 11.11 -18.41
N ILE A 1294 -29.67 12.00 -18.76
CA ILE A 1294 -29.45 13.42 -18.61
C ILE A 1294 -29.55 13.88 -17.17
N VAL A 1295 -30.47 13.33 -16.39
CA VAL A 1295 -30.46 13.64 -14.97
C VAL A 1295 -29.20 13.11 -14.31
N TYR A 1296 -28.72 11.95 -14.75
CA TYR A 1296 -27.46 11.43 -14.28
C TYR A 1296 -26.32 12.38 -14.60
N LYS A 1297 -26.25 12.84 -15.85
CA LYS A 1297 -25.18 13.75 -16.24
C LYS A 1297 -25.26 15.06 -15.48
N LEU A 1298 -26.46 15.55 -15.22
CA LEU A 1298 -26.58 16.78 -14.45
C LEU A 1298 -26.10 16.60 -13.02
N PHE A 1299 -26.50 15.52 -12.35
CA PHE A 1299 -26.04 15.31 -10.99
C PHE A 1299 -24.53 15.07 -10.95
N MET A 1300 -24.00 14.33 -11.93
CA MET A 1300 -22.56 14.11 -11.97
C MET A 1300 -21.82 15.40 -12.21
N PHE A 1301 -22.39 16.30 -12.99
CA PHE A 1301 -21.77 17.62 -13.15
C PHE A 1301 -21.78 18.38 -11.85
N ILE A 1302 -22.87 18.32 -11.09
CA ILE A 1302 -22.90 19.03 -9.82
C ILE A 1302 -21.85 18.49 -8.87
N PHE A 1303 -21.70 17.17 -8.81
CA PHE A 1303 -20.64 16.63 -7.97
C PHE A 1303 -19.27 17.03 -8.49
N ALA A 1304 -19.08 17.08 -9.80
CA ALA A 1304 -17.79 17.47 -10.33
C ALA A 1304 -17.44 18.89 -9.98
N VAL A 1305 -18.41 19.80 -10.05
CA VAL A 1305 -18.15 21.18 -9.65
C VAL A 1305 -17.81 21.25 -8.17
N ILE A 1306 -18.54 20.52 -7.34
CA ILE A 1306 -18.23 20.53 -5.91
C ILE A 1306 -16.83 19.98 -5.67
N ALA A 1307 -16.47 18.91 -6.36
CA ALA A 1307 -15.16 18.32 -6.16
C ALA A 1307 -14.06 19.24 -6.65
N VAL A 1308 -14.31 20.02 -7.69
CA VAL A 1308 -13.30 21.00 -8.08
C VAL A 1308 -13.17 22.07 -7.00
N GLN A 1309 -14.29 22.59 -6.49
CA GLN A 1309 -14.18 23.55 -5.41
C GLN A 1309 -13.45 23.00 -4.20
N LEU A 1310 -13.52 21.70 -4.01
CA LEU A 1310 -13.04 21.08 -2.79
C LEU A 1310 -11.61 20.57 -2.88
N PHE A 1311 -11.14 20.17 -4.07
CA PHE A 1311 -9.84 19.54 -4.23
C PHE A 1311 -9.01 20.17 -5.33
N LYS A 1312 -9.26 21.41 -5.67
CA LYS A 1312 -8.56 22.04 -6.80
C LYS A 1312 -7.18 22.48 -6.37
N GLY A 1313 -6.15 22.05 -7.08
CA GLY A 1313 -4.80 22.42 -6.77
C GLY A 1313 -4.25 21.77 -5.54
N LYS A 1314 -5.01 20.93 -4.89
CA LYS A 1314 -4.58 20.28 -3.68
C LYS A 1314 -4.02 18.89 -3.90
N PHE A 1315 -4.08 18.37 -5.12
CA PHE A 1315 -3.57 17.03 -5.44
C PHE A 1315 -2.16 17.09 -5.98
N PHE A 1316 -1.26 17.75 -5.26
CA PHE A 1316 0.12 17.89 -5.66
C PHE A 1316 0.99 17.26 -4.61
N TYR A 1317 2.13 16.73 -5.02
CA TYR A 1317 3.00 16.13 -4.03
C TYR A 1317 4.44 16.15 -4.54
N CYS A 1318 5.37 16.28 -3.61
CA CYS A 1318 6.77 16.23 -3.96
C CYS A 1318 7.23 14.79 -3.90
N THR A 1319 8.13 14.42 -4.80
CA THR A 1319 8.64 13.07 -4.82
C THR A 1319 9.45 12.77 -3.57
N ASP A 1320 9.98 13.80 -2.92
CA ASP A 1320 10.57 13.71 -1.60
C ASP A 1320 9.53 14.10 -0.57
N SER A 1321 9.19 13.18 0.32
CA SER A 1321 8.06 13.42 1.22
C SER A 1321 8.31 14.55 2.20
N SER A 1322 9.56 14.94 2.40
CA SER A 1322 9.84 15.97 3.40
C SER A 1322 9.49 17.35 2.89
N LYS A 1323 9.73 17.61 1.61
CA LYS A 1323 9.43 18.91 1.05
C LYS A 1323 7.97 18.95 0.65
N ASP A 1324 7.32 20.08 0.87
CA ASP A 1324 5.91 20.16 0.54
C ASP A 1324 5.58 21.50 -0.10
N THR A 1325 6.40 21.93 -1.05
CA THR A 1325 6.02 23.07 -1.87
C THR A 1325 6.90 23.05 -3.10
N GLU A 1326 6.45 23.73 -4.15
CA GLU A 1326 7.22 23.72 -5.38
C GLU A 1326 8.53 24.48 -5.23
N LYS A 1327 8.60 25.40 -4.29
CA LYS A 1327 9.87 26.07 -4.03
C LYS A 1327 10.88 25.12 -3.42
N GLU A 1328 10.44 24.32 -2.45
CA GLU A 1328 11.36 23.39 -1.81
C GLU A 1328 11.65 22.18 -2.67
N CYS A 1329 10.69 21.74 -3.48
CA CYS A 1329 10.83 20.51 -4.23
C CYS A 1329 11.68 20.75 -5.48
N ILE A 1330 12.98 20.90 -5.24
CA ILE A 1330 13.98 21.06 -6.28
C ILE A 1330 15.28 20.49 -5.76
N GLY A 1331 16.04 19.81 -6.62
CA GLY A 1331 17.34 19.30 -6.24
C GLY A 1331 17.42 17.79 -6.42
N ASN A 1332 18.18 17.15 -5.53
CA ASN A 1332 18.31 15.71 -5.47
C ASN A 1332 18.08 15.28 -4.04
N TYR A 1333 17.68 14.03 -3.85
CA TYR A 1333 17.44 13.54 -2.50
C TYR A 1333 17.77 12.07 -2.45
N VAL A 1334 18.16 11.59 -1.29
CA VAL A 1334 18.46 10.18 -1.12
C VAL A 1334 17.17 9.44 -0.78
N ASP A 1335 16.85 8.42 -1.55
CA ASP A 1335 15.67 7.60 -1.33
C ASP A 1335 16.09 6.36 -0.57
N HIS A 1336 15.68 6.28 0.69
CA HIS A 1336 15.96 5.13 1.53
C HIS A 1336 14.88 4.08 1.47
N GLU A 1337 13.68 4.46 1.01
CA GLU A 1337 12.53 3.59 1.20
C GLU A 1337 12.51 2.43 0.22
N LYS A 1338 13.14 2.57 -0.94
CA LYS A 1338 13.30 1.41 -1.79
C LYS A 1338 14.21 0.36 -1.17
N ASN A 1339 14.80 0.66 -0.01
CA ASN A 1339 15.75 -0.17 0.73
C ASN A 1339 17.06 -0.28 -0.02
N LYS A 1340 17.26 0.53 -1.06
CA LYS A 1340 18.50 0.57 -1.79
C LYS A 1340 19.28 1.85 -1.52
N MET A 1341 18.64 2.87 -0.97
CA MET A 1341 19.30 4.13 -0.63
C MET A 1341 20.00 4.69 -1.86
N GLU A 1342 19.21 5.08 -2.84
CA GLU A 1342 19.74 5.60 -4.08
C GLU A 1342 19.35 7.05 -4.27
N VAL A 1343 20.22 7.84 -4.88
CA VAL A 1343 19.97 9.27 -5.00
C VAL A 1343 19.09 9.53 -6.21
N LYS A 1344 17.87 9.98 -5.97
CA LYS A 1344 16.91 10.33 -6.99
C LYS A 1344 16.80 11.84 -7.06
N GLY A 1345 15.99 12.33 -7.98
CA GLY A 1345 15.74 13.75 -8.11
C GLY A 1345 14.36 14.09 -7.58
N ARG A 1346 14.25 15.24 -6.95
CA ARG A 1346 12.95 15.70 -6.50
C ARG A 1346 12.17 16.24 -7.69
N GLU A 1347 10.96 15.72 -7.89
CA GLU A 1347 10.00 16.34 -8.80
C GLU A 1347 8.74 16.68 -8.05
N TRP A 1348 8.11 17.78 -8.44
CA TRP A 1348 6.80 18.19 -7.96
C TRP A 1348 5.76 17.69 -8.95
N LYS A 1349 4.86 16.83 -8.50
CA LYS A 1349 3.94 16.11 -9.37
C LYS A 1349 2.50 16.36 -8.99
N ARG A 1350 1.58 16.04 -9.90
CA ARG A 1350 0.20 15.78 -9.55
C ARG A 1350 -0.04 14.31 -9.42
N HIS A 1351 -1.17 13.99 -8.86
CA HIS A 1351 -1.53 12.60 -8.75
C HIS A 1351 -2.11 12.41 -10.11
N GLU A 1352 -2.34 11.21 -10.58
CA GLU A 1352 -2.70 11.04 -12.01
C GLU A 1352 -4.17 11.32 -12.23
N PHE A 1353 -5.00 11.00 -11.26
CA PHE A 1353 -6.42 11.33 -11.33
C PHE A 1353 -6.62 12.41 -10.29
N HIS A 1354 -6.79 13.65 -10.71
CA HIS A 1354 -6.89 14.81 -9.82
C HIS A 1354 -8.24 15.42 -10.06
N TYR A 1355 -8.48 16.65 -9.64
CA TYR A 1355 -9.80 17.26 -9.75
C TYR A 1355 -9.55 18.72 -9.87
N ASP A 1356 -8.78 19.17 -10.84
CA ASP A 1356 -8.39 20.57 -10.96
C ASP A 1356 -9.04 21.28 -12.12
N ASN A 1357 -10.05 20.73 -12.74
CA ASN A 1357 -10.72 21.33 -13.89
C ASN A 1357 -11.97 20.48 -13.98
N ILE A 1358 -13.10 20.98 -14.43
CA ILE A 1358 -14.30 20.10 -14.40
C ILE A 1358 -14.08 18.94 -15.34
N ILE A 1359 -13.20 18.97 -16.32
CA ILE A 1359 -13.06 17.77 -17.12
C ILE A 1359 -12.33 16.70 -16.34
N TRP A 1360 -11.34 17.10 -15.56
CA TRP A 1360 -10.61 16.15 -14.74
C TRP A 1360 -11.45 15.68 -13.59
N ALA A 1361 -12.30 16.54 -13.04
CA ALA A 1361 -13.23 16.07 -12.03
C ALA A 1361 -14.18 15.04 -12.61
N LEU A 1362 -14.70 15.27 -13.80
CA LEU A 1362 -15.60 14.30 -14.39
C LEU A 1362 -14.91 12.99 -14.66
N LEU A 1363 -13.66 13.03 -15.14
CA LEU A 1363 -12.99 11.78 -15.43
C LEU A 1363 -12.66 11.02 -14.14
N THR A 1364 -12.20 11.71 -13.11
CA THR A 1364 -11.84 10.94 -11.93
C THR A 1364 -13.04 10.61 -11.09
N LEU A 1365 -14.21 11.13 -11.42
CA LEU A 1365 -15.44 10.68 -10.81
C LEU A 1365 -16.07 9.54 -11.59
N PHE A 1366 -15.88 9.51 -12.90
CA PHE A 1366 -16.26 8.34 -13.67
C PHE A 1366 -15.44 7.14 -13.23
N THR A 1367 -14.15 7.35 -12.96
CA THR A 1367 -13.34 6.27 -12.44
C THR A 1367 -13.84 5.77 -11.09
N VAL A 1368 -14.31 6.66 -10.23
CA VAL A 1368 -14.92 6.22 -8.97
C VAL A 1368 -16.18 5.44 -9.24
N SER A 1369 -16.97 5.86 -10.22
CA SER A 1369 -18.23 5.19 -10.52
C SER A 1369 -18.03 3.76 -10.97
N THR A 1370 -17.07 3.52 -11.87
CA THR A 1370 -16.78 2.16 -12.28
C THR A 1370 -16.12 1.35 -11.18
N GLY A 1371 -15.73 1.99 -10.08
CA GLY A 1371 -15.25 1.34 -8.91
C GLY A 1371 -13.75 1.24 -8.84
N GLU A 1372 -13.07 1.23 -9.97
CA GLU A 1372 -11.66 0.92 -10.00
C GLU A 1372 -10.84 1.99 -9.33
N GLY A 1373 -9.96 1.58 -8.43
CA GLY A 1373 -8.99 2.49 -7.87
C GLY A 1373 -9.59 3.70 -7.19
N TRP A 1374 -10.77 3.58 -6.64
CA TRP A 1374 -11.30 4.66 -5.83
C TRP A 1374 -10.67 4.70 -4.45
N PRO A 1375 -10.22 3.59 -3.86
CA PRO A 1375 -9.56 3.71 -2.55
C PRO A 1375 -8.36 4.59 -2.59
N GLN A 1376 -7.63 4.56 -3.69
CA GLN A 1376 -6.47 5.41 -3.85
C GLN A 1376 -6.86 6.87 -4.01
N VAL A 1377 -7.96 7.16 -4.70
CA VAL A 1377 -8.45 8.53 -4.79
C VAL A 1377 -8.95 9.01 -3.44
N LEU A 1378 -9.56 8.14 -2.66
CA LEU A 1378 -9.94 8.52 -1.30
C LEU A 1378 -8.72 8.81 -0.46
N GLN A 1379 -7.70 7.99 -0.59
CA GLN A 1379 -6.45 8.20 0.14
C GLN A 1379 -5.85 9.54 -0.20
N HIS A 1380 -5.86 9.91 -1.48
CA HIS A 1380 -5.35 11.23 -1.84
C HIS A 1380 -6.25 12.32 -1.34
N SER A 1381 -7.56 12.07 -1.26
CA SER A 1381 -8.48 13.13 -0.92
C SER A 1381 -8.48 13.43 0.57
N VAL A 1382 -8.22 12.45 1.41
CA VAL A 1382 -8.12 12.77 2.83
C VAL A 1382 -6.77 13.41 3.12
N ASP A 1383 -5.70 12.89 2.53
CA ASP A 1383 -4.38 13.44 2.77
C ASP A 1383 -4.20 14.77 2.08
N VAL A 1384 -5.01 15.77 2.34
CA VAL A 1384 -5.02 16.96 1.50
C VAL A 1384 -4.94 18.18 2.40
N THR A 1385 -4.10 19.15 2.06
CA THR A 1385 -3.89 20.27 2.97
C THR A 1385 -4.33 21.62 2.41
N GLU A 1386 -3.73 22.10 1.33
CA GLU A 1386 -3.95 23.46 0.88
C GLU A 1386 -3.45 23.56 -0.56
N GLU A 1387 -3.78 24.67 -1.21
CA GLU A 1387 -3.44 24.77 -2.62
C GLU A 1387 -1.94 24.92 -2.80
N ASP A 1388 -1.38 24.09 -3.67
CA ASP A 1388 0.05 24.07 -3.94
C ASP A 1388 0.85 23.74 -2.68
N ARG A 1389 0.33 22.84 -1.86
CA ARG A 1389 1.10 22.23 -0.79
C ARG A 1389 0.90 20.73 -0.83
N GLY A 1390 1.91 20.02 -0.37
CA GLY A 1390 1.89 18.58 -0.45
C GLY A 1390 1.02 17.95 0.61
N PRO A 1391 0.81 16.65 0.49
CA PRO A 1391 -0.16 15.98 1.33
C PRO A 1391 0.33 15.86 2.75
N SER A 1392 -0.58 15.53 3.64
CA SER A 1392 -0.20 15.11 4.97
C SER A 1392 -1.14 13.99 5.39
N ARG A 1393 -0.58 12.86 5.77
CA ARG A 1393 -1.36 11.64 5.88
C ARG A 1393 -2.57 11.82 6.77
N SER A 1394 -3.71 11.34 6.29
CA SER A 1394 -4.97 11.25 7.03
C SER A 1394 -5.37 12.57 7.67
N ASN A 1395 -4.84 13.67 7.18
CA ASN A 1395 -5.43 14.97 7.39
C ASN A 1395 -6.84 14.95 6.84
N ARG A 1396 -7.62 15.98 7.14
CA ARG A 1396 -8.92 16.22 6.52
C ARG A 1396 -9.69 14.94 6.25
N MET A 1397 -9.85 14.16 7.30
CA MET A 1397 -10.44 12.85 7.13
C MET A 1397 -11.94 12.96 6.83
N GLU A 1398 -12.50 14.16 6.90
CA GLU A 1398 -13.92 14.33 6.62
C GLU A 1398 -14.21 14.43 5.13
N MET A 1399 -13.21 14.65 4.29
CA MET A 1399 -13.47 14.59 2.86
C MET A 1399 -13.85 13.21 2.41
N SER A 1400 -13.96 12.25 3.31
CA SER A 1400 -14.51 10.97 2.96
C SER A 1400 -16.02 11.00 2.88
N ILE A 1401 -16.66 12.00 3.48
CA ILE A 1401 -18.10 12.13 3.33
C ILE A 1401 -18.45 12.34 1.87
N PHE A 1402 -17.69 13.19 1.17
CA PHE A 1402 -17.95 13.38 -0.25
C PHE A 1402 -17.92 12.06 -0.98
N TYR A 1403 -17.14 11.10 -0.51
CA TYR A 1403 -16.97 9.86 -1.24
C TYR A 1403 -17.92 8.78 -0.80
N VAL A 1404 -18.75 9.02 0.20
CA VAL A 1404 -19.84 8.10 0.48
C VAL A 1404 -21.16 8.63 -0.07
N VAL A 1405 -21.42 9.92 0.06
CA VAL A 1405 -22.58 10.49 -0.61
C VAL A 1405 -22.49 10.30 -2.09
N TYR A 1406 -21.30 10.32 -2.66
CA TYR A 1406 -21.15 9.96 -4.06
C TYR A 1406 -21.64 8.55 -4.30
N PHE A 1407 -21.16 7.59 -3.50
CA PHE A 1407 -21.47 6.20 -3.77
C PHE A 1407 -22.95 5.92 -3.58
N VAL A 1408 -23.55 6.49 -2.55
CA VAL A 1408 -24.96 6.28 -2.33
C VAL A 1408 -25.78 6.78 -3.50
N VAL A 1409 -25.23 7.71 -4.28
CA VAL A 1409 -26.00 8.32 -5.35
C VAL A 1409 -25.71 7.61 -6.66
N PHE A 1410 -24.48 7.67 -7.13
CA PHE A 1410 -24.25 7.21 -8.48
C PHE A 1410 -24.02 5.72 -8.65
N PRO A 1411 -23.12 5.08 -7.90
CA PRO A 1411 -22.93 3.64 -8.13
C PRO A 1411 -24.05 2.80 -7.58
N PHE A 1412 -24.75 3.27 -6.56
CA PHE A 1412 -25.82 2.50 -5.98
C PHE A 1412 -27.18 2.88 -6.52
N PHE A 1413 -27.51 4.18 -6.57
CA PHE A 1413 -28.87 4.56 -6.87
C PHE A 1413 -29.12 4.72 -8.36
N PHE A 1414 -28.40 5.59 -9.06
CA PHE A 1414 -28.68 5.73 -10.48
C PHE A 1414 -28.36 4.48 -11.28
N VAL A 1415 -27.32 3.74 -10.95
CA VAL A 1415 -27.07 2.57 -11.78
C VAL A 1415 -28.20 1.56 -11.65
N ASN A 1416 -28.80 1.47 -10.47
CA ASN A 1416 -29.93 0.58 -10.31
C ASN A 1416 -31.21 1.19 -10.88
N ILE A 1417 -31.29 2.51 -10.98
CA ILE A 1417 -32.34 3.15 -11.75
C ILE A 1417 -32.25 2.75 -13.21
N PHE A 1418 -31.04 2.66 -13.74
CA PHE A 1418 -30.88 2.29 -15.15
C PHE A 1418 -31.21 0.83 -15.37
N VAL A 1419 -30.72 -0.04 -14.50
CA VAL A 1419 -31.07 -1.45 -14.62
C VAL A 1419 -32.58 -1.62 -14.53
N ALA A 1420 -33.23 -0.85 -13.66
CA ALA A 1420 -34.67 -1.00 -13.51
C ALA A 1420 -35.43 -0.43 -14.70
N LEU A 1421 -34.97 0.67 -15.28
CA LEU A 1421 -35.66 1.18 -16.47
C LEU A 1421 -35.53 0.22 -17.63
N ILE A 1422 -34.36 -0.41 -17.79
CA ILE A 1422 -34.22 -1.32 -18.90
C ILE A 1422 -35.00 -2.61 -18.66
N ILE A 1423 -35.14 -3.03 -17.41
CA ILE A 1423 -35.95 -4.21 -17.11
C ILE A 1423 -37.43 -3.93 -17.30
N ILE A 1424 -37.93 -2.86 -16.69
CA ILE A 1424 -39.35 -2.58 -16.71
C ILE A 1424 -39.86 -2.38 -18.12
N THR A 1425 -39.12 -1.66 -18.95
CA THR A 1425 -39.62 -1.24 -20.25
C THR A 1425 -39.14 -2.12 -21.38
N PHE A 1426 -38.91 -3.40 -21.18
CA PHE A 1426 -38.31 -4.23 -22.22
C PHE A 1426 -39.39 -4.85 -23.09
N GLN A 1427 -39.37 -4.56 -24.37
CA GLN A 1427 -40.38 -5.05 -25.29
C GLN A 1427 -40.01 -6.45 -25.77
N GLU A 1428 -41.03 -7.29 -25.95
CA GLU A 1428 -40.80 -8.59 -26.55
C GLU A 1428 -40.21 -8.43 -27.93
N GLN A 1429 -39.23 -9.26 -28.25
CA GLN A 1429 -38.46 -9.08 -29.47
C GLN A 1429 -39.31 -9.19 -30.73
N GLY A 1430 -39.83 -10.38 -31.00
CA GLY A 1430 -40.68 -10.54 -32.17
C GLY A 1430 -42.11 -10.80 -31.79
N ASP A 1431 -42.98 -9.80 -31.97
CA ASP A 1431 -44.42 -9.96 -31.77
C ASP A 1431 -45.13 -9.17 -32.87
N LYS A 1432 -45.34 -9.81 -34.01
CA LYS A 1432 -46.22 -9.32 -35.06
C LYS A 1432 -47.03 -10.46 -35.64
N MET A 1433 -47.54 -11.34 -34.77
CA MET A 1433 -48.35 -12.47 -35.17
C MET A 1433 -49.75 -12.29 -34.59
N MET A 1434 -50.57 -11.51 -35.29
CA MET A 1434 -51.98 -11.28 -34.96
C MET A 1434 -52.14 -10.89 -33.49
N GLU A 1435 -51.52 -9.75 -33.17
CA GLU A 1435 -51.63 -9.13 -31.85
C GLU A 1435 -51.10 -10.04 -30.74
N GLU A 1436 -50.01 -10.76 -31.03
CA GLU A 1436 -49.32 -11.56 -30.02
C GLU A 1436 -50.23 -12.66 -29.47
N CYS A 1437 -50.80 -13.46 -30.39
CA CYS A 1437 -51.63 -14.61 -30.03
C CYS A 1437 -52.74 -14.18 -29.05
N SER A 1438 -53.60 -13.30 -29.58
CA SER A 1438 -54.53 -12.49 -28.79
C SER A 1438 -55.19 -13.20 -27.62
N LEU A 1439 -55.50 -14.48 -27.76
CA LEU A 1439 -56.26 -15.19 -26.73
C LEU A 1439 -55.46 -16.22 -25.96
N GLU A 1440 -54.32 -16.68 -26.50
CA GLU A 1440 -53.45 -17.61 -25.80
C GLU A 1440 -52.06 -17.02 -25.71
N LYS A 1441 -51.70 -16.53 -24.52
CA LYS A 1441 -50.40 -15.87 -24.34
C LYS A 1441 -49.55 -16.70 -23.37
N ASN A 1442 -48.44 -16.11 -22.93
CA ASN A 1442 -47.27 -16.85 -22.46
C ASN A 1442 -47.61 -18.08 -21.63
N GLU A 1443 -48.31 -17.90 -20.51
CA GLU A 1443 -48.64 -19.06 -19.69
C GLU A 1443 -49.70 -19.93 -20.35
N ARG A 1444 -50.68 -19.33 -21.04
CA ARG A 1444 -51.66 -20.12 -21.76
C ARG A 1444 -50.99 -20.86 -22.92
N ALA A 1445 -50.23 -20.13 -23.73
CA ALA A 1445 -49.71 -20.70 -24.96
C ALA A 1445 -48.68 -21.77 -24.67
N CYS A 1446 -47.72 -21.47 -23.79
CA CYS A 1446 -46.61 -22.38 -23.58
C CYS A 1446 -47.01 -23.60 -22.77
N ILE A 1447 -48.04 -23.48 -21.93
CA ILE A 1447 -48.52 -24.65 -21.20
C ILE A 1447 -49.05 -25.70 -22.16
N ASP A 1448 -49.31 -25.33 -23.41
CA ASP A 1448 -49.73 -26.29 -24.43
C ASP A 1448 -48.51 -26.97 -25.06
N PHE A 1449 -47.73 -27.62 -24.19
CA PHE A 1449 -46.85 -28.68 -24.65
C PHE A 1449 -47.53 -30.04 -24.56
N ALA A 1450 -48.86 -30.04 -24.46
CA ALA A 1450 -49.62 -31.26 -24.62
C ALA A 1450 -49.39 -31.91 -25.98
N ILE A 1451 -48.94 -31.13 -26.96
CA ILE A 1451 -48.50 -31.70 -28.22
C ILE A 1451 -47.26 -32.55 -28.00
N SER A 1452 -46.68 -32.49 -26.81
CA SER A 1452 -45.58 -33.35 -26.40
C SER A 1452 -45.96 -34.09 -25.12
N ALA A 1453 -45.00 -34.76 -24.51
CA ALA A 1453 -45.16 -35.43 -23.22
C ALA A 1453 -46.15 -36.60 -23.27
N LYS A 1454 -46.43 -37.11 -24.47
CA LYS A 1454 -47.10 -38.40 -24.59
C LYS A 1454 -46.33 -39.56 -23.98
N PRO A 1455 -45.02 -39.72 -24.23
CA PRO A 1455 -44.36 -40.98 -23.86
C PRO A 1455 -44.31 -41.21 -22.36
N LEU A 1456 -43.92 -42.45 -22.01
CA LEU A 1456 -43.73 -42.87 -20.63
C LEU A 1456 -42.43 -43.66 -20.52
N THR A 1457 -42.23 -44.36 -19.40
CA THR A 1457 -40.99 -45.08 -19.12
C THR A 1457 -40.51 -45.93 -20.28
N ARG A 1458 -41.34 -46.95 -20.59
CA ARG A 1458 -41.01 -47.94 -21.65
C ARG A 1458 -39.61 -48.51 -21.35
N TYR A 1459 -39.28 -48.71 -20.07
CA TYR A 1459 -37.91 -49.17 -19.72
C TYR A 1459 -37.97 -50.49 -18.95
N MET A 1460 -39.16 -50.82 -18.42
CA MET A 1460 -39.32 -52.09 -17.67
C MET A 1460 -38.94 -53.26 -18.58
N PRO A 1461 -38.29 -54.32 -18.07
CA PRO A 1461 -37.84 -55.43 -18.91
C PRO A 1461 -39.05 -56.11 -19.59
N GLN A 1462 -40.16 -56.21 -18.88
CA GLN A 1462 -41.39 -56.85 -19.45
C GLN A 1462 -41.04 -58.28 -19.87
N ASN A 1463 -40.09 -58.91 -19.17
CA ASN A 1463 -39.67 -60.30 -19.49
C ASN A 1463 -39.91 -61.19 -18.28
N ARG A 1464 -39.75 -60.64 -17.07
CA ARG A 1464 -39.92 -61.44 -15.83
C ARG A 1464 -39.13 -62.73 -15.97
N HIS A 1465 -37.91 -62.65 -16.53
CA HIS A 1465 -37.07 -63.85 -16.72
C HIS A 1465 -36.12 -64.00 -15.53
N THR A 1466 -34.83 -63.70 -15.72
CA THR A 1466 -33.86 -63.76 -14.60
C THR A 1466 -33.24 -62.37 -14.43
N PHE A 1467 -32.12 -62.10 -15.09
CA PHE A 1467 -31.47 -60.76 -15.02
C PHE A 1467 -32.50 -59.68 -15.38
N GLN A 1468 -33.41 -59.99 -16.30
CA GLN A 1468 -34.44 -59.02 -16.73
C GLN A 1468 -35.07 -58.40 -15.48
N TYR A 1469 -35.51 -59.23 -14.54
CA TYR A 1469 -36.11 -58.72 -13.28
C TYR A 1469 -35.12 -58.98 -12.13
N ARG A 1470 -33.83 -59.14 -12.46
CA ARG A 1470 -32.79 -59.37 -11.42
C ARG A 1470 -31.88 -58.14 -11.36
N VAL A 1471 -31.14 -57.87 -12.44
CA VAL A 1471 -30.27 -56.68 -12.48
C VAL A 1471 -31.27 -55.53 -12.63
N TRP A 1472 -31.94 -55.43 -13.77
CA TRP A 1472 -32.80 -54.24 -13.93
C TRP A 1472 -33.67 -54.08 -12.68
N HIS A 1473 -33.86 -55.14 -11.90
CA HIS A 1473 -34.55 -54.97 -10.61
C HIS A 1473 -33.48 -54.39 -9.69
N PHE A 1474 -32.51 -55.21 -9.28
CA PHE A 1474 -31.53 -54.67 -8.35
C PHE A 1474 -31.36 -53.17 -8.55
N VAL A 1475 -31.23 -52.74 -9.80
CA VAL A 1475 -30.93 -51.34 -10.09
C VAL A 1475 -32.05 -50.44 -9.60
N VAL A 1476 -33.28 -50.78 -9.93
CA VAL A 1476 -34.45 -50.03 -9.48
C VAL A 1476 -34.66 -50.43 -8.03
N SER A 1477 -35.60 -49.75 -7.33
CA SER A 1477 -35.91 -50.05 -5.95
C SER A 1477 -34.69 -49.79 -5.08
N PRO A 1478 -34.38 -48.52 -4.82
CA PRO A 1478 -33.06 -48.18 -4.26
C PRO A 1478 -32.69 -48.98 -3.03
N SER A 1479 -31.74 -49.87 -3.28
CA SER A 1479 -30.78 -50.39 -2.33
C SER A 1479 -29.44 -50.39 -3.02
N PHE A 1480 -29.46 -50.08 -4.32
CA PHE A 1480 -28.33 -49.88 -5.20
C PHE A 1480 -28.11 -48.43 -5.55
N GLU A 1481 -29.18 -47.68 -5.79
CA GLU A 1481 -29.01 -46.29 -6.18
C GLU A 1481 -28.60 -45.44 -5.00
N TYR A 1482 -29.12 -45.75 -3.80
CA TYR A 1482 -28.61 -45.09 -2.60
C TYR A 1482 -27.15 -45.42 -2.35
N THR A 1483 -26.77 -46.69 -2.49
CA THR A 1483 -25.37 -47.04 -2.26
C THR A 1483 -24.47 -46.38 -3.27
N ILE A 1484 -24.99 -46.07 -4.46
CA ILE A 1484 -24.16 -45.45 -5.48
C ILE A 1484 -24.10 -43.95 -5.31
N MET A 1485 -25.15 -43.32 -4.80
CA MET A 1485 -25.06 -41.94 -4.37
C MET A 1485 -24.10 -41.76 -3.20
N ALA A 1486 -24.00 -42.74 -2.32
CA ALA A 1486 -22.97 -42.67 -1.30
C ALA A 1486 -21.57 -42.68 -1.90
N MET A 1487 -21.33 -43.53 -2.89
CA MET A 1487 -20.04 -43.51 -3.57
C MET A 1487 -19.80 -42.19 -4.29
N ILE A 1488 -20.82 -41.58 -4.87
CA ILE A 1488 -20.63 -40.24 -5.41
C ILE A 1488 -20.23 -39.25 -4.33
N ALA A 1489 -20.92 -39.27 -3.19
CA ALA A 1489 -20.64 -38.35 -2.10
C ALA A 1489 -19.33 -38.63 -1.39
N LEU A 1490 -18.71 -39.78 -1.62
CA LEU A 1490 -17.37 -39.98 -1.09
C LEU A 1490 -16.29 -39.73 -2.13
N ASN A 1491 -16.56 -40.02 -3.39
CA ASN A 1491 -15.62 -39.61 -4.43
C ASN A 1491 -15.53 -38.11 -4.53
N THR A 1492 -16.58 -37.38 -4.19
CA THR A 1492 -16.41 -35.94 -4.14
C THR A 1492 -15.45 -35.54 -3.03
N VAL A 1493 -15.27 -36.37 -2.01
CA VAL A 1493 -14.37 -36.02 -0.93
C VAL A 1493 -12.94 -36.39 -1.29
N VAL A 1494 -12.70 -37.55 -1.90
CA VAL A 1494 -11.31 -37.86 -2.21
C VAL A 1494 -10.73 -36.89 -3.23
N LEU A 1495 -11.58 -36.09 -3.90
CA LEU A 1495 -11.07 -35.06 -4.79
C LEU A 1495 -10.73 -33.79 -4.04
N MET A 1496 -11.35 -33.58 -2.89
CA MET A 1496 -11.02 -32.48 -2.01
C MET A 1496 -9.84 -32.78 -1.11
N MET A 1497 -9.40 -34.03 -1.02
CA MET A 1497 -8.33 -34.42 -0.12
C MET A 1497 -6.96 -34.39 -0.74
N LYS A 1498 -6.83 -33.92 -1.97
CA LYS A 1498 -5.49 -33.69 -2.47
C LYS A 1498 -4.88 -32.51 -1.75
N TYR A 1499 -3.57 -32.55 -1.58
CA TYR A 1499 -2.87 -31.36 -1.11
C TYR A 1499 -1.40 -31.49 -1.46
N TYR A 1500 -0.62 -30.47 -1.14
CA TYR A 1500 0.78 -30.43 -1.59
C TYR A 1500 1.72 -30.87 -0.49
N SER A 1501 2.77 -31.62 -0.85
CA SER A 1501 3.74 -32.14 0.15
C SER A 1501 3.01 -33.07 1.14
N ALA A 1502 2.32 -34.08 0.62
CA ALA A 1502 1.62 -35.06 1.49
C ALA A 1502 2.64 -36.02 2.10
N PRO A 1503 2.30 -36.80 3.15
CA PRO A 1503 3.29 -37.66 3.81
C PRO A 1503 3.84 -38.72 2.84
N CYS A 1504 2.96 -39.53 2.26
CA CYS A 1504 3.38 -40.61 1.31
C CYS A 1504 2.24 -41.62 1.19
N THR A 1505 1.95 -42.35 2.26
CA THR A 1505 0.83 -43.34 2.26
C THR A 1505 -0.47 -42.61 1.94
N TYR A 1506 -0.63 -41.38 2.47
CA TYR A 1506 -1.85 -40.58 2.17
C TYR A 1506 -1.98 -40.41 0.65
N GLU A 1507 -0.85 -40.17 -0.02
CA GLU A 1507 -0.86 -40.01 -1.50
C GLU A 1507 -1.31 -41.32 -2.15
N LEU A 1508 -0.70 -42.45 -1.76
CA LEU A 1508 -1.11 -43.77 -2.30
C LEU A 1508 -2.54 -44.04 -1.87
N ALA A 1509 -2.88 -43.74 -0.61
CA ALA A 1509 -4.26 -43.92 -0.13
C ALA A 1509 -5.21 -43.29 -1.14
N LEU A 1510 -4.85 -42.12 -1.67
CA LEU A 1510 -5.70 -41.45 -2.65
C LEU A 1510 -5.75 -42.21 -3.97
N LYS A 1511 -4.61 -42.71 -4.43
CA LYS A 1511 -4.60 -43.45 -5.68
C LYS A 1511 -5.49 -44.68 -5.61
N TYR A 1512 -5.40 -45.41 -4.50
CA TYR A 1512 -6.21 -46.62 -4.38
C TYR A 1512 -7.68 -46.30 -4.13
N LEU A 1513 -7.99 -45.23 -3.42
CA LEU A 1513 -9.37 -44.82 -3.28
C LEU A 1513 -9.97 -44.44 -4.63
N ASN A 1514 -9.19 -43.75 -5.46
CA ASN A 1514 -9.65 -43.44 -6.81
C ASN A 1514 -9.90 -44.72 -7.60
N ILE A 1515 -9.01 -45.71 -7.46
CA ILE A 1515 -9.22 -46.97 -8.17
C ILE A 1515 -10.53 -47.61 -7.72
N ALA A 1516 -10.78 -47.64 -6.42
CA ALA A 1516 -12.01 -48.28 -5.93
C ALA A 1516 -13.25 -47.56 -6.45
N PHE A 1517 -13.24 -46.22 -6.42
CA PHE A 1517 -14.42 -45.48 -6.87
C PHE A 1517 -14.63 -45.63 -8.36
N THR A 1518 -13.55 -45.65 -9.14
CA THR A 1518 -13.67 -45.90 -10.57
C THR A 1518 -14.20 -47.30 -10.84
N MET A 1519 -13.81 -48.26 -10.03
CA MET A 1519 -14.32 -49.62 -10.20
C MET A 1519 -15.82 -49.67 -9.92
N VAL A 1520 -16.27 -49.02 -8.86
CA VAL A 1520 -17.70 -48.97 -8.56
C VAL A 1520 -18.45 -48.24 -9.66
N PHE A 1521 -17.89 -47.17 -10.21
CA PHE A 1521 -18.60 -46.45 -11.26
C PHE A 1521 -18.64 -47.22 -12.57
N SER A 1522 -17.56 -47.91 -12.93
CA SER A 1522 -17.62 -48.73 -14.13
C SER A 1522 -18.57 -49.91 -13.92
N LEU A 1523 -18.73 -50.36 -12.68
CA LEU A 1523 -19.77 -51.34 -12.39
C LEU A 1523 -21.16 -50.73 -12.57
N GLU A 1524 -21.36 -49.48 -12.16
CA GLU A 1524 -22.57 -48.76 -12.55
C GLU A 1524 -22.80 -48.92 -14.03
N CYS A 1525 -21.79 -48.58 -14.81
CA CYS A 1525 -21.93 -48.49 -16.25
C CYS A 1525 -22.33 -49.84 -16.79
N VAL A 1526 -21.45 -50.84 -16.70
CA VAL A 1526 -21.93 -52.16 -17.08
C VAL A 1526 -22.50 -52.81 -15.83
N LEU A 1527 -23.62 -52.27 -15.39
CA LEU A 1527 -24.65 -52.96 -14.65
C LEU A 1527 -26.00 -52.38 -15.01
N LYS A 1528 -26.04 -51.41 -15.90
CA LYS A 1528 -27.27 -50.85 -16.41
C LYS A 1528 -27.42 -51.04 -17.90
N VAL A 1529 -26.33 -51.15 -18.65
CA VAL A 1529 -26.43 -51.53 -20.05
C VAL A 1529 -27.11 -52.89 -20.15
N ILE A 1530 -26.62 -53.86 -19.40
CA ILE A 1530 -27.21 -55.19 -19.44
C ILE A 1530 -28.52 -55.21 -18.67
N ALA A 1531 -28.83 -54.15 -17.94
CA ALA A 1531 -30.11 -54.04 -17.25
C ALA A 1531 -31.10 -53.12 -17.96
N PHE A 1532 -30.63 -52.22 -18.81
CA PHE A 1532 -31.49 -51.35 -19.59
C PHE A 1532 -31.34 -51.49 -21.09
N GLY A 1533 -30.34 -52.20 -21.57
CA GLY A 1533 -30.21 -52.36 -23.01
C GLY A 1533 -29.31 -51.31 -23.61
N PHE A 1534 -28.55 -51.71 -24.63
CA PHE A 1534 -27.49 -50.88 -25.17
C PHE A 1534 -28.04 -49.59 -25.75
N LEU A 1535 -29.14 -49.69 -26.49
CA LEU A 1535 -29.73 -48.51 -27.13
C LEU A 1535 -30.44 -47.62 -26.11
N ASN A 1536 -31.15 -48.22 -25.16
CA ASN A 1536 -31.84 -47.43 -24.14
C ASN A 1536 -30.87 -46.75 -23.19
N TYR A 1537 -29.70 -47.33 -22.93
CA TYR A 1537 -28.77 -46.69 -22.02
C TYR A 1537 -28.24 -45.38 -22.59
N PHE A 1538 -27.74 -45.40 -23.82
CA PHE A 1538 -27.17 -44.18 -24.37
C PHE A 1538 -28.25 -43.25 -24.87
N ARG A 1539 -29.28 -42.97 -24.07
CA ARG A 1539 -30.29 -42.04 -24.49
C ARG A 1539 -30.83 -41.16 -23.38
N ASP A 1540 -30.23 -41.15 -22.20
CA ASP A 1540 -30.75 -40.34 -21.10
C ASP A 1540 -29.89 -39.14 -20.79
N THR A 1541 -28.79 -38.93 -21.52
CA THR A 1541 -28.02 -37.69 -21.50
C THR A 1541 -27.28 -37.53 -20.19
N TRP A 1542 -27.61 -38.36 -19.20
CA TRP A 1542 -26.81 -38.46 -18.00
C TRP A 1542 -26.06 -39.77 -17.95
N ASN A 1543 -26.61 -40.82 -18.53
CA ASN A 1543 -25.89 -42.08 -18.63
C ASN A 1543 -24.69 -41.95 -19.55
N ILE A 1544 -24.82 -41.24 -20.67
CA ILE A 1544 -23.68 -41.03 -21.54
C ILE A 1544 -22.63 -40.15 -20.88
N PHE A 1545 -23.05 -39.20 -20.04
CA PHE A 1545 -22.08 -38.44 -19.27
C PHE A 1545 -21.32 -39.33 -18.31
N ASP A 1546 -22.04 -40.21 -17.60
CA ASP A 1546 -21.36 -41.12 -16.69
C ASP A 1546 -20.43 -42.04 -17.45
N PHE A 1547 -20.85 -42.50 -18.62
CA PHE A 1547 -19.99 -43.37 -19.41
C PHE A 1547 -18.72 -42.64 -19.83
N ILE A 1548 -18.86 -41.40 -20.25
CA ILE A 1548 -17.68 -40.63 -20.65
C ILE A 1548 -16.73 -40.47 -19.47
N THR A 1549 -17.27 -40.17 -18.28
CA THR A 1549 -16.40 -39.98 -17.12
C THR A 1549 -15.73 -41.27 -16.69
N VAL A 1550 -16.45 -42.40 -16.72
CA VAL A 1550 -15.82 -43.65 -16.30
C VAL A 1550 -14.77 -44.07 -17.31
N ILE A 1551 -15.01 -43.85 -18.60
CA ILE A 1551 -13.99 -44.14 -19.60
C ILE A 1551 -12.77 -43.26 -19.39
N GLY A 1552 -12.99 -41.97 -19.11
CA GLY A 1552 -11.87 -41.08 -18.88
C GLY A 1552 -11.05 -41.48 -17.68
N SER A 1553 -11.72 -41.82 -16.57
CA SER A 1553 -10.98 -42.24 -15.39
C SER A 1553 -10.25 -43.56 -15.63
N ILE A 1554 -10.86 -44.50 -16.35
CA ILE A 1554 -10.20 -45.77 -16.61
C ILE A 1554 -8.96 -45.55 -17.45
N THR A 1555 -9.08 -44.78 -18.53
CA THR A 1555 -7.92 -44.53 -19.36
C THR A 1555 -6.89 -43.72 -18.61
N GLU A 1556 -7.29 -42.88 -17.66
CA GLU A 1556 -6.30 -42.17 -16.87
C GLU A 1556 -5.51 -43.13 -16.02
N ILE A 1557 -6.20 -44.08 -15.38
CA ILE A 1557 -5.49 -45.03 -14.53
C ILE A 1557 -4.58 -45.93 -15.35
N ILE A 1558 -4.99 -46.28 -16.57
CA ILE A 1558 -4.12 -47.06 -17.44
C ILE A 1558 -2.89 -46.24 -17.85
N LEU A 1559 -3.11 -45.01 -18.29
CA LEU A 1559 -2.00 -44.22 -18.80
C LEU A 1559 -0.99 -43.86 -17.72
N THR A 1560 -1.46 -43.53 -16.52
CA THR A 1560 -0.49 -43.14 -15.48
C THR A 1560 0.40 -44.28 -15.05
N ASP A 1561 0.00 -45.52 -15.31
CA ASP A 1561 0.83 -46.69 -15.06
C ASP A 1561 1.74 -46.93 -16.26
N SER A 1562 2.39 -48.09 -16.29
CA SER A 1562 3.34 -48.40 -17.34
C SER A 1562 2.62 -49.11 -18.49
N LYS A 1563 3.38 -49.74 -19.37
CA LYS A 1563 2.94 -50.44 -20.57
C LYS A 1563 2.46 -49.47 -21.66
N LEU A 1564 2.80 -48.19 -21.53
CA LEU A 1564 2.70 -47.22 -22.61
C LEU A 1564 3.71 -46.12 -22.33
N VAL A 1565 4.69 -45.97 -23.22
CA VAL A 1565 5.72 -44.95 -23.02
C VAL A 1565 5.10 -43.57 -23.22
N ASN A 1566 5.42 -42.64 -22.31
CA ASN A 1566 4.75 -41.35 -22.26
C ASN A 1566 5.50 -40.34 -23.13
N THR A 1567 5.53 -40.63 -24.42
CA THR A 1567 6.27 -39.82 -25.40
C THR A 1567 5.40 -39.72 -26.65
N SER A 1568 6.03 -39.35 -27.78
CA SER A 1568 5.38 -39.04 -29.05
C SER A 1568 4.68 -37.68 -29.01
N GLY A 1569 5.23 -36.75 -28.22
CA GLY A 1569 4.77 -35.39 -28.20
C GLY A 1569 3.31 -35.20 -27.81
N PHE A 1570 2.87 -35.86 -26.74
CA PHE A 1570 1.50 -35.67 -26.30
C PHE A 1570 1.46 -35.76 -24.78
N ASN A 1571 0.59 -34.95 -24.17
CA ASN A 1571 0.54 -34.77 -22.73
C ASN A 1571 -0.76 -35.39 -22.20
N MET A 1572 -0.68 -35.98 -21.00
CA MET A 1572 -1.78 -36.75 -20.45
C MET A 1572 -2.54 -36.01 -19.37
N SER A 1573 -2.23 -34.73 -19.12
CA SER A 1573 -2.75 -34.07 -17.94
C SER A 1573 -4.25 -33.87 -18.01
N PHE A 1574 -4.78 -33.53 -19.19
CA PHE A 1574 -6.18 -33.17 -19.30
C PHE A 1574 -7.12 -34.27 -18.85
N LEU A 1575 -6.65 -35.52 -18.81
CA LEU A 1575 -7.51 -36.60 -18.35
C LEU A 1575 -7.92 -36.44 -16.90
N LYS A 1576 -7.16 -35.67 -16.12
CA LYS A 1576 -7.57 -35.37 -14.76
C LYS A 1576 -8.94 -34.70 -14.73
N LEU A 1577 -9.29 -33.96 -15.78
CA LEU A 1577 -10.61 -33.35 -15.82
C LEU A 1577 -11.69 -34.41 -15.72
N PHE A 1578 -11.52 -35.52 -16.42
CA PHE A 1578 -12.55 -36.56 -16.39
C PHE A 1578 -12.70 -37.12 -15.00
N ARG A 1579 -11.66 -37.04 -14.19
CA ARG A 1579 -11.78 -37.47 -12.81
C ARG A 1579 -12.50 -36.44 -11.96
N ALA A 1580 -12.31 -35.16 -12.26
CA ALA A 1580 -12.94 -34.10 -11.49
C ALA A 1580 -14.35 -33.80 -11.95
N ALA A 1581 -14.77 -34.32 -13.10
CA ALA A 1581 -16.13 -34.13 -13.56
C ALA A 1581 -17.13 -34.97 -12.78
N ARG A 1582 -16.67 -35.96 -12.01
CA ARG A 1582 -17.58 -36.76 -11.22
C ARG A 1582 -18.36 -35.94 -10.22
N LEU A 1583 -17.84 -34.80 -9.81
CA LEU A 1583 -18.57 -33.96 -8.89
C LEU A 1583 -19.85 -33.42 -9.51
N ILE A 1584 -19.91 -33.34 -10.85
CA ILE A 1584 -21.15 -32.97 -11.52
C ILE A 1584 -22.26 -33.94 -11.18
N LYS A 1585 -21.92 -35.17 -10.82
CA LYS A 1585 -22.96 -36.12 -10.47
C LYS A 1585 -23.70 -35.72 -9.22
N LEU A 1586 -23.17 -34.80 -8.43
CA LEU A 1586 -23.95 -34.25 -7.33
C LEU A 1586 -25.01 -33.28 -7.83
N LEU A 1587 -24.83 -32.74 -9.03
CA LEU A 1587 -25.83 -31.82 -9.56
C LEU A 1587 -27.09 -32.56 -9.96
N ARG A 1588 -26.97 -33.82 -10.34
CA ARG A 1588 -28.13 -34.57 -10.81
C ARG A 1588 -29.21 -34.64 -9.74
N GLN A 1589 -28.82 -34.84 -8.49
CA GLN A 1589 -29.76 -34.79 -7.37
C GLN A 1589 -29.97 -33.35 -6.93
N GLY A 1590 -30.28 -32.51 -7.91
CA GLY A 1590 -30.60 -31.12 -7.70
C GLY A 1590 -32.08 -30.91 -7.91
N TYR A 1591 -32.44 -30.53 -9.12
CA TYR A 1591 -33.78 -30.28 -9.65
C TYR A 1591 -34.30 -28.91 -9.27
N THR A 1592 -33.59 -28.16 -8.45
CA THR A 1592 -33.85 -26.73 -8.38
C THR A 1592 -32.70 -25.91 -8.90
N ILE A 1593 -31.47 -26.40 -8.75
CA ILE A 1593 -30.35 -25.85 -9.48
C ILE A 1593 -30.47 -26.21 -10.95
N ARG A 1594 -30.82 -27.46 -11.26
CA ARG A 1594 -30.88 -27.89 -12.65
C ARG A 1594 -31.95 -27.14 -13.42
N ILE A 1595 -33.10 -26.88 -12.81
CA ILE A 1595 -34.14 -26.16 -13.53
C ILE A 1595 -33.67 -24.75 -13.86
N LEU A 1596 -33.04 -24.06 -12.91
CA LEU A 1596 -32.48 -22.75 -13.23
C LEU A 1596 -31.47 -22.84 -14.35
N LEU A 1597 -30.52 -23.76 -14.26
CA LEU A 1597 -29.48 -23.82 -15.27
C LEU A 1597 -30.08 -24.07 -16.65
N TRP A 1598 -30.98 -25.03 -16.75
CA TRP A 1598 -31.62 -25.30 -18.02
C TRP A 1598 -32.37 -24.09 -18.52
N THR A 1599 -33.15 -23.47 -17.63
CA THR A 1599 -33.98 -22.35 -18.05
C THR A 1599 -33.14 -21.20 -18.56
N PHE A 1600 -32.05 -20.88 -17.88
CA PHE A 1600 -31.24 -19.74 -18.24
C PHE A 1600 -30.24 -20.05 -19.33
N VAL A 1601 -29.98 -21.31 -19.64
CA VAL A 1601 -29.13 -21.64 -20.76
C VAL A 1601 -29.93 -21.78 -22.05
N GLN A 1602 -31.16 -22.25 -21.96
CA GLN A 1602 -32.05 -22.20 -23.11
C GLN A 1602 -32.18 -20.79 -23.64
N SER A 1603 -32.41 -19.82 -22.77
CA SER A 1603 -32.59 -18.45 -23.24
C SER A 1603 -31.29 -17.83 -23.69
N PHE A 1604 -30.15 -18.41 -23.38
CA PHE A 1604 -28.92 -18.06 -24.07
C PHE A 1604 -28.84 -18.68 -25.45
N LYS A 1605 -29.50 -19.82 -25.67
CA LYS A 1605 -29.52 -20.39 -27.02
C LYS A 1605 -30.49 -19.68 -27.94
N ALA A 1606 -31.41 -18.90 -27.39
CA ALA A 1606 -32.36 -18.16 -28.21
C ALA A 1606 -31.93 -16.74 -28.48
N LEU A 1607 -30.71 -16.36 -28.10
CA LEU A 1607 -30.18 -15.03 -28.38
C LEU A 1607 -28.77 -15.16 -28.96
N PRO A 1608 -28.63 -15.82 -30.10
CA PRO A 1608 -27.29 -15.99 -30.67
C PRO A 1608 -26.71 -14.72 -31.26
N TYR A 1609 -27.52 -13.70 -31.44
CA TYR A 1609 -27.05 -12.44 -32.00
C TYR A 1609 -26.87 -11.36 -30.94
N VAL A 1610 -27.47 -11.49 -29.77
CA VAL A 1610 -27.24 -10.52 -28.72
C VAL A 1610 -25.81 -10.64 -28.20
N CYS A 1611 -25.32 -11.88 -28.08
CA CYS A 1611 -23.90 -12.09 -27.84
C CYS A 1611 -23.14 -12.35 -29.13
N LEU A 1612 -23.39 -11.53 -30.14
CA LEU A 1612 -22.55 -11.42 -31.32
C LEU A 1612 -22.26 -9.95 -31.45
N LEU A 1613 -23.18 -9.13 -30.93
CA LEU A 1613 -22.90 -7.71 -30.81
C LEU A 1613 -21.79 -7.46 -29.80
N ILE A 1614 -21.74 -8.22 -28.71
CA ILE A 1614 -20.66 -8.04 -27.76
C ILE A 1614 -19.35 -8.55 -28.32
N ALA A 1615 -19.38 -9.66 -29.05
CA ALA A 1615 -18.18 -10.11 -29.72
C ALA A 1615 -17.72 -9.10 -30.76
N MET A 1616 -18.65 -8.44 -31.42
CA MET A 1616 -18.27 -7.43 -32.41
C MET A 1616 -17.73 -6.17 -31.76
N LEU A 1617 -18.30 -5.76 -30.63
CA LEU A 1617 -17.71 -4.69 -29.85
C LEU A 1617 -16.28 -5.02 -29.47
N PHE A 1618 -16.05 -6.21 -28.91
CA PHE A 1618 -14.72 -6.58 -28.49
C PHE A 1618 -13.77 -6.63 -29.67
N PHE A 1619 -14.25 -7.12 -30.81
CA PHE A 1619 -13.42 -7.17 -32.00
C PHE A 1619 -13.04 -5.78 -32.48
N ILE A 1620 -14.00 -4.88 -32.58
CA ILE A 1620 -13.73 -3.52 -33.06
C ILE A 1620 -12.72 -2.84 -32.16
N TYR A 1621 -12.91 -2.96 -30.86
CA TYR A 1621 -11.99 -2.29 -29.95
C TYR A 1621 -10.64 -2.96 -29.88
N ALA A 1622 -10.58 -4.28 -30.05
CA ALA A 1622 -9.30 -4.94 -30.10
C ALA A 1622 -8.51 -4.51 -31.31
N ILE A 1623 -9.17 -4.35 -32.45
CA ILE A 1623 -8.46 -3.91 -33.65
C ILE A 1623 -8.01 -2.47 -33.52
N ILE A 1624 -8.87 -1.60 -33.02
CA ILE A 1624 -8.44 -0.22 -32.79
C ILE A 1624 -7.25 -0.19 -31.86
N GLY A 1625 -7.29 -1.00 -30.80
CA GLY A 1625 -6.18 -1.01 -29.88
C GLY A 1625 -4.89 -1.46 -30.53
N MET A 1626 -4.96 -2.52 -31.31
CA MET A 1626 -3.76 -2.99 -31.99
C MET A 1626 -3.19 -1.91 -32.89
N GLN A 1627 -4.04 -1.21 -33.64
CA GLN A 1627 -3.53 -0.17 -34.52
C GLN A 1627 -2.86 0.93 -33.72
N VAL A 1628 -3.53 1.42 -32.68
CA VAL A 1628 -3.15 2.67 -32.06
C VAL A 1628 -2.10 2.48 -30.97
N PHE A 1629 -2.31 1.55 -30.04
CA PHE A 1629 -1.39 1.30 -28.94
C PHE A 1629 -0.58 0.05 -29.14
N GLY A 1630 -0.47 -0.44 -30.37
CA GLY A 1630 0.20 -1.71 -30.59
C GLY A 1630 1.70 -1.65 -30.45
N ASN A 1631 2.30 -0.49 -30.60
CA ASN A 1631 3.76 -0.40 -30.61
C ASN A 1631 4.30 0.39 -29.43
N ILE A 1632 3.54 0.49 -28.34
CA ILE A 1632 4.10 1.04 -27.13
C ILE A 1632 5.19 0.11 -26.62
N LYS A 1633 6.30 0.67 -26.20
CA LYS A 1633 7.37 -0.15 -25.66
C LYS A 1633 6.96 -0.72 -24.31
N LEU A 1634 7.09 -2.04 -24.16
CA LEU A 1634 6.67 -2.67 -22.93
C LEU A 1634 7.60 -2.27 -21.79
N ASP A 1635 7.02 -1.90 -20.67
CA ASP A 1635 7.76 -1.49 -19.50
C ASP A 1635 7.13 -2.18 -18.29
N GLU A 1636 7.91 -2.97 -17.57
CA GLU A 1636 7.34 -3.73 -16.46
C GLU A 1636 6.95 -2.82 -15.31
N GLU A 1637 7.39 -1.57 -15.32
CA GLU A 1637 6.96 -0.63 -14.29
C GLU A 1637 5.56 -0.10 -14.56
N SER A 1638 5.14 -0.08 -15.81
CA SER A 1638 3.84 0.44 -16.20
C SER A 1638 2.83 -0.70 -16.25
N HIS A 1639 1.67 -0.46 -16.84
CA HIS A 1639 0.65 -1.48 -16.99
C HIS A 1639 0.54 -1.99 -18.40
N ILE A 1640 1.42 -1.57 -19.31
CA ILE A 1640 1.64 -2.27 -20.56
C ILE A 1640 2.82 -3.21 -20.37
N ASN A 1641 2.56 -4.38 -19.81
CA ASN A 1641 3.58 -5.33 -19.40
C ASN A 1641 3.85 -6.31 -20.52
N ARG A 1642 4.52 -7.41 -20.19
CA ARG A 1642 4.52 -8.56 -21.06
C ARG A 1642 3.24 -9.35 -20.95
N HIS A 1643 2.48 -9.12 -19.89
CA HIS A 1643 1.15 -9.70 -19.72
C HIS A 1643 0.07 -8.89 -20.39
N ASN A 1644 0.13 -7.58 -20.27
CA ASN A 1644 -0.98 -6.71 -20.60
C ASN A 1644 -0.54 -5.77 -21.71
N ASN A 1645 -0.74 -6.14 -22.96
CA ASN A 1645 -0.31 -5.24 -24.02
C ASN A 1645 -1.22 -5.41 -25.21
N PHE A 1646 -1.22 -4.39 -26.07
CA PHE A 1646 -2.00 -4.42 -27.30
C PHE A 1646 -1.19 -4.95 -28.46
N ARG A 1647 -0.14 -5.70 -28.17
CA ARG A 1647 0.79 -6.09 -29.21
C ARG A 1647 0.19 -7.11 -30.18
N SER A 1648 -0.82 -7.86 -29.78
CA SER A 1648 -1.37 -8.90 -30.61
C SER A 1648 -2.88 -8.89 -30.48
N PHE A 1649 -3.55 -9.60 -31.38
CA PHE A 1649 -5.00 -9.60 -31.34
C PHE A 1649 -5.49 -10.22 -30.05
N PHE A 1650 -4.91 -11.35 -29.66
CA PHE A 1650 -5.37 -12.02 -28.46
C PHE A 1650 -4.86 -11.33 -27.20
N GLY A 1651 -3.67 -10.73 -27.26
CA GLY A 1651 -3.24 -9.89 -26.16
C GLY A 1651 -4.12 -8.69 -25.94
N SER A 1652 -4.56 -8.03 -27.00
CA SER A 1652 -5.49 -6.94 -26.85
C SER A 1652 -6.88 -7.41 -26.45
N LEU A 1653 -7.29 -8.60 -26.88
CA LEU A 1653 -8.55 -9.15 -26.41
C LEU A 1653 -8.51 -9.43 -24.92
N MET A 1654 -7.39 -9.96 -24.43
CA MET A 1654 -7.24 -10.15 -23.00
C MET A 1654 -7.20 -8.82 -22.26
N LEU A 1655 -6.54 -7.82 -22.83
CA LEU A 1655 -6.54 -6.51 -22.19
C LEU A 1655 -7.95 -5.96 -22.08
N LEU A 1656 -8.74 -6.11 -23.13
CA LEU A 1656 -10.08 -5.57 -23.11
C LEU A 1656 -10.98 -6.35 -22.18
N PHE A 1657 -10.83 -7.66 -22.11
CA PHE A 1657 -11.60 -8.42 -21.15
C PHE A 1657 -11.21 -8.05 -19.72
N ARG A 1658 -9.92 -7.91 -19.47
CA ARG A 1658 -9.46 -7.45 -18.17
C ARG A 1658 -10.09 -6.13 -17.78
N SER A 1659 -10.19 -5.20 -18.73
CA SER A 1659 -10.80 -3.92 -18.42
C SER A 1659 -12.30 -4.02 -18.22
N ALA A 1660 -12.97 -4.81 -19.05
CA ALA A 1660 -14.41 -4.99 -18.93
C ALA A 1660 -14.77 -5.49 -17.54
N THR A 1661 -14.07 -6.48 -17.06
CA THR A 1661 -14.23 -6.98 -15.71
C THR A 1661 -13.67 -6.05 -14.67
N GLY A 1662 -13.33 -4.82 -15.05
CA GLY A 1662 -12.95 -3.79 -14.12
C GLY A 1662 -11.73 -4.14 -13.33
N GLU A 1663 -10.56 -4.15 -13.96
CA GLU A 1663 -9.34 -4.61 -13.31
C GLU A 1663 -8.24 -3.61 -13.65
N ALA A 1664 -8.16 -2.53 -12.87
CA ALA A 1664 -7.19 -1.48 -13.09
C ALA A 1664 -7.16 -1.00 -14.54
N TRP A 1665 -8.34 -0.83 -15.13
CA TRP A 1665 -8.42 -0.29 -16.48
C TRP A 1665 -7.92 1.14 -16.55
N GLN A 1666 -8.13 1.88 -15.47
CA GLN A 1666 -7.68 3.26 -15.36
C GLN A 1666 -6.18 3.40 -15.54
N GLU A 1667 -5.40 2.46 -15.03
CA GLU A 1667 -3.96 2.50 -15.20
C GLU A 1667 -3.49 2.00 -16.53
N ILE A 1668 -4.19 1.08 -17.18
CA ILE A 1668 -3.90 0.82 -18.58
C ILE A 1668 -4.15 2.07 -19.40
N MET A 1669 -5.25 2.76 -19.13
CA MET A 1669 -5.53 4.00 -19.84
C MET A 1669 -4.43 4.99 -19.63
N LEU A 1670 -3.95 5.13 -18.41
CA LEU A 1670 -2.89 6.09 -18.15
C LEU A 1670 -1.57 5.66 -18.74
N SER A 1671 -1.31 4.38 -18.87
CA SER A 1671 -0.04 3.95 -19.43
C SER A 1671 -0.09 3.75 -20.92
N CYS A 1672 -1.22 4.04 -21.55
CA CYS A 1672 -1.35 4.09 -23.00
C CYS A 1672 -1.29 5.50 -23.53
N LEU A 1673 -1.09 6.50 -22.68
CA LEU A 1673 -1.21 7.89 -23.09
C LEU A 1673 -0.02 8.30 -23.94
N GLY A 1674 0.01 9.57 -24.31
CA GLY A 1674 0.97 10.02 -25.28
C GLY A 1674 2.38 10.04 -24.74
N GLU A 1675 3.33 10.18 -25.66
CA GLU A 1675 4.75 10.36 -25.37
C GLU A 1675 5.42 9.12 -24.80
N LYS A 1676 4.79 7.95 -24.88
CA LYS A 1676 5.41 6.76 -24.36
C LYS A 1676 6.52 6.29 -25.30
N GLY A 1677 7.32 5.34 -24.84
CA GLY A 1677 8.40 4.82 -25.65
C GLY A 1677 7.86 4.14 -26.88
N CYS A 1678 8.74 3.44 -27.58
CA CYS A 1678 8.27 2.79 -28.79
C CYS A 1678 9.12 1.57 -29.07
N GLU A 1679 8.52 0.60 -29.76
CA GLU A 1679 9.22 -0.64 -30.04
C GLU A 1679 10.22 -0.46 -31.18
N PRO A 1680 11.30 -1.25 -31.19
CA PRO A 1680 12.36 -1.05 -32.18
C PRO A 1680 11.91 -1.22 -33.63
N ASP A 1681 10.94 -2.09 -33.89
CA ASP A 1681 10.34 -2.33 -35.20
C ASP A 1681 11.25 -3.13 -36.12
N THR A 1682 12.55 -3.21 -35.80
CA THR A 1682 13.53 -4.04 -36.50
C THR A 1682 13.29 -4.17 -38.00
N THR A 1683 12.76 -3.11 -38.64
CA THR A 1683 12.46 -3.19 -40.05
C THR A 1683 12.70 -1.82 -40.72
N ALA A 1684 13.19 -0.85 -39.96
CA ALA A 1684 13.33 0.48 -40.51
C ALA A 1684 14.63 1.11 -40.02
N PRO A 1685 15.25 1.96 -40.84
CA PRO A 1685 16.49 2.64 -40.41
C PRO A 1685 16.25 3.97 -39.71
N SER A 1686 15.08 4.56 -39.90
CA SER A 1686 14.78 5.88 -39.36
C SER A 1686 13.74 5.79 -38.25
N GLY A 1687 13.56 6.92 -37.57
CA GLY A 1687 12.66 6.97 -36.43
C GLY A 1687 13.15 6.17 -35.25
N GLN A 1688 14.47 6.14 -35.03
CA GLN A 1688 15.00 5.44 -33.87
C GLN A 1688 14.90 6.29 -32.62
N ASN A 1689 15.52 7.48 -32.65
CA ASN A 1689 15.44 8.39 -31.52
C ASN A 1689 14.13 9.15 -31.50
N GLU A 1690 13.66 9.57 -32.66
CA GLU A 1690 12.38 10.25 -32.76
C GLU A 1690 11.26 9.21 -32.62
N ASN A 1691 10.03 9.65 -32.91
CA ASN A 1691 8.84 8.83 -32.69
C ASN A 1691 8.89 8.20 -31.31
N GLU A 1692 9.47 8.94 -30.36
CA GLU A 1692 9.30 8.67 -28.95
C GLU A 1692 7.91 9.05 -28.53
N ARG A 1693 7.04 9.31 -29.50
CA ARG A 1693 5.62 9.48 -29.30
C ARG A 1693 4.93 8.28 -29.92
N CYS A 1694 4.80 7.20 -29.16
CA CYS A 1694 4.01 6.06 -29.58
C CYS A 1694 2.89 5.72 -28.60
N GLY A 1695 2.44 6.68 -27.83
CA GLY A 1695 1.16 6.59 -27.15
C GLY A 1695 0.08 7.24 -27.97
N THR A 1696 -0.91 7.80 -27.28
CA THR A 1696 -1.82 8.80 -27.82
C THR A 1696 -2.77 9.20 -26.73
N ASP A 1697 -3.28 10.41 -26.79
CA ASP A 1697 -4.24 10.88 -25.81
C ASP A 1697 -5.66 10.58 -26.19
N LEU A 1698 -5.88 9.73 -27.16
CA LEU A 1698 -7.20 9.17 -27.39
C LEU A 1698 -7.50 8.01 -26.47
N ALA A 1699 -6.51 7.60 -25.67
CA ALA A 1699 -6.74 6.59 -24.65
C ALA A 1699 -7.94 6.94 -23.79
N TYR A 1700 -8.07 8.21 -23.41
CA TYR A 1700 -9.20 8.62 -22.60
C TYR A 1700 -10.51 8.28 -23.29
N VAL A 1701 -10.62 8.55 -24.57
CA VAL A 1701 -11.84 8.20 -25.29
C VAL A 1701 -11.94 6.69 -25.47
N TYR A 1702 -10.81 6.03 -25.63
CA TYR A 1702 -10.81 4.62 -25.94
C TYR A 1702 -11.25 3.79 -24.75
N PHE A 1703 -10.90 4.22 -23.55
CA PHE A 1703 -11.25 3.45 -22.37
C PHE A 1703 -12.47 3.97 -21.65
N VAL A 1704 -12.77 5.26 -21.74
CA VAL A 1704 -14.00 5.74 -21.14
C VAL A 1704 -15.19 5.26 -21.94
N SER A 1705 -15.03 5.09 -23.25
CA SER A 1705 -16.16 4.67 -24.08
C SER A 1705 -16.39 3.18 -23.98
N PHE A 1706 -15.34 2.38 -24.10
CA PHE A 1706 -15.49 0.94 -23.98
C PHE A 1706 -16.14 0.57 -22.67
N ILE A 1707 -15.69 1.17 -21.57
CA ILE A 1707 -16.29 0.89 -20.28
C ILE A 1707 -17.74 1.30 -20.26
N PHE A 1708 -18.11 2.33 -21.02
CA PHE A 1708 -19.54 2.63 -21.12
C PHE A 1708 -20.24 1.70 -22.09
N PHE A 1709 -19.60 1.24 -23.15
CA PHE A 1709 -20.29 0.37 -24.09
C PHE A 1709 -20.39 -1.04 -23.57
N CYS A 1710 -19.27 -1.61 -23.15
CA CYS A 1710 -19.31 -2.97 -22.64
C CYS A 1710 -20.21 -3.08 -21.43
N SER A 1711 -20.27 -2.05 -20.59
CA SER A 1711 -21.17 -2.10 -19.44
C SER A 1711 -22.61 -1.90 -19.82
N PHE A 1712 -22.88 -1.35 -21.00
CA PHE A 1712 -24.24 -1.21 -21.48
C PHE A 1712 -24.66 -2.39 -22.33
N LEU A 1713 -23.83 -2.78 -23.30
CA LEU A 1713 -24.14 -3.93 -24.13
C LEU A 1713 -24.24 -5.21 -23.33
N MET A 1714 -23.63 -5.26 -22.16
CA MET A 1714 -23.83 -6.42 -21.31
C MET A 1714 -25.15 -6.34 -20.59
N LEU A 1715 -25.51 -5.15 -20.12
CA LEU A 1715 -26.79 -4.99 -19.46
C LEU A 1715 -27.93 -5.49 -20.33
N ASN A 1716 -27.92 -5.10 -21.61
CA ASN A 1716 -28.92 -5.62 -22.54
C ASN A 1716 -28.89 -7.13 -22.57
N LEU A 1717 -27.72 -7.72 -22.80
CA LEU A 1717 -27.64 -9.18 -22.81
C LEU A 1717 -28.18 -9.76 -21.53
N PHE A 1718 -28.03 -9.06 -20.42
CA PHE A 1718 -28.62 -9.55 -19.18
C PHE A 1718 -30.12 -9.48 -19.25
N VAL A 1719 -30.66 -8.30 -19.55
CA VAL A 1719 -32.10 -8.14 -19.53
C VAL A 1719 -32.74 -8.98 -20.62
N ALA A 1720 -32.16 -9.01 -21.81
CA ALA A 1720 -32.68 -9.83 -22.88
C ALA A 1720 -32.77 -11.29 -22.47
N VAL A 1721 -31.96 -11.73 -21.52
CA VAL A 1721 -32.11 -13.09 -21.03
C VAL A 1721 -33.16 -13.15 -19.96
N ILE A 1722 -33.11 -12.21 -19.02
CA ILE A 1722 -34.05 -12.22 -17.90
C ILE A 1722 -35.46 -12.19 -18.41
N MET A 1723 -35.77 -11.21 -19.25
CA MET A 1723 -37.11 -11.07 -19.79
C MET A 1723 -37.49 -12.23 -20.68
N ASP A 1724 -36.52 -12.99 -21.16
CA ASP A 1724 -36.85 -14.20 -21.88
C ASP A 1724 -37.50 -15.23 -20.98
N ASN A 1725 -36.99 -15.37 -19.75
CA ASN A 1725 -37.48 -16.34 -18.80
C ASN A 1725 -38.38 -15.73 -17.76
N PHE A 1726 -39.01 -14.62 -18.05
CA PHE A 1726 -39.73 -13.94 -17.00
C PHE A 1726 -40.92 -14.75 -16.55
N GLU A 1727 -41.34 -15.74 -17.32
CA GLU A 1727 -42.41 -16.62 -16.87
C GLU A 1727 -41.90 -17.60 -15.84
N TYR A 1728 -40.69 -18.11 -16.01
CA TYR A 1728 -40.12 -18.98 -14.99
C TYR A 1728 -39.83 -18.21 -13.72
N LEU A 1729 -39.37 -16.98 -13.85
CA LEU A 1729 -38.93 -16.23 -12.69
C LEU A 1729 -40.06 -15.59 -11.93
N THR A 1730 -41.23 -15.45 -12.53
CA THR A 1730 -42.43 -15.06 -11.82
C THR A 1730 -43.40 -16.21 -11.66
N ARG A 1731 -42.92 -17.44 -11.73
CA ARG A 1731 -43.80 -18.58 -11.52
C ARG A 1731 -44.34 -18.54 -10.10
N ASP A 1732 -45.54 -19.07 -9.94
CA ASP A 1732 -46.19 -19.06 -8.65
C ASP A 1732 -46.90 -20.41 -8.46
N SER A 1733 -47.10 -20.76 -7.20
CA SER A 1733 -47.86 -21.98 -6.90
C SER A 1733 -49.32 -21.82 -7.27
N SER A 1734 -49.87 -20.61 -7.09
CA SER A 1734 -51.25 -20.38 -7.51
C SER A 1734 -51.41 -20.51 -9.02
N ILE A 1735 -50.59 -19.80 -9.77
CA ILE A 1735 -50.76 -19.70 -11.22
C ILE A 1735 -50.05 -20.88 -11.89
N LEU A 1736 -50.76 -21.61 -12.74
CA LEU A 1736 -50.14 -22.74 -13.41
C LEU A 1736 -49.16 -22.27 -14.47
N GLY A 1737 -47.98 -22.86 -14.45
CA GLY A 1737 -47.13 -22.97 -15.60
C GLY A 1737 -46.80 -24.42 -15.76
N PRO A 1738 -45.97 -24.76 -16.74
CA PRO A 1738 -45.56 -26.16 -16.89
C PRO A 1738 -44.86 -26.74 -15.67
N HIS A 1739 -44.50 -25.90 -14.69
CA HIS A 1739 -43.79 -26.38 -13.51
C HIS A 1739 -44.60 -27.41 -12.74
N HIS A 1740 -45.90 -27.16 -12.56
CA HIS A 1740 -46.76 -28.17 -11.94
C HIS A 1740 -47.13 -29.28 -12.91
N LEU A 1741 -47.05 -29.00 -14.20
CA LEU A 1741 -47.79 -29.78 -15.18
C LEU A 1741 -47.13 -31.11 -15.48
N ASP A 1742 -45.85 -31.27 -15.15
CA ASP A 1742 -45.20 -32.55 -15.35
C ASP A 1742 -45.48 -33.55 -14.24
N GLU A 1743 -46.02 -33.10 -13.10
CA GLU A 1743 -46.47 -34.02 -12.06
C GLU A 1743 -47.56 -34.94 -12.59
N PHE A 1744 -48.31 -34.45 -13.58
CA PHE A 1744 -49.37 -35.24 -14.18
C PHE A 1744 -48.82 -36.49 -14.85
N VAL A 1745 -47.67 -36.36 -15.51
CA VAL A 1745 -47.02 -37.53 -16.10
C VAL A 1745 -46.65 -38.55 -15.02
N ARG A 1746 -46.09 -38.07 -13.92
CA ARG A 1746 -45.67 -38.98 -12.85
C ARG A 1746 -46.87 -39.74 -12.28
N VAL A 1747 -47.93 -39.01 -11.91
CA VAL A 1747 -49.08 -39.67 -11.30
C VAL A 1747 -49.76 -40.57 -12.32
N TRP A 1748 -49.72 -40.21 -13.61
CA TRP A 1748 -50.30 -41.07 -14.63
C TRP A 1748 -49.53 -42.37 -14.73
N ALA A 1749 -48.21 -42.27 -14.89
CA ALA A 1749 -47.42 -43.48 -15.07
C ALA A 1749 -47.55 -44.40 -13.87
N GLU A 1750 -47.51 -43.85 -12.66
CA GLU A 1750 -47.55 -44.71 -11.48
C GLU A 1750 -48.96 -45.25 -11.26
N TYR A 1751 -49.93 -44.36 -11.08
CA TYR A 1751 -51.26 -44.78 -10.65
C TYR A 1751 -52.11 -45.37 -11.75
N ASP A 1752 -51.78 -45.15 -13.02
CA ASP A 1752 -52.61 -45.71 -14.06
C ASP A 1752 -51.87 -46.63 -15.02
N ARG A 1753 -50.73 -46.19 -15.57
CA ARG A 1753 -50.07 -46.89 -16.67
C ARG A 1753 -51.04 -47.12 -17.82
N ALA A 1754 -51.80 -46.07 -18.16
CA ALA A 1754 -52.95 -46.22 -19.05
C ALA A 1754 -52.53 -46.55 -20.48
N ALA A 1755 -51.57 -45.80 -21.03
CA ALA A 1755 -51.18 -45.91 -22.43
C ALA A 1755 -52.38 -45.67 -23.36
N CYS A 1756 -52.86 -44.42 -23.32
CA CYS A 1756 -53.95 -43.93 -24.16
C CYS A 1756 -55.27 -44.64 -23.87
N GLY A 1757 -55.78 -44.48 -22.64
CA GLY A 1757 -57.04 -45.06 -22.25
C GLY A 1757 -57.04 -45.55 -20.82
N ARG A 1758 -57.46 -46.81 -20.63
CA ARG A 1758 -57.24 -47.61 -19.42
C ARG A 1758 -57.37 -46.80 -18.14
N ILE A 1759 -58.51 -46.11 -18.01
CA ILE A 1759 -58.78 -45.28 -16.80
C ILE A 1759 -60.25 -45.44 -16.43
N HIS A 1760 -61.14 -45.38 -17.44
CA HIS A 1760 -62.61 -45.52 -17.19
C HIS A 1760 -63.11 -44.28 -16.44
N TYR A 1761 -62.59 -44.03 -15.24
CA TYR A 1761 -63.04 -42.89 -14.41
C TYR A 1761 -62.41 -43.00 -13.02
N THR A 1762 -62.19 -44.23 -12.55
CA THR A 1762 -61.63 -44.45 -11.19
C THR A 1762 -60.30 -43.70 -11.07
N GLU A 1763 -59.45 -43.76 -12.10
CA GLU A 1763 -58.12 -43.10 -12.05
C GLU A 1763 -58.31 -41.60 -11.86
N MET A 1764 -59.34 -41.01 -12.48
CA MET A 1764 -59.63 -39.56 -12.30
C MET A 1764 -59.59 -39.22 -10.81
N TYR A 1765 -60.62 -39.64 -10.06
CA TYR A 1765 -60.62 -39.43 -8.63
C TYR A 1765 -59.58 -40.29 -7.92
N GLU A 1766 -58.92 -41.21 -8.61
CA GLU A 1766 -57.69 -41.77 -8.04
C GLU A 1766 -56.51 -40.83 -8.28
N MET A 1767 -56.64 -39.91 -9.22
CA MET A 1767 -55.61 -38.91 -9.51
C MET A 1767 -55.75 -37.66 -8.66
N LEU A 1768 -56.87 -36.95 -8.84
CA LEU A 1768 -56.99 -35.57 -8.42
C LEU A 1768 -57.13 -35.45 -6.91
N THR A 1769 -57.50 -36.54 -6.25
CA THR A 1769 -57.84 -36.50 -4.84
C THR A 1769 -56.62 -36.62 -3.95
N LEU A 1770 -55.45 -36.66 -4.53
CA LEU A 1770 -54.26 -36.76 -3.70
C LEU A 1770 -53.25 -35.66 -4.01
N MET A 1771 -53.06 -35.31 -5.27
CA MET A 1771 -51.94 -34.48 -5.66
C MET A 1771 -52.26 -32.99 -5.47
N SER A 1772 -51.20 -32.17 -5.46
CA SER A 1772 -51.27 -30.81 -4.98
C SER A 1772 -52.30 -30.01 -5.76
N PRO A 1773 -52.91 -29.00 -5.15
CA PRO A 1773 -54.04 -28.31 -5.78
C PRO A 1773 -53.65 -27.06 -6.55
N PRO A 1774 -52.73 -27.13 -7.52
CA PRO A 1774 -52.84 -26.18 -8.63
C PRO A 1774 -53.55 -26.82 -9.81
N LEU A 1775 -53.76 -28.13 -9.75
CA LEU A 1775 -54.44 -28.84 -10.81
C LEU A 1775 -55.92 -29.09 -10.49
N GLY A 1776 -56.37 -28.75 -9.28
CA GLY A 1776 -57.74 -29.02 -8.92
C GLY A 1776 -57.94 -29.51 -7.49
N LEU A 1777 -58.50 -30.71 -7.37
CA LEU A 1777 -59.06 -31.23 -6.13
C LEU A 1777 -58.06 -31.27 -4.97
N GLY A 1778 -57.03 -32.10 -5.07
CA GLY A 1778 -56.13 -32.30 -3.95
C GLY A 1778 -56.73 -33.25 -2.92
N LYS A 1779 -55.95 -33.50 -1.87
CA LYS A 1779 -56.36 -34.49 -0.87
C LYS A 1779 -57.51 -33.96 -0.01
N ARG A 1780 -57.41 -32.73 0.47
CA ARG A 1780 -58.36 -32.22 1.45
C ARG A 1780 -59.68 -31.80 0.83
N CYS A 1781 -59.87 -32.04 -0.46
CA CYS A 1781 -61.09 -31.64 -1.17
C CYS A 1781 -61.67 -32.79 -1.99
N PRO A 1782 -62.02 -33.93 -1.35
CA PRO A 1782 -62.82 -34.97 -2.01
C PRO A 1782 -64.32 -34.84 -1.74
N SER A 1783 -64.86 -33.65 -2.00
CA SER A 1783 -66.22 -33.33 -1.57
C SER A 1783 -67.06 -32.80 -2.71
N LYS A 1784 -68.21 -32.20 -2.40
CA LYS A 1784 -69.01 -31.56 -3.44
C LYS A 1784 -68.27 -30.41 -4.11
N VAL A 1785 -67.24 -29.85 -3.48
CA VAL A 1785 -66.39 -28.88 -4.16
C VAL A 1785 -65.70 -29.56 -5.33
N ALA A 1786 -65.19 -30.77 -5.11
CA ALA A 1786 -64.68 -31.56 -6.22
C ALA A 1786 -65.77 -31.86 -7.24
N TYR A 1787 -66.99 -32.13 -6.76
CA TYR A 1787 -68.12 -32.38 -7.65
C TYR A 1787 -68.35 -31.20 -8.59
N LYS A 1788 -68.38 -29.98 -8.04
CA LYS A 1788 -68.63 -28.80 -8.84
C LYS A 1788 -67.42 -28.40 -9.67
N ARG A 1789 -66.23 -28.92 -9.36
CA ARG A 1789 -65.15 -28.81 -10.32
C ARG A 1789 -65.36 -29.77 -11.49
N LEU A 1790 -65.63 -31.04 -11.20
CA LEU A 1790 -65.81 -32.01 -12.27
C LEU A 1790 -66.95 -31.63 -13.20
N VAL A 1791 -68.00 -30.99 -12.69
CA VAL A 1791 -69.11 -30.64 -13.56
C VAL A 1791 -68.72 -29.55 -14.55
N LEU A 1792 -67.56 -28.92 -14.35
CA LEU A 1792 -67.01 -27.97 -15.31
C LEU A 1792 -66.09 -28.65 -16.33
N MET A 1793 -65.71 -29.91 -16.09
CA MET A 1793 -64.88 -30.63 -17.03
C MET A 1793 -65.76 -31.67 -17.72
N ASN A 1794 -65.77 -31.62 -19.04
CA ASN A 1794 -66.64 -32.49 -19.81
C ASN A 1794 -65.90 -32.88 -21.09
N MET A 1795 -65.84 -34.17 -21.37
CA MET A 1795 -65.00 -34.68 -22.43
C MET A 1795 -65.37 -36.11 -22.79
N PRO A 1796 -65.21 -36.51 -24.05
CA PRO A 1796 -65.84 -37.75 -24.53
C PRO A 1796 -65.20 -39.02 -23.98
N VAL A 1797 -65.64 -40.14 -24.55
CA VAL A 1797 -65.44 -41.45 -23.97
C VAL A 1797 -64.77 -42.36 -25.01
N ALA A 1798 -64.40 -43.55 -24.58
CA ALA A 1798 -63.65 -44.48 -25.42
C ALA A 1798 -64.16 -45.89 -25.14
N GLU A 1799 -63.39 -46.89 -25.60
CA GLU A 1799 -63.82 -48.28 -25.60
C GLU A 1799 -64.40 -48.75 -24.26
N ASP A 1800 -63.64 -48.64 -23.18
CA ASP A 1800 -64.03 -49.12 -21.86
C ASP A 1800 -64.52 -47.98 -20.98
N MET A 1801 -65.23 -47.02 -21.57
CA MET A 1801 -65.64 -45.80 -20.89
C MET A 1801 -64.42 -44.97 -20.49
N THR A 1802 -63.32 -45.15 -21.22
CA THR A 1802 -62.04 -44.55 -20.93
C THR A 1802 -61.90 -43.22 -21.66
N VAL A 1803 -60.76 -42.58 -21.47
CA VAL A 1803 -60.43 -41.29 -22.08
C VAL A 1803 -58.95 -41.29 -22.46
N HIS A 1804 -58.54 -40.26 -23.19
CA HIS A 1804 -57.17 -40.14 -23.66
C HIS A 1804 -56.30 -39.48 -22.60
N PHE A 1805 -54.99 -39.49 -22.87
CA PHE A 1805 -54.05 -38.79 -22.02
C PHE A 1805 -54.20 -37.27 -22.15
N THR A 1806 -53.91 -36.74 -23.34
CA THR A 1806 -53.86 -35.30 -23.50
C THR A 1806 -55.23 -34.65 -23.47
N SER A 1807 -56.29 -35.41 -23.74
CA SER A 1807 -57.63 -34.89 -23.52
C SER A 1807 -57.80 -34.52 -22.05
N THR A 1808 -57.43 -35.43 -21.15
CA THR A 1808 -57.45 -35.15 -19.73
C THR A 1808 -56.48 -34.03 -19.37
N LEU A 1809 -55.35 -33.97 -20.07
CA LEU A 1809 -54.38 -32.91 -19.82
C LEU A 1809 -54.99 -31.54 -20.04
N MET A 1810 -55.58 -31.32 -21.22
CA MET A 1810 -56.31 -30.07 -21.46
C MET A 1810 -57.47 -29.91 -20.48
N ALA A 1811 -58.10 -30.99 -20.07
CA ALA A 1811 -59.21 -30.87 -19.12
C ALA A 1811 -58.72 -30.20 -17.83
N LEU A 1812 -57.67 -30.75 -17.24
CA LEU A 1812 -57.09 -30.14 -16.04
C LEU A 1812 -56.61 -28.72 -16.32
N ILE A 1813 -55.91 -28.52 -17.45
CA ILE A 1813 -55.31 -27.22 -17.75
C ILE A 1813 -56.37 -26.15 -17.82
N ARG A 1814 -57.43 -26.39 -18.58
CA ARG A 1814 -58.47 -25.38 -18.75
C ARG A 1814 -59.33 -25.26 -17.51
N THR A 1815 -59.60 -26.36 -16.80
CA THR A 1815 -60.40 -26.25 -15.60
C THR A 1815 -59.66 -25.53 -14.50
N ALA A 1816 -58.33 -25.44 -14.60
CA ALA A 1816 -57.57 -24.69 -13.61
C ALA A 1816 -57.32 -23.25 -14.05
N LEU A 1817 -56.90 -23.06 -15.29
CA LEU A 1817 -56.60 -21.73 -15.83
C LEU A 1817 -57.81 -21.03 -16.43
N ASP A 1818 -58.94 -21.73 -16.60
CA ASP A 1818 -60.13 -21.17 -17.25
C ASP A 1818 -59.82 -20.70 -18.67
N ILE A 1819 -59.50 -21.67 -19.53
CA ILE A 1819 -59.17 -21.40 -20.93
C ILE A 1819 -60.38 -21.83 -21.76
N LYS A 1820 -61.29 -20.89 -22.02
CA LYS A 1820 -62.43 -21.07 -22.93
C LYS A 1820 -63.30 -22.26 -22.52
N ILE A 1821 -63.94 -22.12 -21.36
CA ILE A 1821 -64.86 -23.13 -20.83
C ILE A 1821 -66.16 -22.43 -20.47
N ALA A 1822 -67.28 -23.05 -20.81
CA ALA A 1822 -68.62 -22.59 -20.44
C ALA A 1822 -69.14 -23.42 -19.26
N LYS A 1823 -70.42 -23.23 -18.95
CA LYS A 1823 -71.05 -24.01 -17.90
C LYS A 1823 -71.71 -25.28 -18.41
N GLY A 1824 -71.77 -25.46 -19.72
CA GLY A 1824 -72.30 -26.69 -20.28
C GLY A 1824 -72.91 -26.45 -21.65
N GLY A 1825 -73.64 -27.47 -22.11
CA GLY A 1825 -74.45 -27.37 -23.30
C GLY A 1825 -73.66 -27.12 -24.57
N ALA A 1826 -74.37 -26.75 -25.64
CA ALA A 1826 -73.71 -26.37 -26.88
C ALA A 1826 -72.89 -25.10 -26.71
N ASP A 1827 -73.10 -24.40 -25.60
CA ASP A 1827 -72.30 -23.21 -25.29
C ASP A 1827 -70.83 -23.57 -25.11
N ARG A 1828 -70.58 -24.66 -24.37
CA ARG A 1828 -69.19 -25.08 -24.19
C ARG A 1828 -68.61 -25.63 -25.47
N GLN A 1829 -69.45 -26.20 -26.35
CA GLN A 1829 -68.93 -26.71 -27.62
C GLN A 1829 -68.62 -25.59 -28.60
N GLN A 1830 -69.40 -24.50 -28.57
CA GLN A 1830 -69.04 -23.35 -29.41
C GLN A 1830 -67.84 -22.61 -28.86
N LEU A 1831 -67.71 -22.55 -27.53
CA LEU A 1831 -66.46 -22.06 -26.96
C LEU A 1831 -65.29 -22.96 -27.36
N ASP A 1832 -65.54 -24.27 -27.41
CA ASP A 1832 -64.53 -25.22 -27.84
C ASP A 1832 -64.18 -25.04 -29.31
N SER A 1833 -65.15 -24.63 -30.12
CA SER A 1833 -64.88 -24.30 -31.52
C SER A 1833 -63.99 -23.07 -31.61
N GLU A 1834 -64.27 -22.07 -30.76
CA GLU A 1834 -63.38 -20.92 -30.66
C GLU A 1834 -61.97 -21.36 -30.29
N LEU A 1835 -61.87 -22.25 -29.30
CA LEU A 1835 -60.58 -22.74 -28.85
C LEU A 1835 -59.87 -23.51 -29.95
N GLN A 1836 -60.60 -24.30 -30.72
CA GLN A 1836 -60.01 -25.04 -31.82
C GLN A 1836 -59.48 -24.09 -32.88
N LYS A 1837 -60.24 -23.03 -33.16
CA LYS A 1837 -59.76 -22.02 -34.10
C LYS A 1837 -58.48 -21.37 -33.59
N GLU A 1838 -58.43 -21.06 -32.29
CA GLU A 1838 -57.25 -20.45 -31.72
C GLU A 1838 -56.05 -21.40 -31.79
N THR A 1839 -56.27 -22.68 -31.50
CA THR A 1839 -55.20 -23.66 -31.55
C THR A 1839 -54.64 -23.80 -32.96
N LEU A 1840 -55.53 -23.87 -33.96
CA LEU A 1840 -55.04 -23.87 -35.33
C LEU A 1840 -54.32 -22.58 -35.66
N ALA A 1841 -54.76 -21.46 -35.10
CA ALA A 1841 -54.12 -20.18 -35.36
C ALA A 1841 -52.70 -20.14 -34.82
N ILE A 1842 -52.48 -20.71 -33.64
CA ILE A 1842 -51.14 -20.81 -33.08
C ILE A 1842 -50.39 -21.89 -33.84
N TRP A 1843 -50.88 -23.11 -33.75
CA TRP A 1843 -50.22 -24.28 -34.35
C TRP A 1843 -51.02 -24.79 -35.54
N PRO A 1844 -50.52 -24.62 -36.77
CA PRO A 1844 -51.09 -25.36 -37.90
C PRO A 1844 -50.55 -26.77 -38.04
N HIS A 1845 -49.44 -27.11 -37.40
CA HIS A 1845 -48.78 -28.40 -37.59
C HIS A 1845 -49.47 -29.55 -36.88
N LEU A 1846 -50.63 -29.30 -36.28
CA LEU A 1846 -51.36 -30.35 -35.57
C LEU A 1846 -52.33 -31.01 -36.53
N SER A 1847 -52.11 -32.29 -36.81
CA SER A 1847 -53.04 -33.03 -37.65
C SER A 1847 -54.37 -33.21 -36.94
N GLN A 1848 -55.44 -33.29 -37.73
CA GLN A 1848 -56.78 -33.37 -37.16
C GLN A 1848 -56.96 -34.63 -36.31
N LYS A 1849 -56.09 -35.63 -36.47
CA LYS A 1849 -56.07 -36.73 -35.52
C LYS A 1849 -55.62 -36.23 -34.14
N MET A 1850 -54.41 -35.70 -34.05
CA MET A 1850 -53.94 -35.05 -32.83
C MET A 1850 -54.75 -33.81 -32.47
N LEU A 1851 -55.17 -33.02 -33.46
CA LEU A 1851 -55.95 -31.81 -33.17
C LEU A 1851 -57.31 -32.16 -32.57
N ASP A 1852 -58.04 -33.07 -33.23
CA ASP A 1852 -59.27 -33.59 -32.67
C ASP A 1852 -59.03 -34.19 -31.30
N LEU A 1853 -57.86 -34.77 -31.08
CA LEU A 1853 -57.54 -35.26 -29.75
C LEU A 1853 -57.46 -34.12 -28.75
N LEU A 1854 -56.88 -32.99 -29.15
CA LEU A 1854 -56.79 -31.83 -28.27
C LEU A 1854 -58.10 -31.06 -28.16
N VAL A 1855 -58.94 -31.13 -29.19
CA VAL A 1855 -60.31 -30.60 -29.12
C VAL A 1855 -61.24 -31.80 -29.22
N PRO A 1856 -61.43 -32.53 -28.13
CA PRO A 1856 -62.11 -33.83 -28.22
C PRO A 1856 -63.56 -33.75 -28.62
N MET A 1857 -64.15 -32.55 -28.66
CA MET A 1857 -65.49 -32.32 -29.19
C MET A 1857 -66.53 -33.14 -28.43
N PRO A 1858 -66.81 -32.80 -27.17
CA PRO A 1858 -67.84 -33.53 -26.43
C PRO A 1858 -69.24 -33.01 -26.73
N LYS A 1859 -69.87 -33.55 -27.77
CA LYS A 1859 -71.21 -33.11 -28.12
C LYS A 1859 -72.21 -33.44 -27.01
N ALA A 1860 -73.34 -32.73 -27.03
CA ALA A 1860 -74.33 -32.85 -25.97
C ALA A 1860 -74.91 -34.27 -25.91
N SER A 1861 -75.18 -34.86 -27.07
CA SER A 1861 -75.69 -36.23 -27.10
C SER A 1861 -74.70 -37.21 -26.48
N ASP A 1862 -73.43 -37.08 -26.83
CA ASP A 1862 -72.42 -38.01 -26.35
C ASP A 1862 -72.13 -37.72 -24.87
N LEU A 1863 -72.43 -38.69 -24.01
CA LEU A 1863 -72.18 -38.51 -22.58
C LEU A 1863 -70.69 -38.50 -22.29
N THR A 1864 -70.32 -37.80 -21.23
CA THR A 1864 -68.94 -37.65 -20.82
C THR A 1864 -68.57 -38.68 -19.75
N VAL A 1865 -67.27 -38.69 -19.43
CA VAL A 1865 -66.84 -39.26 -18.16
C VAL A 1865 -67.02 -38.26 -17.03
N GLY A 1866 -67.44 -37.03 -17.36
CA GLY A 1866 -67.75 -36.06 -16.31
C GLY A 1866 -69.18 -36.17 -15.83
N LYS A 1867 -70.12 -36.31 -16.76
CA LYS A 1867 -71.53 -36.47 -16.42
C LYS A 1867 -71.89 -37.95 -16.27
N ILE A 1868 -71.23 -38.61 -15.33
CA ILE A 1868 -71.56 -39.97 -14.94
C ILE A 1868 -71.89 -40.06 -13.45
N TYR A 1869 -70.93 -39.69 -12.59
CA TYR A 1869 -71.19 -39.61 -11.16
C TYR A 1869 -71.92 -38.33 -10.78
N ALA A 1870 -71.94 -37.32 -11.66
CA ALA A 1870 -72.68 -36.11 -11.37
C ALA A 1870 -74.18 -36.37 -11.36
N ALA A 1871 -74.68 -37.09 -12.36
CA ALA A 1871 -76.10 -37.44 -12.42
C ALA A 1871 -76.30 -38.90 -12.06
N PRO B 227 -90.50 33.41 -21.05
CA PRO B 227 -89.46 34.29 -21.58
C PRO B 227 -89.09 33.95 -23.02
N SER B 228 -88.61 34.94 -23.77
CA SER B 228 -88.16 34.69 -25.14
C SER B 228 -86.97 33.75 -25.16
N MET B 229 -86.03 33.94 -24.22
CA MET B 229 -84.87 33.07 -24.10
C MET B 229 -84.71 32.68 -22.64
N ARG B 230 -84.25 31.45 -22.41
CA ARG B 230 -84.16 30.95 -21.05
C ARG B 230 -83.13 31.75 -20.25
N PRO B 231 -83.45 32.15 -19.02
CA PRO B 231 -82.49 32.89 -18.21
C PRO B 231 -81.35 31.99 -17.77
N ILE B 232 -80.24 32.63 -17.42
CA ILE B 232 -79.00 31.91 -17.15
C ILE B 232 -78.68 31.98 -15.66
N ILE B 233 -78.63 30.81 -15.01
CA ILE B 233 -78.19 30.69 -13.63
C ILE B 233 -77.19 29.54 -13.55
N LEU B 234 -76.07 29.77 -12.88
CA LEU B 234 -75.03 28.77 -12.68
C LEU B 234 -74.89 28.51 -11.18
N VAL B 235 -74.57 27.27 -10.83
CA VAL B 235 -74.57 26.84 -9.43
C VAL B 235 -73.76 25.55 -9.33
N GLY B 236 -73.37 25.20 -8.11
CA GLY B 236 -72.87 23.87 -7.83
C GLY B 236 -71.70 23.72 -6.87
N PRO B 237 -70.72 24.64 -6.88
CA PRO B 237 -69.63 24.50 -5.90
C PRO B 237 -70.10 24.56 -4.47
N SER B 238 -70.73 25.66 -4.07
CA SER B 238 -71.18 25.85 -2.69
C SER B 238 -72.05 27.10 -2.67
N LEU B 239 -72.46 27.48 -1.45
CA LEU B 239 -73.28 28.68 -1.26
C LEU B 239 -72.61 29.90 -1.87
N LYS B 240 -73.35 30.61 -2.71
CA LYS B 240 -72.85 31.86 -3.24
C LYS B 240 -72.73 32.86 -2.10
N GLY B 241 -71.64 33.60 -2.10
CA GLY B 241 -71.23 34.37 -0.95
C GLY B 241 -70.04 33.80 -0.21
N TYR B 242 -69.68 32.55 -0.48
CA TYR B 242 -68.41 32.02 -0.04
C TYR B 242 -67.43 32.07 -1.21
N GLU B 243 -66.23 32.58 -0.95
CA GLU B 243 -65.36 33.05 -2.03
C GLU B 243 -64.99 31.94 -3.00
N VAL B 244 -65.09 30.69 -2.58
CA VAL B 244 -64.87 29.58 -3.51
C VAL B 244 -65.87 29.66 -4.64
N THR B 245 -67.17 29.55 -4.31
CA THR B 245 -68.20 29.66 -5.31
C THR B 245 -68.17 31.02 -5.97
N ASP B 246 -67.92 32.08 -5.19
CA ASP B 246 -67.86 33.42 -5.77
C ASP B 246 -66.85 33.47 -6.90
N MET B 247 -65.63 33.03 -6.63
CA MET B 247 -64.58 33.13 -7.62
C MET B 247 -64.83 32.22 -8.80
N MET B 248 -65.41 31.04 -8.55
CA MET B 248 -65.68 30.13 -9.66
C MET B 248 -66.69 30.74 -10.63
N GLN B 249 -67.83 31.17 -10.08
CA GLN B 249 -68.89 31.76 -10.89
C GLN B 249 -68.40 33.03 -11.56
N LYS B 250 -67.63 33.85 -10.83
CA LYS B 250 -67.12 35.09 -11.39
C LYS B 250 -66.16 34.81 -12.53
N ALA B 251 -65.30 33.79 -12.40
CA ALA B 251 -64.39 33.46 -13.48
C ALA B 251 -65.16 33.07 -14.73
N LEU B 252 -66.18 32.23 -14.57
CA LEU B 252 -66.92 31.82 -15.76
C LEU B 252 -67.76 32.96 -16.33
N PHE B 253 -68.34 33.80 -15.47
CA PHE B 253 -69.11 34.94 -15.94
C PHE B 253 -68.22 35.96 -16.64
N ASP B 254 -67.02 36.18 -16.11
CA ASP B 254 -66.09 37.10 -16.74
C ASP B 254 -65.61 36.55 -18.08
N PHE B 255 -65.46 35.23 -18.19
CA PHE B 255 -65.22 34.63 -19.49
C PHE B 255 -66.38 34.92 -20.44
N LEU B 256 -67.61 34.72 -19.94
CA LEU B 256 -68.79 34.98 -20.75
C LEU B 256 -68.80 36.41 -21.26
N LYS B 257 -68.44 37.36 -20.39
CA LYS B 257 -68.32 38.75 -20.77
C LYS B 257 -67.26 38.91 -21.85
N HIS B 258 -66.00 38.68 -21.49
CA HIS B 258 -64.91 39.10 -22.36
C HIS B 258 -64.94 38.38 -23.70
N ARG B 259 -65.20 37.06 -23.68
CA ARG B 259 -65.20 36.31 -24.92
C ARG B 259 -66.40 36.67 -25.79
N PHE B 260 -67.55 36.95 -25.17
CA PHE B 260 -68.78 37.26 -25.88
C PHE B 260 -69.23 38.70 -25.63
N ASP B 261 -68.26 39.61 -25.50
CA ASP B 261 -68.59 40.99 -25.17
C ASP B 261 -69.21 41.67 -26.39
N GLY B 262 -70.51 41.93 -26.30
CA GLY B 262 -71.29 42.39 -27.43
C GLY B 262 -72.52 41.57 -27.73
N ARG B 263 -72.82 40.54 -26.92
CA ARG B 263 -74.07 39.79 -27.06
C ARG B 263 -74.78 39.51 -25.74
N ILE B 264 -74.09 39.55 -24.60
CA ILE B 264 -74.63 39.13 -23.31
C ILE B 264 -74.47 40.27 -22.32
N SER B 265 -75.37 40.33 -21.33
CA SER B 265 -75.27 41.26 -20.22
C SER B 265 -75.44 40.53 -18.90
N ILE B 266 -74.52 40.77 -17.97
CA ILE B 266 -74.56 40.16 -16.65
C ILE B 266 -75.28 41.10 -15.68
N THR B 267 -76.22 40.57 -14.92
CA THR B 267 -76.97 41.33 -13.93
C THR B 267 -76.87 40.65 -12.58
N ARG B 268 -77.01 41.44 -11.52
CA ARG B 268 -76.80 41.00 -10.15
C ARG B 268 -78.11 41.03 -9.39
N VAL B 269 -78.43 39.93 -8.71
CA VAL B 269 -79.66 39.78 -7.94
C VAL B 269 -79.29 39.64 -6.48
N THR B 270 -79.80 40.54 -5.65
CA THR B 270 -79.63 40.46 -4.19
C THR B 270 -80.93 40.12 -3.46
N ALA B 271 -81.92 39.59 -4.18
CA ALA B 271 -83.22 39.28 -3.61
C ALA B 271 -83.48 37.78 -3.66
N ASP B 272 -84.52 37.36 -2.94
CA ASP B 272 -84.91 35.96 -2.89
C ASP B 272 -85.99 35.70 -3.92
N ILE B 273 -85.61 35.08 -5.03
CA ILE B 273 -86.59 34.76 -6.08
C ILE B 273 -87.49 33.61 -5.65
N SER B 274 -87.08 32.82 -4.66
CA SER B 274 -87.96 31.81 -4.09
C SER B 274 -89.12 32.43 -3.32
N LEU B 275 -89.03 33.72 -2.98
CA LEU B 275 -90.14 34.44 -2.36
C LEU B 275 -91.01 35.16 -3.37
N ALA B 276 -90.72 35.05 -4.66
CA ALA B 276 -91.57 35.66 -5.68
C ALA B 276 -92.87 34.89 -5.80
N GLU B 301 -91.11 44.38 -3.06
CA GLU B 301 -89.82 44.48 -3.72
C GLU B 301 -89.42 43.16 -4.35
N VAL B 302 -90.03 42.08 -3.84
CA VAL B 302 -89.57 40.74 -4.18
C VAL B 302 -89.89 40.41 -5.64
N GLN B 303 -91.14 40.64 -6.05
CA GLN B 303 -91.58 40.30 -7.39
C GLN B 303 -91.45 41.47 -8.37
N SER B 304 -90.89 42.60 -7.93
CA SER B 304 -90.70 43.73 -8.84
C SER B 304 -89.56 43.48 -9.80
N GLU B 305 -88.67 42.54 -9.50
CA GLU B 305 -87.50 42.29 -10.32
C GLU B 305 -87.75 41.27 -11.42
N ILE B 306 -88.81 40.47 -11.33
CA ILE B 306 -89.04 39.44 -12.34
C ILE B 306 -89.43 40.07 -13.67
N GLU B 307 -90.17 41.18 -13.63
CA GLU B 307 -90.48 41.89 -14.86
C GLU B 307 -89.23 42.45 -15.52
N ARG B 308 -88.31 42.96 -14.70
CA ARG B 308 -87.01 43.37 -15.23
C ARG B 308 -86.27 42.19 -15.86
N ILE B 309 -86.30 41.03 -15.18
CA ILE B 309 -85.68 39.83 -15.74
C ILE B 309 -86.30 39.50 -17.09
N PHE B 310 -87.62 39.60 -17.18
CA PHE B 310 -88.32 39.32 -18.44
C PHE B 310 -87.89 40.31 -19.52
N GLU B 311 -87.77 41.59 -19.18
CA GLU B 311 -87.52 42.60 -20.21
C GLU B 311 -86.07 42.60 -20.68
N LEU B 312 -85.10 42.26 -19.83
CA LEU B 312 -83.78 41.99 -20.37
C LEU B 312 -83.81 40.79 -21.31
N ALA B 313 -84.55 39.75 -20.94
CA ALA B 313 -84.70 38.58 -21.78
C ALA B 313 -85.54 38.84 -23.03
N ARG B 314 -86.21 39.99 -23.11
CA ARG B 314 -87.05 40.34 -24.24
C ARG B 314 -86.35 41.28 -25.21
N THR B 315 -85.03 41.43 -25.09
CA THR B 315 -84.24 42.31 -25.95
C THR B 315 -83.34 41.54 -26.91
N LEU B 316 -83.56 40.23 -27.06
CA LEU B 316 -82.76 39.39 -27.97
C LEU B 316 -81.26 39.53 -27.70
N GLN B 317 -80.89 39.49 -26.43
CA GLN B 317 -79.49 39.39 -26.02
C GLN B 317 -79.42 38.64 -24.70
N LEU B 318 -78.43 37.77 -24.56
CA LEU B 318 -78.40 36.85 -23.43
C LEU B 318 -78.17 37.61 -22.13
N VAL B 319 -78.84 37.15 -21.07
CA VAL B 319 -78.76 37.76 -19.76
C VAL B 319 -78.50 36.68 -18.73
N ALA B 320 -77.30 36.69 -18.16
CA ALA B 320 -76.92 35.73 -17.13
C ALA B 320 -77.21 36.34 -15.77
N LEU B 321 -77.74 35.53 -14.87
CA LEU B 321 -78.15 35.99 -13.55
C LEU B 321 -77.03 35.74 -12.55
N ASP B 322 -76.66 36.77 -11.80
CA ASP B 322 -75.77 36.60 -10.65
C ASP B 322 -76.60 36.50 -9.37
N ALA B 323 -77.46 35.48 -9.33
CA ALA B 323 -78.30 35.26 -8.17
C ALA B 323 -77.43 35.04 -6.94
N ASP B 324 -77.99 35.37 -5.77
CA ASP B 324 -77.22 35.34 -4.53
C ASP B 324 -77.90 34.53 -3.44
N THR B 325 -78.90 33.73 -3.78
CA THR B 325 -79.62 32.97 -2.75
C THR B 325 -79.89 31.53 -3.11
N ILE B 326 -79.80 31.12 -4.36
CA ILE B 326 -80.27 29.81 -4.81
C ILE B 326 -79.07 28.92 -5.08
N ASN B 327 -79.00 27.81 -4.35
CA ASN B 327 -77.93 26.84 -4.57
C ASN B 327 -78.49 25.42 -4.63
N HIS B 328 -79.73 25.27 -5.05
CA HIS B 328 -80.34 23.95 -5.12
C HIS B 328 -81.13 23.87 -6.41
N PRO B 329 -81.35 22.68 -6.94
CA PRO B 329 -82.27 22.53 -8.05
C PRO B 329 -83.72 22.48 -7.58
N ALA B 330 -83.92 21.93 -6.38
CA ALA B 330 -85.24 21.92 -5.77
C ALA B 330 -85.66 23.27 -5.23
N GLN B 331 -84.70 24.17 -5.00
CA GLN B 331 -85.03 25.47 -4.43
C GLN B 331 -85.77 26.34 -5.44
N LEU B 332 -85.68 26.02 -6.73
CA LEU B 332 -86.34 26.80 -7.76
C LEU B 332 -87.17 25.85 -8.61
N SER B 333 -87.99 25.03 -7.96
CA SER B 333 -88.86 24.09 -8.66
C SER B 333 -90.29 24.60 -8.78
N LYS B 334 -90.53 25.88 -8.48
CA LYS B 334 -91.87 26.46 -8.54
C LYS B 334 -92.01 27.61 -9.51
N THR B 335 -90.96 28.41 -9.69
CA THR B 335 -91.06 29.60 -10.51
C THR B 335 -91.24 29.25 -11.98
N SER B 336 -91.72 30.22 -12.75
CA SER B 336 -91.92 30.08 -14.18
C SER B 336 -90.72 30.57 -14.99
N LEU B 337 -89.61 30.93 -14.33
CA LEU B 337 -88.47 31.50 -15.06
C LEU B 337 -87.89 30.49 -16.04
N ALA B 338 -87.87 29.22 -15.66
CA ALA B 338 -87.29 28.15 -16.48
C ALA B 338 -85.87 28.49 -16.93
N PRO B 339 -84.94 28.66 -16.00
CA PRO B 339 -83.57 29.03 -16.38
C PRO B 339 -82.82 27.85 -16.98
N ILE B 340 -81.77 28.18 -17.72
CA ILE B 340 -80.79 27.17 -18.12
C ILE B 340 -79.82 26.99 -16.96
N ILE B 341 -79.78 25.78 -16.42
CA ILE B 341 -79.10 25.52 -15.15
C ILE B 341 -77.80 24.80 -15.48
N VAL B 342 -76.69 25.41 -15.10
CA VAL B 342 -75.38 24.81 -15.29
C VAL B 342 -74.87 24.35 -13.93
N TYR B 343 -74.50 23.07 -13.85
CA TYR B 343 -74.09 22.45 -12.60
C TYR B 343 -72.57 22.45 -12.56
N ILE B 344 -72.00 23.39 -11.81
CA ILE B 344 -70.55 23.40 -11.62
C ILE B 344 -70.23 22.38 -10.55
N LYS B 345 -69.98 21.15 -10.97
CA LYS B 345 -69.88 19.99 -10.10
C LYS B 345 -68.43 19.74 -9.72
N ILE B 346 -68.23 19.01 -8.63
CA ILE B 346 -66.93 18.48 -8.23
C ILE B 346 -67.13 17.02 -7.88
N THR B 347 -66.58 16.13 -8.72
CA THR B 347 -66.91 14.71 -8.67
C THR B 347 -66.25 13.97 -7.53
N SER B 348 -65.58 14.68 -6.62
CA SER B 348 -64.91 14.04 -5.49
C SER B 348 -64.81 15.04 -4.35
N PRO B 349 -65.19 14.66 -3.13
CA PRO B 349 -65.23 15.66 -2.05
C PRO B 349 -63.87 16.16 -1.61
N LYS B 350 -62.87 15.27 -1.54
CA LYS B 350 -61.63 15.63 -0.85
C LYS B 350 -60.97 16.84 -1.50
N VAL B 351 -60.99 16.90 -2.83
CA VAL B 351 -60.50 18.11 -3.49
C VAL B 351 -61.31 19.32 -3.05
N LEU B 352 -62.59 19.14 -2.75
CA LEU B 352 -63.37 20.28 -2.29
C LEU B 352 -62.87 20.77 -0.95
N GLN B 353 -62.71 19.88 0.03
CA GLN B 353 -62.26 20.39 1.32
C GLN B 353 -60.84 20.94 1.25
N ARG B 354 -59.97 20.35 0.42
CA ARG B 354 -58.64 20.95 0.23
C ARG B 354 -58.75 22.34 -0.40
N LEU B 355 -59.67 22.53 -1.35
CA LEU B 355 -59.86 23.86 -1.90
C LEU B 355 -60.35 24.82 -0.83
N ILE B 356 -61.24 24.36 0.05
CA ILE B 356 -61.82 25.24 1.07
C ILE B 356 -60.76 25.69 2.06
N LYS B 357 -59.99 24.74 2.64
CA LYS B 357 -58.89 25.17 3.50
C LYS B 357 -57.85 25.95 2.71
N SER B 358 -57.80 25.74 1.40
CA SER B 358 -56.74 26.39 0.64
C SER B 358 -56.91 27.89 0.62
N ARG B 359 -58.13 28.39 0.80
CA ARG B 359 -58.41 29.81 0.65
C ARG B 359 -58.19 30.52 1.99
N GLY B 360 -56.93 30.83 2.26
CA GLY B 360 -56.62 31.58 3.45
C GLY B 360 -56.88 30.77 4.71
N LYS B 361 -57.53 31.42 5.69
CA LYS B 361 -57.95 30.73 6.91
C LYS B 361 -59.39 30.98 7.32
N SER B 362 -59.97 32.14 7.00
CA SER B 362 -61.23 32.54 7.63
C SER B 362 -62.34 31.53 7.33
N GLN B 363 -62.44 31.10 6.08
CA GLN B 363 -63.48 30.17 5.69
C GLN B 363 -63.26 28.77 6.23
N SER B 364 -62.10 28.49 6.80
CA SER B 364 -61.93 27.25 7.53
C SER B 364 -62.88 27.19 8.71
N LYS B 365 -63.42 28.34 9.13
CA LYS B 365 -64.50 28.38 10.11
C LYS B 365 -65.85 28.10 9.48
N HIS B 366 -65.89 27.82 8.18
CA HIS B 366 -67.11 27.43 7.50
C HIS B 366 -67.01 26.07 6.81
N LEU B 367 -65.96 25.30 7.06
CA LEU B 367 -65.72 24.09 6.27
C LEU B 367 -66.82 23.06 6.51
N ASN B 368 -67.09 22.75 7.77
CA ASN B 368 -68.01 21.67 8.12
C ASN B 368 -69.37 21.89 7.49
N VAL B 369 -69.84 23.13 7.50
CA VAL B 369 -71.21 23.44 7.08
C VAL B 369 -71.31 23.54 5.56
N GLN B 370 -70.26 24.05 4.92
CA GLN B 370 -70.22 24.08 3.46
C GLN B 370 -70.19 22.66 2.90
N ILE B 371 -69.50 21.77 3.60
CA ILE B 371 -69.42 20.39 3.15
C ILE B 371 -70.81 19.78 3.08
N ALA B 372 -71.68 20.14 4.04
CA ALA B 372 -73.03 19.61 4.04
C ALA B 372 -73.78 20.02 2.79
N ALA B 373 -73.67 21.30 2.42
CA ALA B 373 -74.34 21.78 1.22
C ALA B 373 -73.80 21.09 -0.02
N SER B 374 -72.48 20.97 -0.13
CA SER B 374 -71.88 20.34 -1.30
C SER B 374 -72.29 18.88 -1.41
N GLU B 375 -72.27 18.16 -0.29
CA GLU B 375 -72.65 16.76 -0.29
C GLU B 375 -74.12 16.61 -0.67
N LYS B 376 -74.99 17.46 -0.12
CA LYS B 376 -76.41 17.38 -0.47
C LYS B 376 -76.64 17.70 -1.93
N LEU B 377 -75.90 18.67 -2.47
CA LEU B 377 -75.88 18.90 -3.91
C LEU B 377 -75.51 17.64 -4.68
N ALA B 378 -74.57 16.86 -4.17
CA ALA B 378 -74.18 15.63 -4.84
C ALA B 378 -75.34 14.64 -4.91
N GLN B 379 -76.31 14.76 -4.00
CA GLN B 379 -77.48 13.89 -4.02
C GLN B 379 -78.66 14.50 -4.76
N CYS B 380 -78.53 15.73 -5.27
CA CYS B 380 -79.59 16.33 -6.05
C CYS B 380 -79.70 15.64 -7.41
N PRO B 381 -80.90 15.57 -7.98
CA PRO B 381 -81.10 14.83 -9.23
C PRO B 381 -80.28 15.41 -10.38
N PRO B 382 -79.70 14.56 -11.23
CA PRO B 382 -78.88 15.09 -12.33
C PRO B 382 -79.68 15.83 -13.38
N GLU B 383 -80.83 15.29 -13.78
CA GLU B 383 -81.68 15.91 -14.80
C GLU B 383 -82.13 17.31 -14.42
N MET B 384 -82.13 17.64 -13.13
CA MET B 384 -82.46 18.98 -12.68
C MET B 384 -81.46 20.02 -13.16
N PHE B 385 -80.46 19.62 -13.93
CA PHE B 385 -79.41 20.50 -14.39
C PHE B 385 -79.30 20.40 -15.90
N ASP B 386 -79.33 21.54 -16.59
CA ASP B 386 -79.18 21.50 -18.03
C ASP B 386 -77.77 21.11 -18.44
N ILE B 387 -76.76 21.67 -17.78
CA ILE B 387 -75.37 21.45 -18.12
C ILE B 387 -74.60 21.06 -16.86
N ILE B 388 -73.74 20.06 -17.00
CA ILE B 388 -72.82 19.64 -15.94
C ILE B 388 -71.47 20.27 -16.21
N LEU B 389 -70.89 20.90 -15.19
CA LEU B 389 -69.55 21.48 -15.28
C LEU B 389 -68.70 20.87 -14.17
N ASP B 390 -67.87 19.90 -14.52
CA ASP B 390 -67.01 19.24 -13.55
C ASP B 390 -65.56 19.15 -14.01
N GLU B 391 -65.30 19.21 -15.30
CA GLU B 391 -63.96 18.98 -15.81
C GLU B 391 -62.99 20.05 -15.30
N ASN B 392 -61.78 19.59 -14.99
CA ASN B 392 -60.88 20.34 -14.11
C ASN B 392 -60.48 21.68 -14.70
N GLN B 393 -60.23 21.73 -16.00
CA GLN B 393 -59.62 22.89 -16.61
C GLN B 393 -60.64 23.97 -16.95
N LEU B 394 -60.16 25.22 -16.97
CA LEU B 394 -61.00 26.34 -17.36
C LEU B 394 -61.23 26.37 -18.85
N GLU B 395 -60.20 26.12 -19.65
CA GLU B 395 -60.33 26.21 -21.09
C GLU B 395 -61.40 25.26 -21.60
N ASP B 396 -61.37 24.02 -21.12
CA ASP B 396 -62.29 23.03 -21.64
C ASP B 396 -63.72 23.30 -21.17
N ALA B 397 -63.89 23.69 -19.92
CA ALA B 397 -65.25 24.00 -19.45
C ALA B 397 -65.81 25.21 -20.18
N CYS B 398 -64.97 26.22 -20.41
CA CYS B 398 -65.39 27.38 -21.19
C CYS B 398 -65.77 26.96 -22.60
N GLU B 399 -65.02 26.04 -23.19
CA GLU B 399 -65.40 25.54 -24.50
C GLU B 399 -66.73 24.82 -24.44
N HIS B 400 -66.97 24.05 -23.39
CA HIS B 400 -68.22 23.32 -23.24
C HIS B 400 -69.40 24.28 -23.21
N LEU B 401 -69.25 25.35 -22.43
CA LEU B 401 -70.31 26.36 -22.35
C LEU B 401 -70.47 27.09 -23.67
N ALA B 402 -69.36 27.41 -24.35
CA ALA B 402 -69.44 28.06 -25.64
C ALA B 402 -70.19 27.19 -26.64
N GLU B 403 -69.92 25.88 -26.63
CA GLU B 403 -70.62 24.97 -27.52
C GLU B 403 -72.11 24.98 -27.25
N TYR B 404 -72.50 24.78 -25.98
CA TYR B 404 -73.93 24.67 -25.70
C TYR B 404 -74.65 25.98 -25.99
N LEU B 405 -74.05 27.12 -25.61
CA LEU B 405 -74.72 28.40 -25.81
C LEU B 405 -74.67 28.87 -27.26
N GLU B 406 -73.66 28.48 -28.05
CA GLU B 406 -73.71 28.76 -29.46
C GLU B 406 -74.78 27.92 -30.15
N ALA B 407 -74.97 26.67 -29.70
CA ALA B 407 -76.10 25.89 -30.17
C ALA B 407 -77.42 26.56 -29.81
N TYR B 408 -77.51 27.08 -28.59
CA TYR B 408 -78.72 27.78 -28.17
C TYR B 408 -78.97 29.01 -29.04
N TRP B 409 -77.93 29.79 -29.30
CA TRP B 409 -78.07 31.02 -30.06
C TRP B 409 -78.42 30.73 -31.51
N LYS B 410 -77.86 29.67 -32.08
CA LYS B 410 -78.24 29.25 -33.41
C LYS B 410 -79.68 28.76 -33.46
N ALA B 411 -80.14 28.10 -32.39
CA ALA B 411 -81.52 27.61 -32.36
C ALA B 411 -82.52 28.75 -32.33
N THR B 412 -82.11 29.94 -31.88
CA THR B 412 -82.96 31.13 -31.91
C THR B 412 -82.21 32.31 -32.49
N PHE C 27 65.41 -42.16 32.98
CA PHE C 27 65.74 -40.88 33.59
C PHE C 27 67.23 -40.73 33.79
N PRO C 28 67.87 -39.86 33.00
CA PRO C 28 69.25 -39.49 33.30
C PRO C 28 69.30 -38.70 34.61
N SER C 29 70.42 -38.81 35.31
CA SER C 29 70.53 -38.13 36.60
C SER C 29 70.50 -36.62 36.41
N ALA C 30 69.98 -35.94 37.43
CA ALA C 30 69.88 -34.48 37.37
C ALA C 30 71.24 -33.84 37.17
N VAL C 31 72.27 -34.38 37.83
CA VAL C 31 73.62 -33.91 37.62
C VAL C 31 74.10 -34.23 36.22
N THR C 32 73.69 -35.39 35.69
CA THR C 32 74.11 -35.75 34.34
C THR C 32 73.52 -34.80 33.29
N ILE C 33 72.22 -34.54 33.37
CA ILE C 33 71.64 -33.57 32.45
C ILE C 33 72.15 -32.17 32.74
N LYS C 34 72.55 -31.88 33.98
CA LYS C 34 73.24 -30.63 34.25
C LYS C 34 74.54 -30.55 33.45
N SER C 35 75.28 -31.67 33.39
CA SER C 35 76.47 -31.70 32.57
C SER C 35 76.13 -31.55 31.09
N TRP C 36 75.02 -32.14 30.66
CA TRP C 36 74.56 -31.96 29.30
C TRP C 36 74.36 -30.48 28.99
N VAL C 37 73.68 -29.79 29.89
CA VAL C 37 73.37 -28.37 29.70
C VAL C 37 74.64 -27.55 29.73
N ASP C 38 75.56 -27.84 30.64
CA ASP C 38 76.83 -27.14 30.63
C ASP C 38 77.50 -27.29 29.28
N LYS C 39 77.59 -28.53 28.78
CA LYS C 39 78.23 -28.79 27.51
C LYS C 39 77.58 -27.97 26.40
N MET C 40 76.26 -28.08 26.25
CA MET C 40 75.63 -27.47 25.09
C MET C 40 75.46 -25.96 25.22
N GLN C 41 75.27 -25.43 26.43
CA GLN C 41 75.29 -23.98 26.59
C GLN C 41 76.67 -23.43 26.30
N GLU C 42 77.72 -24.14 26.70
CA GLU C 42 79.06 -23.74 26.32
C GLU C 42 79.22 -23.76 24.80
N ASP C 43 78.71 -24.81 24.17
CA ASP C 43 78.80 -24.91 22.71
C ASP C 43 78.13 -23.73 22.04
N LEU C 44 76.87 -23.47 22.37
CA LEU C 44 76.12 -22.41 21.71
C LEU C 44 76.71 -21.04 22.02
N VAL C 45 77.02 -20.77 23.29
CA VAL C 45 77.54 -19.47 23.68
C VAL C 45 78.88 -19.20 22.99
N THR C 46 79.77 -20.19 23.01
CA THR C 46 81.05 -20.02 22.33
C THR C 46 80.86 -19.83 20.84
N LEU C 47 79.98 -20.64 20.22
CA LEU C 47 79.75 -20.52 18.79
C LEU C 47 79.28 -19.12 18.43
N ALA C 48 78.34 -18.58 19.20
CA ALA C 48 77.83 -17.26 18.89
C ALA C 48 78.87 -16.19 19.15
N LYS C 49 79.51 -16.20 20.32
CA LYS C 49 80.43 -15.13 20.65
C LYS C 49 81.68 -15.16 19.78
N THR C 50 81.94 -16.27 19.11
CA THR C 50 83.09 -16.36 18.22
C THR C 50 82.71 -16.19 16.75
N ALA C 51 81.47 -16.49 16.38
CA ALA C 51 81.03 -16.31 15.00
C ALA C 51 80.50 -14.90 14.75
N SER C 52 79.84 -14.32 15.73
CA SER C 52 79.34 -12.95 15.59
C SER C 52 80.48 -11.94 15.56
N GLY C 53 81.42 -12.05 16.49
CA GLY C 53 82.44 -11.06 16.63
C GLY C 53 82.04 -9.96 17.59
N VAL C 54 81.50 -10.35 18.75
CA VAL C 54 81.10 -9.36 19.74
C VAL C 54 82.30 -8.55 20.20
N ASN C 55 83.31 -9.24 20.72
CA ASN C 55 84.47 -8.54 21.28
C ASN C 55 85.21 -7.74 20.22
N GLN C 56 85.34 -8.30 19.01
CA GLN C 56 86.02 -7.57 17.96
C GLN C 56 85.28 -6.28 17.60
N LEU C 57 83.96 -6.36 17.46
CA LEU C 57 83.20 -5.15 17.15
C LEU C 57 83.27 -4.15 18.30
N VAL C 58 83.23 -4.64 19.54
CA VAL C 58 83.34 -3.76 20.70
C VAL C 58 84.68 -3.04 20.69
N ASP C 59 85.76 -3.75 20.39
CA ASP C 59 87.07 -3.12 20.39
C ASP C 59 87.24 -2.20 19.20
N ILE C 60 86.55 -2.48 18.09
CA ILE C 60 86.53 -1.52 16.98
C ILE C 60 85.88 -0.22 17.44
N TYR C 61 84.75 -0.32 18.12
CA TYR C 61 84.09 0.88 18.63
C TYR C 61 84.96 1.59 19.65
N GLU C 62 85.65 0.83 20.50
CA GLU C 62 86.53 1.44 21.49
C GLU C 62 87.72 2.13 20.84
N LYS C 63 88.19 1.61 19.71
CA LYS C 63 89.37 2.16 19.06
C LYS C 63 89.08 3.54 18.49
N TYR C 64 87.96 3.70 17.80
CA TYR C 64 87.70 4.94 17.07
C TYR C 64 86.97 5.97 17.91
N GLN C 65 87.46 6.25 19.12
CA GLN C 65 86.82 7.27 19.92
C GLN C 65 86.96 8.66 19.30
N ASP C 66 88.04 8.91 18.57
CA ASP C 66 88.26 10.23 18.02
C ASP C 66 87.33 10.56 16.86
N LEU C 67 86.76 9.54 16.23
CA LEU C 67 85.88 9.75 15.07
C LEU C 67 84.44 10.02 15.46
N TYR C 68 84.11 9.95 16.75
CA TYR C 68 82.75 10.24 17.20
C TYR C 68 82.81 10.77 18.62
N THR C 69 81.63 10.89 19.24
CA THR C 69 81.54 11.31 20.62
C THR C 69 80.28 10.70 21.20
N VAL C 70 80.23 10.58 22.53
CA VAL C 70 79.02 10.18 23.24
C VAL C 70 78.41 11.42 23.87
N GLU C 71 77.14 11.65 23.58
CA GLU C 71 76.47 12.85 24.08
C GLU C 71 75.27 12.46 24.91
N PRO C 72 74.96 13.22 25.95
CA PRO C 72 73.85 12.86 26.82
C PRO C 72 72.50 13.21 26.21
N ASN C 73 71.53 12.33 26.44
CA ASN C 73 70.13 12.62 26.18
C ASN C 73 69.54 13.10 27.50
N ASN C 74 69.63 14.39 27.75
CA ASN C 74 68.95 14.94 28.91
C ASN C 74 67.46 14.79 28.69
N ALA C 75 66.85 13.83 29.38
CA ALA C 75 65.44 13.55 29.14
C ALA C 75 64.56 14.74 29.48
N ARG C 76 64.87 15.42 30.57
CA ARG C 76 64.08 16.59 30.95
C ARG C 76 64.14 17.67 29.87
N GLN C 77 65.33 17.96 29.38
CA GLN C 77 65.45 18.98 28.35
C GLN C 77 64.76 18.55 27.06
N LEU C 78 64.92 17.29 26.67
CA LEU C 78 64.26 16.83 25.45
C LEU C 78 62.76 17.00 25.57
N VAL C 79 62.20 16.65 26.71
CA VAL C 79 60.77 16.77 26.90
C VAL C 79 60.34 18.23 26.87
N GLU C 80 61.10 19.11 27.52
CA GLU C 80 60.72 20.52 27.50
C GLU C 80 60.80 21.09 26.09
N ILE C 81 61.82 20.70 25.34
CA ILE C 81 61.99 21.20 23.98
C ILE C 81 60.84 20.71 23.09
N ALA C 82 60.53 19.43 23.14
CA ALA C 82 59.44 18.93 22.31
C ALA C 82 58.11 19.47 22.75
N ALA C 83 57.91 19.70 24.05
CA ALA C 83 56.67 20.30 24.51
C ALA C 83 56.53 21.72 24.00
N ARG C 84 57.62 22.48 23.97
CA ARG C 84 57.47 23.85 23.49
C ARG C 84 57.34 23.89 21.98
N ASP C 85 57.95 22.94 21.26
CA ASP C 85 57.74 22.87 19.82
C ASP C 85 56.30 22.50 19.48
N ILE C 86 55.71 21.57 20.23
CA ILE C 86 54.32 21.22 20.00
C ILE C 86 53.42 22.39 20.33
N GLU C 87 53.73 23.11 21.41
CA GLU C 87 52.93 24.28 21.74
C GLU C 87 53.03 25.33 20.65
N LYS C 88 54.22 25.48 20.06
CA LYS C 88 54.40 26.44 18.99
C LYS C 88 53.60 26.06 17.76
N LEU C 89 53.60 24.78 17.40
CA LEU C 89 52.81 24.34 16.25
C LEU C 89 51.34 24.57 16.47
N LEU C 90 50.83 24.15 17.63
CA LEU C 90 49.40 24.30 17.88
C LEU C 90 49.02 25.76 18.03
N SER C 91 49.93 26.63 18.47
CA SER C 91 49.61 28.05 18.53
C SER C 91 49.63 28.70 17.17
N ASN C 92 50.51 28.24 16.28
CA ASN C 92 50.46 28.65 14.88
C ASN C 92 49.08 28.37 14.29
N ARG C 93 48.61 27.14 14.45
CA ARG C 93 47.28 26.85 13.91
C ARG C 93 46.19 27.60 14.65
N SER C 94 46.34 27.84 15.94
CA SER C 94 45.32 28.62 16.64
C SER C 94 45.24 30.03 16.08
N LYS C 95 46.38 30.63 15.75
CA LYS C 95 46.35 31.97 15.17
C LYS C 95 45.77 31.95 13.76
N ALA C 96 46.04 30.89 12.99
CA ALA C 96 45.38 30.75 11.70
C ALA C 96 43.87 30.72 11.86
N LEU C 97 43.38 29.95 12.82
CA LEU C 97 41.95 29.88 13.07
C LEU C 97 41.40 31.23 13.48
N VAL C 98 42.12 31.95 14.33
CA VAL C 98 41.61 33.23 14.80
C VAL C 98 41.46 34.19 13.63
N ARG C 99 42.45 34.23 12.74
CA ARG C 99 42.34 35.11 11.58
C ARG C 99 41.17 34.72 10.69
N LEU C 100 41.04 33.43 10.40
CA LEU C 100 39.94 32.96 9.57
C LEU C 100 38.59 33.30 10.17
N ALA C 101 38.40 32.99 11.45
CA ALA C 101 37.10 33.21 12.08
C ALA C 101 36.78 34.68 12.16
N LEU C 102 37.76 35.51 12.46
CA LEU C 102 37.50 36.94 12.57
C LEU C 102 37.09 37.52 11.23
N GLU C 103 37.79 37.14 10.16
CA GLU C 103 37.38 37.60 8.84
C GLU C 103 35.98 37.14 8.50
N ALA C 104 35.66 35.88 8.79
CA ALA C 104 34.32 35.40 8.45
C ALA C 104 33.25 36.16 9.21
N GLU C 105 33.46 36.41 10.50
CA GLU C 105 32.47 37.17 11.25
C GLU C 105 32.28 38.54 10.64
N LYS C 106 33.37 39.24 10.36
CA LYS C 106 33.27 40.59 9.82
C LYS C 106 32.58 40.59 8.46
N VAL C 107 32.98 39.68 7.57
CA VAL C 107 32.43 39.68 6.23
C VAL C 107 30.95 39.36 6.24
N GLN C 108 30.53 38.40 7.05
CA GLN C 108 29.12 38.09 7.13
C GLN C 108 28.33 39.26 7.69
N ALA C 109 28.87 39.95 8.67
CA ALA C 109 28.16 41.10 9.22
C ALA C 109 27.89 42.15 8.16
N ALA C 110 28.65 42.16 7.08
CA ALA C 110 28.54 43.13 6.01
C ALA C 110 28.08 42.48 4.72
N HIS C 111 27.10 41.59 4.80
CA HIS C 111 26.48 40.98 3.65
C HIS C 111 24.99 41.24 3.72
N GLN C 112 24.41 41.71 2.63
CA GLN C 112 23.02 42.08 2.57
C GLN C 112 22.25 41.02 1.79
N TRP C 113 21.11 40.60 2.36
CA TRP C 113 20.38 39.46 1.84
C TRP C 113 19.91 39.73 0.42
N ARG C 114 19.72 38.66 -0.34
CA ARG C 114 19.34 38.79 -1.74
C ARG C 114 18.40 37.64 -2.10
N GLU C 115 17.76 37.77 -3.25
CA GLU C 115 17.16 36.63 -3.92
C GLU C 115 17.43 36.65 -5.42
N ASP C 116 18.26 37.56 -5.89
CA ASP C 116 18.48 37.81 -7.31
C ASP C 116 19.90 37.40 -7.67
N PHE C 117 20.07 36.14 -8.06
CA PHE C 117 21.37 35.63 -8.48
C PHE C 117 21.36 35.24 -9.94
N ALA C 118 20.41 35.76 -10.71
CA ALA C 118 20.38 35.47 -12.14
C ALA C 118 21.45 36.25 -12.88
N SER C 119 21.55 37.55 -12.61
CA SER C 119 22.54 38.40 -13.25
C SER C 119 23.75 38.69 -12.38
N ASN C 120 23.56 38.73 -11.05
CA ASN C 120 24.67 38.84 -10.12
C ASN C 120 24.98 37.46 -9.55
N GLU C 121 25.62 36.66 -10.40
CA GLU C 121 25.85 35.25 -10.12
C GLU C 121 26.80 35.07 -8.94
N VAL C 122 27.02 33.81 -8.59
CA VAL C 122 28.06 33.41 -7.66
C VAL C 122 28.90 32.33 -8.34
N VAL C 123 30.20 32.54 -8.37
CA VAL C 123 31.11 31.61 -9.03
C VAL C 123 31.86 30.82 -7.97
N TYR C 124 31.90 29.50 -8.15
CA TYR C 124 32.53 28.68 -7.14
C TYR C 124 32.81 27.31 -7.72
N TYR C 125 33.67 26.56 -7.04
CA TYR C 125 34.03 25.22 -7.46
C TYR C 125 33.32 24.21 -6.59
N ASN C 126 32.38 23.48 -7.16
CA ASN C 126 31.66 22.46 -6.42
C ASN C 126 32.49 21.19 -6.41
N ALA C 127 32.88 20.74 -5.23
CA ALA C 127 33.84 19.65 -5.14
C ALA C 127 33.35 18.40 -5.81
N LYS C 128 32.05 18.22 -5.89
CA LYS C 128 31.47 17.03 -6.52
C LYS C 128 31.06 17.31 -7.96
N ASP C 129 32.01 17.77 -8.76
CA ASP C 129 31.84 17.87 -10.20
C ASP C 129 32.75 16.88 -10.90
N ASP C 130 32.65 16.86 -12.22
CA ASP C 130 33.48 16.01 -13.04
C ASP C 130 34.57 16.82 -13.72
N LEU C 131 35.64 16.13 -14.08
CA LEU C 131 36.77 16.76 -14.76
C LEU C 131 36.45 17.12 -16.20
N ASP C 132 35.49 16.44 -16.82
CA ASP C 132 35.22 16.64 -18.23
C ASP C 132 34.64 18.04 -18.47
N PRO C 133 35.13 18.76 -19.47
CA PRO C 133 34.61 20.11 -19.74
C PRO C 133 33.18 20.05 -20.25
N GLU C 134 32.24 19.83 -19.34
CA GLU C 134 30.82 19.72 -19.66
C GLU C 134 30.13 20.95 -19.08
N LYS C 135 29.80 21.91 -19.96
CA LYS C 135 29.07 23.10 -19.51
C LYS C 135 27.71 22.74 -18.92
N ASN C 136 27.21 21.53 -19.22
CA ASN C 136 26.01 21.01 -18.59
C ASN C 136 26.24 20.58 -17.15
N ASP C 137 27.42 20.87 -16.58
CA ASP C 137 27.71 20.64 -15.17
C ASP C 137 27.47 21.87 -14.31
N SER C 138 27.14 23.01 -14.91
CA SER C 138 26.90 24.25 -14.19
C SER C 138 25.44 24.32 -13.74
N GLU C 139 25.03 25.48 -13.26
CA GLU C 139 23.78 25.64 -12.54
C GLU C 139 23.08 26.92 -12.98
N PRO C 140 21.75 26.99 -12.81
CA PRO C 140 21.04 28.27 -13.05
C PRO C 140 21.53 29.43 -12.22
N GLY C 141 21.47 29.30 -10.89
CA GLY C 141 21.80 30.41 -10.03
C GLY C 141 23.28 30.65 -9.78
N SER C 142 24.16 29.76 -10.25
CA SER C 142 25.58 29.85 -9.95
C SER C 142 26.38 29.35 -11.13
N GLN C 143 27.65 29.78 -11.18
CA GLN C 143 28.56 29.42 -12.26
C GLN C 143 29.77 28.71 -11.67
N ARG C 144 30.17 27.63 -12.32
CA ARG C 144 31.16 26.73 -11.77
C ARG C 144 32.54 27.03 -12.31
N ILE C 145 33.52 26.99 -11.44
CA ILE C 145 34.92 27.09 -11.81
C ILE C 145 35.36 25.72 -12.29
N LYS C 146 36.15 25.71 -13.36
CA LYS C 146 36.90 24.51 -13.72
C LYS C 146 38.34 24.75 -13.32
N PRO C 147 38.87 24.05 -12.34
CA PRO C 147 40.20 24.35 -11.82
C PRO C 147 41.27 23.50 -12.47
N VAL C 148 42.50 23.98 -12.36
CA VAL C 148 43.67 23.27 -12.83
C VAL C 148 44.31 22.59 -11.64
N PHE C 149 44.22 21.28 -11.60
CA PHE C 149 44.63 20.50 -10.44
C PHE C 149 46.03 19.97 -10.64
N ILE C 150 46.91 20.26 -9.68
CA ILE C 150 48.21 19.67 -9.64
C ILE C 150 48.18 18.51 -8.67
N GLU C 151 49.21 17.69 -8.68
CA GLU C 151 49.30 16.56 -7.78
C GLU C 151 50.36 16.87 -6.74
N ASP C 152 50.01 16.65 -5.47
CA ASP C 152 50.92 16.93 -4.36
C ASP C 152 51.10 15.70 -3.49
N ALA C 153 52.28 15.57 -2.90
CA ALA C 153 52.57 14.49 -1.97
C ALA C 153 52.21 14.85 -0.54
N ASN C 154 52.24 16.15 -0.21
CA ASN C 154 51.86 16.57 1.14
C ASN C 154 50.43 16.18 1.45
N PHE C 155 49.54 16.33 0.48
CA PHE C 155 48.16 15.90 0.65
C PHE C 155 47.89 14.53 0.05
N GLY C 156 48.67 14.12 -0.95
CA GLY C 156 48.46 12.86 -1.62
C GLY C 156 47.36 12.86 -2.65
N ARG C 157 46.87 14.04 -3.05
CA ARG C 157 45.72 14.14 -3.92
C ARG C 157 45.98 15.23 -4.94
N GLN C 158 44.93 15.63 -5.66
CA GLN C 158 45.00 16.70 -6.62
C GLN C 158 44.62 18.00 -5.94
N ILE C 159 45.56 18.93 -5.84
CA ILE C 159 45.34 20.16 -5.12
C ILE C 159 45.32 21.30 -6.13
N SER C 160 44.85 22.46 -5.67
CA SER C 160 44.91 23.66 -6.49
C SER C 160 44.82 24.85 -5.54
N TYR C 161 45.93 25.50 -5.27
CA TYR C 161 45.92 26.53 -4.26
C TYR C 161 45.32 27.83 -4.74
N GLN C 162 44.53 27.83 -5.80
CA GLN C 162 43.96 29.08 -6.29
C GLN C 162 42.61 29.41 -5.68
N HIS C 163 41.86 28.43 -5.22
CA HIS C 163 40.55 28.69 -4.63
C HIS C 163 40.19 27.55 -3.71
N ALA C 164 39.11 27.74 -2.95
CA ALA C 164 38.64 26.75 -1.99
C ALA C 164 37.46 25.99 -2.55
N ALA C 165 37.52 24.67 -2.47
CA ALA C 165 36.41 23.88 -2.93
C ALA C 165 35.23 24.04 -1.98
N VAL C 166 34.05 23.74 -2.48
CA VAL C 166 32.82 23.77 -1.69
C VAL C 166 32.15 22.40 -1.82
N HIS C 167 31.80 21.81 -0.70
CA HIS C 167 31.03 20.58 -0.69
C HIS C 167 29.65 20.87 -0.14
N ILE C 168 28.63 20.47 -0.89
CA ILE C 168 27.24 20.68 -0.52
C ILE C 168 26.60 19.30 -0.42
N PRO C 169 25.96 18.97 0.69
CA PRO C 169 25.46 17.60 0.89
C PRO C 169 24.55 17.19 -0.24
N THR C 170 24.34 15.88 -0.36
CA THR C 170 23.50 15.41 -1.45
C THR C 170 22.04 15.75 -1.22
N ASP C 171 21.64 16.02 0.00
CA ASP C 171 20.26 16.39 0.29
C ASP C 171 19.96 17.84 0.03
N ILE C 172 20.97 18.69 -0.11
CA ILE C 172 20.81 20.13 -0.10
C ILE C 172 21.01 20.67 -1.51
N TYR C 173 20.09 21.51 -1.95
CA TYR C 173 20.12 22.01 -3.31
C TYR C 173 21.16 23.11 -3.45
N GLU C 174 21.96 22.99 -4.50
CA GLU C 174 23.09 23.88 -4.71
C GLU C 174 22.68 25.29 -5.07
N GLY C 175 21.40 25.58 -5.20
CA GLY C 175 20.98 26.88 -5.67
C GLY C 175 19.84 27.49 -4.91
N SER C 176 19.47 26.92 -3.77
CA SER C 176 18.48 27.56 -2.94
C SER C 176 19.00 28.91 -2.47
N THR C 177 18.14 29.72 -1.89
CA THR C 177 18.58 31.06 -1.54
C THR C 177 19.62 31.03 -0.43
N ILE C 178 19.44 30.18 0.57
CA ILE C 178 20.39 30.15 1.67
C ILE C 178 21.76 29.75 1.17
N VAL C 179 21.81 28.74 0.30
CA VAL C 179 23.10 28.26 -0.14
C VAL C 179 23.77 29.27 -1.04
N LEU C 180 23.00 30.03 -1.83
CA LEU C 180 23.65 31.02 -2.69
C LEU C 180 24.14 32.21 -1.89
N ASN C 181 23.42 32.60 -0.85
CA ASN C 181 23.95 33.64 0.01
C ASN C 181 25.22 33.18 0.71
N GLU C 182 25.27 31.92 1.14
CA GLU C 182 26.49 31.44 1.76
C GLU C 182 27.63 31.37 0.77
N LEU C 183 27.38 30.82 -0.41
CA LEU C 183 28.40 30.77 -1.43
C LEU C 183 28.86 32.15 -1.82
N ASN C 184 28.07 33.18 -1.56
CA ASN C 184 28.58 34.52 -1.80
C ASN C 184 29.43 34.99 -0.64
N TRP C 185 28.84 35.14 0.54
CA TRP C 185 29.60 35.79 1.59
C TRP C 185 30.79 34.99 2.06
N THR C 186 30.90 33.71 1.72
CA THR C 186 32.07 32.91 2.06
C THR C 186 33.08 32.90 0.95
N SER C 187 33.17 33.96 0.16
CA SER C 187 34.21 34.04 -0.84
C SER C 187 35.37 34.94 -0.44
N ALA C 188 35.25 35.68 0.64
CA ALA C 188 36.42 36.32 1.22
C ALA C 188 37.27 35.33 1.99
N LEU C 189 36.65 34.26 2.46
CA LEU C 189 37.41 33.21 3.10
C LEU C 189 38.51 32.70 2.18
N ASP C 190 38.33 32.77 0.88
CA ASP C 190 39.36 32.23 0.01
C ASP C 190 40.65 33.03 0.12
N GLU C 191 40.55 34.35 0.12
CA GLU C 191 41.78 35.13 0.25
C GLU C 191 42.37 35.02 1.64
N VAL C 192 41.54 34.86 2.67
CA VAL C 192 42.13 34.60 3.98
C VAL C 192 42.80 33.23 4.02
N PHE C 193 42.18 32.23 3.42
CA PHE C 193 42.80 30.92 3.30
C PHE C 193 44.17 31.04 2.66
N LYS C 194 44.24 31.78 1.56
CA LYS C 194 45.50 31.88 0.82
C LYS C 194 46.57 32.58 1.63
N LYS C 195 46.21 33.65 2.32
CA LYS C 195 47.20 34.34 3.13
C LYS C 195 47.67 33.48 4.30
N ASN C 196 46.75 32.71 4.89
CA ASN C 196 47.13 31.74 5.90
C ASN C 196 48.14 30.75 5.37
N ARG C 197 47.88 30.19 4.20
CA ARG C 197 48.82 29.22 3.63
C ARG C 197 50.16 29.89 3.35
N GLU C 198 50.15 31.09 2.77
CA GLU C 198 51.42 31.68 2.38
C GLU C 198 52.26 32.06 3.59
N GLU C 199 51.62 32.36 4.73
CA GLU C 199 52.39 32.54 5.95
C GLU C 199 53.08 31.25 6.38
N ASP C 200 52.34 30.15 6.45
CA ASP C 200 52.87 28.85 6.83
C ASP C 200 52.55 27.83 5.75
N PRO C 201 53.53 27.40 4.97
CA PRO C 201 53.24 26.52 3.85
C PRO C 201 52.96 25.10 4.25
N SER C 202 53.15 24.74 5.51
CA SER C 202 52.98 23.38 5.98
C SER C 202 51.58 23.11 6.54
N LEU C 203 50.59 23.84 6.06
CA LEU C 203 49.25 23.82 6.60
C LEU C 203 48.38 22.88 5.78
N LEU C 204 47.59 22.07 6.48
CA LEU C 204 46.71 21.10 5.82
C LEU C 204 45.35 21.75 5.61
N TRP C 205 44.33 20.95 5.32
CA TRP C 205 42.99 21.48 5.09
C TRP C 205 42.62 22.50 6.14
N GLN C 206 42.02 23.58 5.69
CA GLN C 206 41.41 24.55 6.57
C GLN C 206 40.03 24.82 6.01
N VAL C 207 39.03 24.56 6.81
CA VAL C 207 37.67 24.40 6.34
C VAL C 207 36.77 25.30 7.16
N PHE C 208 35.81 25.92 6.51
CA PHE C 208 34.69 26.55 7.19
C PHE C 208 33.51 25.61 7.00
N GLY C 209 33.00 25.08 8.09
CA GLY C 209 31.85 24.21 7.98
C GLY C 209 30.65 25.00 8.37
N SER C 210 29.71 25.20 7.46
CA SER C 210 28.66 26.18 7.66
C SER C 210 27.43 25.54 8.26
N ALA C 211 26.61 26.35 8.91
CA ALA C 211 25.38 25.84 9.48
C ALA C 211 24.32 25.58 8.44
N THR C 212 24.58 25.90 7.19
CA THR C 212 23.67 25.57 6.11
C THR C 212 23.99 24.23 5.49
N GLY C 213 25.06 23.58 5.93
CA GLY C 213 25.48 22.31 5.42
C GLY C 213 26.69 22.36 4.53
N LEU C 214 27.02 23.53 3.99
CA LEU C 214 28.20 23.68 3.17
C LEU C 214 29.46 23.48 3.97
N ALA C 215 30.48 22.96 3.30
CA ALA C 215 31.84 23.04 3.80
C ALA C 215 32.66 23.69 2.73
N ARG C 216 33.45 24.67 3.09
CA ARG C 216 34.32 25.34 2.13
C ARG C 216 35.75 25.11 2.61
N TYR C 217 36.49 24.26 1.93
CA TYR C 217 37.82 23.91 2.40
C TYR C 217 38.89 24.38 1.43
N TYR C 218 40.02 24.80 1.96
CA TYR C 218 40.82 25.65 1.09
C TYR C 218 41.53 24.89 -0.02
N PRO C 219 42.47 24.01 0.24
CA PRO C 219 43.23 23.51 -0.91
C PRO C 219 42.29 22.68 -1.76
N ALA C 220 41.84 23.24 -2.85
CA ALA C 220 40.69 22.70 -3.56
C ALA C 220 41.04 21.35 -4.15
N SER C 221 40.35 20.32 -3.71
CA SER C 221 40.56 18.99 -4.21
C SER C 221 39.22 18.36 -4.53
N PRO C 222 39.17 17.41 -5.46
CA PRO C 222 37.92 16.73 -5.73
C PRO C 222 37.43 16.00 -4.50
N TRP C 223 36.13 15.92 -4.34
CA TRP C 223 35.61 15.16 -3.22
C TRP C 223 36.03 13.70 -3.39
N VAL C 224 36.37 13.08 -2.26
CA VAL C 224 37.23 11.89 -2.29
C VAL C 224 36.63 10.79 -3.15
N ASP C 225 35.51 10.22 -2.74
CA ASP C 225 35.03 9.01 -3.38
C ASP C 225 33.55 9.09 -3.72
N ASN C 226 32.92 10.23 -3.48
CA ASN C 226 31.47 10.31 -3.61
C ASN C 226 31.09 11.43 -4.57
N SER C 227 32.02 11.82 -5.45
CA SER C 227 31.74 12.78 -6.50
C SER C 227 30.70 12.22 -7.45
N ARG C 228 31.06 11.17 -8.20
CA ARG C 228 30.12 10.52 -9.10
C ARG C 228 30.55 9.06 -9.29
N THR C 229 29.87 8.14 -8.61
CA THR C 229 29.98 6.69 -8.82
C THR C 229 28.81 6.01 -8.12
N PRO C 230 28.08 5.14 -8.81
CA PRO C 230 26.90 4.53 -8.19
C PRO C 230 27.28 3.58 -7.05
N ASN C 231 26.27 3.22 -6.27
CA ASN C 231 26.34 2.25 -5.18
C ASN C 231 27.17 2.79 -4.01
N LYS C 232 27.71 3.99 -4.12
CA LYS C 232 28.31 4.72 -3.02
C LYS C 232 27.70 6.11 -3.03
N ILE C 233 27.01 6.47 -1.97
CA ILE C 233 26.28 7.71 -1.90
C ILE C 233 27.00 8.66 -0.96
N ASP C 234 27.07 9.92 -1.33
CA ASP C 234 27.74 10.90 -0.50
C ASP C 234 26.89 11.19 0.71
N LEU C 235 27.18 10.53 1.83
CA LEU C 235 26.45 10.77 3.06
C LEU C 235 27.13 11.79 3.96
N TYR C 236 28.24 12.37 3.53
CA TYR C 236 28.92 13.36 4.34
C TYR C 236 28.02 14.55 4.58
N ASP C 237 28.07 15.08 5.79
CA ASP C 237 27.40 16.32 6.15
C ASP C 237 28.23 16.97 7.24
N VAL C 238 28.74 18.16 6.96
CA VAL C 238 29.76 18.73 7.83
C VAL C 238 29.22 19.00 9.20
N ARG C 239 27.91 19.19 9.34
CA ARG C 239 27.34 19.56 10.62
C ARG C 239 27.30 18.42 11.59
N ARG C 240 27.83 17.27 11.21
CA ARG C 240 27.90 16.09 12.06
C ARG C 240 29.30 15.66 12.38
N ARG C 241 30.30 16.20 11.69
CA ARG C 241 31.65 15.76 11.84
C ARG C 241 32.13 16.07 13.25
N PRO C 242 32.98 15.23 13.82
CA PRO C 242 33.37 15.41 15.22
C PRO C 242 33.92 16.78 15.54
N TRP C 243 34.67 17.40 14.64
CA TRP C 243 35.17 18.74 14.92
C TRP C 243 34.03 19.74 14.95
N TYR C 244 33.02 19.55 14.13
CA TYR C 244 31.91 20.47 14.15
C TYR C 244 31.07 20.30 15.40
N ILE C 245 30.70 19.06 15.73
CA ILE C 245 29.97 18.81 16.96
C ILE C 245 30.73 19.33 18.16
N GLN C 246 32.04 19.34 18.06
CA GLN C 246 32.89 19.63 19.19
C GLN C 246 33.16 21.11 19.33
N GLY C 247 33.03 21.88 18.26
CA GLY C 247 33.09 23.33 18.37
C GLY C 247 31.78 24.04 18.45
N ALA C 248 30.67 23.39 18.18
CA ALA C 248 29.36 24.03 18.10
C ALA C 248 28.61 24.05 19.40
N ALA C 249 29.16 23.50 20.47
CA ALA C 249 28.46 23.43 21.75
C ALA C 249 29.45 22.99 22.82
N SER C 250 29.03 23.08 24.04
CA SER C 250 29.78 22.58 25.18
C SER C 250 29.31 21.18 25.52
N PRO C 251 30.09 20.41 26.29
CA PRO C 251 29.75 19.00 26.49
C PRO C 251 28.38 18.83 27.10
N LYS C 252 27.76 17.70 26.79
CA LYS C 252 26.39 17.39 27.13
C LYS C 252 26.35 16.40 28.28
N ASP C 253 25.16 16.25 28.85
CA ASP C 253 24.77 15.12 29.66
C ASP C 253 23.42 14.72 29.12
N MET C 254 23.37 13.95 28.05
CA MET C 254 22.03 13.59 27.64
C MET C 254 21.45 12.55 28.57
N LEU C 255 20.15 12.40 28.46
CA LEU C 255 19.53 11.15 28.82
C LEU C 255 18.44 10.93 27.79
N ILE C 256 18.57 9.86 27.03
CA ILE C 256 17.68 9.59 25.92
C ILE C 256 16.53 8.75 26.44
N LEU C 257 15.33 9.32 26.46
CA LEU C 257 14.15 8.64 26.97
C LEU C 257 13.40 8.05 25.80
N VAL C 258 13.63 6.80 25.52
CA VAL C 258 12.86 6.14 24.48
C VAL C 258 11.48 5.86 25.04
N ASP C 259 10.47 5.94 24.20
CA ASP C 259 9.11 5.55 24.56
C ASP C 259 8.82 4.22 23.89
N VAL C 260 9.07 3.13 24.60
CA VAL C 260 8.70 1.81 24.11
C VAL C 260 7.41 1.43 24.81
N SER C 261 6.29 1.88 24.27
CA SER C 261 4.98 1.44 24.70
C SER C 261 4.32 0.79 23.51
N GLY C 262 3.05 0.43 23.66
CA GLY C 262 2.41 -0.33 22.60
C GLY C 262 2.34 0.43 21.31
N SER C 263 1.97 1.69 21.38
CA SER C 263 1.64 2.46 20.20
C SER C 263 2.83 2.72 19.30
N VAL C 264 4.06 2.51 19.79
CA VAL C 264 5.22 2.73 18.94
C VAL C 264 5.65 1.49 18.21
N SER C 265 4.91 0.40 18.31
CA SER C 265 5.33 -0.80 17.62
C SER C 265 5.11 -0.62 16.12
N GLY C 266 5.86 -1.37 15.36
CA GLY C 266 5.76 -1.32 13.91
C GLY C 266 6.85 -0.45 13.31
N LEU C 267 6.44 0.54 12.54
CA LEU C 267 7.43 1.41 11.90
C LEU C 267 8.03 2.38 12.89
N THR C 268 7.21 2.98 13.75
CA THR C 268 7.72 3.96 14.68
C THR C 268 8.86 3.42 15.49
N LEU C 269 8.86 2.12 15.78
CA LEU C 269 9.97 1.59 16.56
C LEU C 269 11.22 1.44 15.72
N LYS C 270 11.07 1.06 14.45
CA LYS C 270 12.23 1.04 13.58
C LYS C 270 12.86 2.42 13.50
N LEU C 271 12.02 3.44 13.37
CA LEU C 271 12.52 4.81 13.30
C LEU C 271 13.07 5.27 14.63
N ILE C 272 12.52 4.84 15.75
CA ILE C 272 13.04 5.24 17.04
C ILE C 272 14.41 4.64 17.28
N ARG C 273 14.59 3.38 16.92
CA ARG C 273 15.89 2.81 17.19
C ARG C 273 16.94 3.34 16.21
N THR C 274 16.55 3.64 14.97
CA THR C 274 17.50 4.31 14.08
C THR C 274 17.82 5.73 14.55
N SER C 275 16.82 6.45 15.04
CA SER C 275 17.07 7.81 15.52
C SER C 275 17.97 7.81 16.72
N VAL C 276 17.78 6.87 17.64
CA VAL C 276 18.63 6.84 18.81
C VAL C 276 20.04 6.39 18.45
N SER C 277 20.20 5.49 17.49
CA SER C 277 21.53 5.18 17.02
C SER C 277 22.21 6.41 16.45
N GLU C 278 21.50 7.18 15.64
CA GLU C 278 22.13 8.36 15.08
C GLU C 278 22.16 9.55 16.03
N MET C 279 21.54 9.46 17.18
CA MET C 279 21.73 10.45 18.22
C MET C 279 22.96 10.14 19.04
N LEU C 280 23.18 8.86 19.32
CA LEU C 280 24.43 8.47 19.97
C LEU C 280 25.60 8.74 19.07
N GLU C 281 25.43 8.66 17.75
CA GLU C 281 26.54 8.93 16.86
C GLU C 281 27.05 10.37 16.93
N THR C 282 26.28 11.31 17.47
CA THR C 282 26.72 12.69 17.59
C THR C 282 27.27 13.00 18.96
N LEU C 283 27.96 12.05 19.59
CA LEU C 283 28.46 12.23 20.94
C LEU C 283 29.96 12.04 20.98
N SER C 284 30.63 12.89 21.73
CA SER C 284 32.06 12.85 21.85
C SER C 284 32.43 12.06 23.09
N ASP C 285 33.69 12.14 23.48
CA ASP C 285 34.15 11.48 24.70
C ASP C 285 34.06 12.38 25.90
N ASP C 286 33.74 13.65 25.70
CA ASP C 286 33.48 14.59 26.77
C ASP C 286 32.03 14.61 27.17
N ASP C 287 31.19 13.83 26.51
CA ASP C 287 29.76 13.85 26.69
C ASP C 287 29.34 12.55 27.33
N PHE C 288 28.38 12.63 28.23
CA PHE C 288 27.91 11.47 28.97
C PHE C 288 26.47 11.20 28.60
N VAL C 289 26.12 9.94 28.46
CA VAL C 289 24.83 9.56 27.93
C VAL C 289 24.33 8.34 28.66
N ASN C 290 23.02 8.14 28.64
CA ASN C 290 22.40 6.92 29.13
C ASN C 290 21.00 6.85 28.57
N VAL C 291 20.63 5.68 28.06
CA VAL C 291 19.37 5.50 27.38
C VAL C 291 18.39 4.82 28.34
N ALA C 292 17.25 5.44 28.57
CA ALA C 292 16.22 4.90 29.43
C ALA C 292 14.92 4.80 28.64
N SER C 293 14.10 3.82 28.96
CA SER C 293 12.90 3.55 28.20
C SER C 293 11.74 3.32 29.14
N PHE C 294 10.55 3.83 28.80
CA PHE C 294 9.42 3.75 29.71
C PHE C 294 8.16 3.21 29.02
N ASN C 295 7.46 2.32 29.73
CA ASN C 295 6.10 1.91 29.41
C ASN C 295 5.46 1.46 30.73
N SER C 296 4.74 2.37 31.37
CA SER C 296 4.06 2.11 32.64
C SER C 296 5.04 1.93 33.78
N ASN C 297 6.34 1.90 33.48
CA ASN C 297 7.42 2.08 34.43
C ASN C 297 8.72 2.16 33.66
N ALA C 298 9.62 3.00 34.13
CA ALA C 298 10.84 3.31 33.40
C ALA C 298 11.97 2.39 33.82
N GLN C 299 12.83 2.05 32.87
CA GLN C 299 13.96 1.20 33.15
C GLN C 299 15.06 1.49 32.14
N ASP C 300 16.28 1.16 32.50
CA ASP C 300 17.39 1.32 31.58
C ASP C 300 17.30 0.30 30.46
N VAL C 301 17.71 0.70 29.26
CA VAL C 301 17.75 -0.29 28.20
C VAL C 301 18.98 -1.17 28.31
N SER C 302 20.01 -0.73 29.00
CA SER C 302 21.30 -1.40 29.02
C SER C 302 21.69 -1.74 30.44
N CYS C 303 22.93 -2.17 30.61
CA CYS C 303 23.43 -2.47 31.94
C CYS C 303 23.80 -1.23 32.73
N PHE C 304 24.09 -0.12 32.07
CA PHE C 304 24.49 1.08 32.79
C PHE C 304 23.31 1.64 33.56
N GLN C 305 23.52 1.93 34.84
CA GLN C 305 22.47 2.47 35.67
C GLN C 305 22.65 3.95 35.96
N HIS C 306 23.60 4.61 35.31
CA HIS C 306 23.85 6.01 35.51
C HIS C 306 24.33 6.60 34.19
N LEU C 307 24.79 7.84 34.23
CA LEU C 307 25.35 8.45 33.04
C LEU C 307 26.77 7.95 32.84
N VAL C 308 27.01 7.22 31.78
CA VAL C 308 28.33 6.74 31.44
C VAL C 308 28.91 7.63 30.38
N GLN C 309 30.21 7.50 30.15
CA GLN C 309 30.86 8.31 29.14
C GLN C 309 30.48 7.81 27.77
N ALA C 310 30.48 8.69 26.80
CA ALA C 310 30.07 8.29 25.45
C ALA C 310 31.28 7.99 24.60
N ASN C 311 32.02 6.95 24.97
CA ASN C 311 33.13 6.51 24.16
C ASN C 311 32.68 5.35 23.28
N VAL C 312 33.59 4.83 22.46
CA VAL C 312 33.20 3.90 21.42
C VAL C 312 32.56 2.66 22.03
N ARG C 313 33.14 2.15 23.12
CA ARG C 313 32.63 0.92 23.71
C ARG C 313 31.28 1.12 24.39
N ASN C 314 31.13 2.17 25.18
CA ASN C 314 29.85 2.44 25.80
C ASN C 314 28.79 2.74 24.76
N LYS C 315 29.13 3.51 23.74
CA LYS C 315 28.15 3.79 22.71
C LYS C 315 27.73 2.52 22.00
N LYS C 316 28.66 1.58 21.79
CA LYS C 316 28.26 0.32 21.17
C LYS C 316 27.34 -0.47 22.06
N VAL C 317 27.60 -0.50 23.36
CA VAL C 317 26.69 -1.21 24.26
C VAL C 317 25.32 -0.58 24.22
N LEU C 318 25.24 0.75 24.22
CA LEU C 318 23.94 1.40 24.22
C LEU C 318 23.22 1.16 22.90
N LYS C 319 23.95 1.18 21.78
CA LYS C 319 23.30 0.88 20.50
C LYS C 319 22.77 -0.53 20.47
N ASP C 320 23.55 -1.49 20.96
CA ASP C 320 23.13 -2.88 20.90
C ASP C 320 22.01 -3.18 21.86
N ALA C 321 21.89 -2.42 22.95
CA ALA C 321 20.72 -2.53 23.80
C ALA C 321 19.51 -1.91 23.12
N VAL C 322 19.67 -0.74 22.54
CA VAL C 322 18.56 -0.04 21.90
C VAL C 322 17.97 -0.87 20.78
N ASN C 323 18.82 -1.53 20.00
CA ASN C 323 18.31 -2.33 18.90
C ASN C 323 17.56 -3.58 19.37
N ASN C 324 17.60 -3.89 20.65
CA ASN C 324 16.94 -5.07 21.21
C ASN C 324 15.62 -4.73 21.86
N ILE C 325 15.15 -3.56 21.66
CA ILE C 325 14.07 -2.99 22.46
C ILE C 325 12.76 -3.37 21.82
N THR C 326 11.71 -3.50 22.62
CA THR C 326 10.45 -4.00 22.11
C THR C 326 9.30 -3.24 22.74
N ALA C 327 8.20 -3.15 22.01
CA ALA C 327 7.12 -2.24 22.32
C ALA C 327 5.98 -3.00 22.97
N LYS C 328 5.59 -2.59 24.17
CA LYS C 328 4.49 -3.27 24.86
C LYS C 328 4.02 -2.48 26.07
N GLY C 329 2.75 -2.19 26.18
CA GLY C 329 2.19 -1.69 27.40
C GLY C 329 1.85 -0.22 27.33
N ILE C 330 1.17 0.24 28.36
CA ILE C 330 0.66 1.61 28.40
C ILE C 330 1.79 2.57 28.70
N THR C 331 1.65 3.81 28.25
CA THR C 331 2.69 4.81 28.42
C THR C 331 2.46 5.58 29.71
N ASP C 332 3.53 5.88 30.44
CA ASP C 332 3.46 6.70 31.64
C ASP C 332 4.55 7.76 31.59
N TYR C 333 4.19 8.97 31.17
CA TYR C 333 5.17 10.03 31.06
C TYR C 333 5.71 10.46 32.42
N LYS C 334 4.86 10.47 33.44
CA LYS C 334 5.33 10.90 34.75
C LYS C 334 6.38 9.94 35.31
N LYS C 335 6.14 8.64 35.19
CA LYS C 335 7.09 7.68 35.74
C LYS C 335 8.36 7.61 34.93
N GLY C 336 8.33 8.02 33.66
CA GLY C 336 9.52 7.99 32.84
C GLY C 336 10.33 9.24 33.02
N PHE C 337 9.67 10.37 33.20
CA PHE C 337 10.38 11.60 33.44
C PHE C 337 10.90 11.68 34.86
N SER C 338 10.26 11.00 35.82
CA SER C 338 10.88 10.89 37.13
C SER C 338 12.23 10.21 37.01
N PHE C 339 12.29 9.13 36.26
CA PHE C 339 13.53 8.42 36.04
C PHE C 339 14.56 9.31 35.36
N ALA C 340 14.16 9.98 34.28
CA ALA C 340 15.11 10.84 33.58
C ALA C 340 15.67 11.91 34.50
N PHE C 341 14.80 12.65 35.19
CA PHE C 341 15.29 13.72 36.04
C PHE C 341 16.08 13.20 37.21
N GLU C 342 15.80 11.99 37.67
CA GLU C 342 16.55 11.44 38.79
C GLU C 342 17.93 10.97 38.38
N GLN C 343 18.09 10.56 37.13
CA GLN C 343 19.39 10.11 36.66
C GLN C 343 20.32 11.24 36.29
N LEU C 344 19.78 12.44 36.12
CA LEU C 344 20.59 13.62 35.86
C LEU C 344 20.95 14.35 37.14
N LEU C 345 20.42 13.94 38.27
CA LEU C 345 20.78 14.47 39.58
C LEU C 345 21.75 13.57 40.32
N ASN C 346 22.18 12.48 39.70
CA ASN C 346 23.07 11.51 40.31
C ASN C 346 24.49 12.00 40.16
N TYR C 347 25.02 12.63 41.19
CA TYR C 347 26.34 13.24 41.12
C TYR C 347 27.43 12.36 41.71
N ASN C 348 27.12 11.14 42.10
CA ASN C 348 28.16 10.25 42.59
C ASN C 348 29.06 9.73 41.47
N VAL C 349 28.64 9.86 40.23
CA VAL C 349 29.34 9.28 39.13
C VAL C 349 30.13 10.37 38.41
N SER C 350 31.03 9.95 37.53
CA SER C 350 31.75 10.90 36.71
C SER C 350 30.80 11.50 35.67
N ARG C 351 30.83 12.81 35.52
CA ARG C 351 29.89 13.48 34.64
C ARG C 351 30.53 14.69 34.01
N ALA C 352 30.04 15.07 32.85
CA ALA C 352 30.33 16.38 32.28
C ALA C 352 29.33 17.31 32.92
N ASN C 353 29.76 17.97 33.99
CA ASN C 353 28.79 18.66 34.83
C ASN C 353 28.26 19.88 34.10
N CYS C 354 27.50 19.65 33.03
CA CYS C 354 27.20 20.69 32.06
C CYS C 354 26.06 20.21 31.16
N ASN C 355 25.31 21.16 30.62
CA ASN C 355 24.29 20.90 29.62
C ASN C 355 23.49 19.63 29.85
N LYS C 356 22.77 19.55 30.96
CA LYS C 356 21.88 18.43 31.17
C LYS C 356 20.75 18.49 30.17
N ILE C 357 20.45 17.36 29.54
CA ILE C 357 19.45 17.31 28.50
C ILE C 357 18.62 16.06 28.63
N ILE C 358 17.39 16.12 28.13
CA ILE C 358 16.55 14.94 28.00
C ILE C 358 16.05 14.89 26.58
N MET C 359 16.28 13.78 25.91
CA MET C 359 15.84 13.61 24.54
C MET C 359 14.69 12.63 24.55
N LEU C 360 13.47 13.13 24.51
CA LEU C 360 12.29 12.26 24.62
C LEU C 360 11.89 11.82 23.22
N PHE C 361 11.99 10.53 22.95
CA PHE C 361 11.68 9.97 21.64
C PHE C 361 10.33 9.28 21.71
N THR C 362 9.28 10.03 21.50
CA THR C 362 7.94 9.50 21.63
C THR C 362 7.23 9.60 20.29
N ASP C 363 5.92 9.35 20.29
CA ASP C 363 5.10 9.66 19.14
C ASP C 363 4.00 10.66 19.46
N GLY C 364 3.27 10.46 20.53
CA GLY C 364 2.35 11.48 20.97
C GLY C 364 1.32 10.94 21.94
N GLY C 365 0.82 11.81 22.78
CA GLY C 365 -0.25 11.46 23.68
C GLY C 365 -0.99 12.72 24.05
N GLU C 366 -1.63 12.70 25.21
CA GLU C 366 -2.21 13.91 25.77
C GLU C 366 -1.85 14.03 27.24
N GLU C 367 -0.58 13.81 27.54
CA GLU C 367 -0.08 14.00 28.89
C GLU C 367 1.02 15.05 28.84
N ARG C 368 0.90 16.06 29.69
CA ARG C 368 1.87 17.15 29.72
C ARG C 368 2.77 17.09 30.93
N ALA C 369 2.38 16.38 31.97
CA ALA C 369 3.22 16.16 33.14
C ALA C 369 3.70 17.48 33.72
N GLN C 370 2.79 18.45 33.82
CA GLN C 370 3.15 19.76 34.34
C GLN C 370 3.70 19.66 35.76
N GLU C 371 3.12 18.78 36.58
CA GLU C 371 3.52 18.72 37.97
C GLU C 371 4.95 18.24 38.12
N ILE C 372 5.37 17.30 37.28
CA ILE C 372 6.71 16.74 37.43
C ILE C 372 7.75 17.68 36.87
N PHE C 373 7.38 18.51 35.90
CA PHE C 373 8.28 19.56 35.47
C PHE C 373 8.35 20.70 36.47
N ASN C 374 7.34 20.84 37.32
CA ASN C 374 7.49 21.76 38.45
C ASN C 374 8.37 21.17 39.53
N LYS C 375 8.22 19.89 39.82
CA LYS C 375 8.90 19.34 40.99
C LYS C 375 10.36 19.02 40.74
N TYR C 376 10.73 18.73 39.50
CA TYR C 376 12.09 18.30 39.20
C TYR C 376 12.88 19.33 38.43
N ASN C 377 12.25 20.04 37.51
CA ASN C 377 12.90 21.06 36.71
C ASN C 377 12.15 22.35 36.96
N LYS C 378 12.44 22.97 38.09
CA LYS C 378 11.66 24.14 38.51
C LYS C 378 12.27 25.43 38.00
N ASP C 379 13.57 25.60 38.21
CA ASP C 379 14.30 26.75 37.68
C ASP C 379 14.81 26.52 36.27
N LYS C 380 14.47 25.39 35.67
CA LYS C 380 14.82 25.09 34.28
C LYS C 380 16.34 25.06 34.08
N LYS C 381 16.98 24.14 34.80
CA LYS C 381 18.36 23.79 34.50
C LYS C 381 18.45 22.75 33.40
N VAL C 382 17.51 21.82 33.36
CA VAL C 382 17.49 20.73 32.41
C VAL C 382 16.66 21.14 31.21
N ARG C 383 17.23 21.05 30.02
CA ARG C 383 16.46 21.22 28.79
C ARG C 383 15.77 19.92 28.45
N VAL C 384 14.74 20.01 27.63
CA VAL C 384 14.00 18.84 27.22
C VAL C 384 13.75 18.97 25.74
N PHE C 385 14.37 18.13 24.94
CA PHE C 385 14.10 18.06 23.52
C PHE C 385 13.18 16.89 23.27
N THR C 386 12.11 17.14 22.54
CA THR C 386 11.12 16.11 22.30
C THR C 386 11.03 15.83 20.83
N PHE C 387 11.06 14.56 20.47
CA PHE C 387 11.05 14.12 19.08
C PHE C 387 9.77 13.35 18.85
N SER C 388 9.08 13.65 17.78
CA SER C 388 7.82 13.00 17.48
C SER C 388 8.06 12.08 16.29
N VAL C 389 8.33 10.84 16.57
CA VAL C 389 8.75 9.92 15.52
C VAL C 389 7.53 9.24 14.94
N GLY C 390 7.61 8.89 13.66
CA GLY C 390 6.62 8.04 13.07
C GLY C 390 5.63 8.82 12.20
N GLN C 391 4.99 8.08 11.31
CA GLN C 391 3.90 8.59 10.49
C GLN C 391 2.63 8.16 11.23
N HIS C 392 2.05 9.08 11.99
CA HIS C 392 0.93 8.75 12.85
C HIS C 392 0.05 9.98 12.96
N ASN C 393 -0.97 9.89 13.81
CA ASN C 393 -1.91 10.98 13.94
C ASN C 393 -2.21 11.34 15.39
N TYR C 394 -1.53 10.75 16.36
CA TYR C 394 -1.77 11.07 17.75
C TYR C 394 -1.43 12.52 18.02
N ASP C 395 -1.94 13.02 19.14
CA ASP C 395 -1.81 14.42 19.45
C ASP C 395 -0.35 14.79 19.72
N ARG C 396 0.06 15.94 19.20
CA ARG C 396 1.41 16.43 19.36
C ARG C 396 1.49 17.68 20.21
N GLY C 397 0.39 18.09 20.81
CA GLY C 397 0.37 19.26 21.65
C GLY C 397 1.23 19.14 22.89
N PRO C 398 1.09 18.05 23.65
CA PRO C 398 1.92 17.93 24.85
C PRO C 398 3.39 17.87 24.54
N ILE C 399 3.74 17.17 23.47
CA ILE C 399 5.13 17.07 23.06
C ILE C 399 5.67 18.43 22.65
N GLN C 400 4.91 19.17 21.85
CA GLN C 400 5.37 20.51 21.49
C GLN C 400 5.40 21.43 22.68
N TRP C 401 4.73 21.09 23.76
CA TRP C 401 4.68 21.97 24.90
C TRP C 401 5.80 21.70 25.90
N MET C 402 6.23 20.45 26.06
CA MET C 402 7.33 20.19 26.99
C MET C 402 8.58 20.94 26.56
N ALA C 403 8.85 20.96 25.26
CA ALA C 403 10.01 21.66 24.73
C ALA C 403 9.96 23.15 25.06
N CYS C 404 8.82 23.81 24.83
CA CYS C 404 8.69 25.22 25.17
C CYS C 404 8.84 25.45 26.66
N GLU C 405 8.10 24.69 27.46
CA GLU C 405 8.17 24.87 28.90
C GLU C 405 9.58 24.73 29.41
N ASN C 406 10.42 23.92 28.75
CA ASN C 406 11.72 23.53 29.29
C ASN C 406 12.87 23.88 28.37
N LYS C 407 12.90 25.08 27.83
CA LYS C 407 14.03 25.59 27.07
C LYS C 407 14.46 24.67 25.94
N GLY C 408 13.61 23.77 25.49
CA GLY C 408 14.00 22.78 24.52
C GLY C 408 13.71 23.17 23.11
N TYR C 409 13.42 22.18 22.30
CA TYR C 409 13.03 22.37 20.91
C TYR C 409 12.30 21.11 20.52
N TYR C 410 11.45 21.19 19.50
CA TYR C 410 10.62 20.07 19.12
C TYR C 410 10.90 19.69 17.68
N TYR C 411 11.18 18.41 17.45
CA TYR C 411 11.50 17.92 16.12
C TYR C 411 10.54 16.82 15.73
N GLU C 412 10.20 16.75 14.46
CA GLU C 412 9.34 15.71 13.92
C GLU C 412 10.17 14.82 13.03
N ILE C 413 10.21 13.53 13.31
CA ILE C 413 10.95 12.62 12.46
C ILE C 413 9.99 11.65 11.78
N PRO C 414 9.39 12.02 10.65
CA PRO C 414 8.32 11.20 10.09
C PRO C 414 8.77 10.09 9.17
N SER C 415 10.05 9.93 8.92
CA SER C 415 10.52 8.88 8.02
C SER C 415 12.04 8.85 8.09
N ILE C 416 12.61 7.74 7.64
CA ILE C 416 14.05 7.72 7.44
C ILE C 416 14.40 8.73 6.39
N GLY C 417 15.49 9.45 6.58
CA GLY C 417 15.79 10.57 5.77
C GLY C 417 15.37 11.87 6.40
N ALA C 418 14.52 11.82 7.40
CA ALA C 418 14.46 12.88 8.37
C ALA C 418 15.30 12.58 9.60
N ILE C 419 15.84 11.36 9.70
CA ILE C 419 16.61 10.97 10.86
C ILE C 419 17.83 11.85 11.01
N ARG C 420 18.55 12.06 9.92
CA ARG C 420 19.92 12.53 10.05
C ARG C 420 20.01 14.00 10.38
N ILE C 421 18.97 14.78 10.09
CA ILE C 421 19.08 16.23 10.25
C ILE C 421 18.66 16.70 11.63
N ASN C 422 17.67 16.05 12.24
CA ASN C 422 17.08 16.60 13.44
C ASN C 422 17.98 16.48 14.68
N THR C 423 18.88 15.52 14.66
CA THR C 423 19.89 15.43 15.72
C THR C 423 20.88 16.60 15.66
N GLN C 424 21.56 16.76 14.55
CA GLN C 424 22.46 17.89 14.48
C GLN C 424 21.68 19.19 14.75
N GLU C 425 20.36 19.17 14.54
CA GLU C 425 19.59 20.35 14.94
C GLU C 425 19.61 20.55 16.45
N TYR C 426 19.52 19.48 17.23
CA TYR C 426 19.53 19.75 18.68
C TYR C 426 20.81 20.49 19.04
N LEU C 427 21.89 20.16 18.34
CA LEU C 427 23.12 20.94 18.59
C LEU C 427 22.93 22.38 18.19
N ASP C 428 22.20 22.61 17.11
CA ASP C 428 21.88 23.99 16.72
C ASP C 428 21.31 24.76 17.90
N VAL C 429 20.48 24.12 18.71
CA VAL C 429 19.88 24.78 19.88
C VAL C 429 20.91 24.97 21.00
N LEU C 430 21.69 23.94 21.31
CA LEU C 430 22.51 24.00 22.52
C LEU C 430 23.59 25.07 22.47
N GLY C 431 23.86 25.66 21.33
CA GLY C 431 24.91 26.64 21.21
C GLY C 431 24.51 28.06 21.49
N ARG C 432 23.27 28.30 21.93
CA ARG C 432 22.87 29.65 22.28
C ARG C 432 23.68 30.23 23.42
N PRO C 433 23.80 29.60 24.59
CA PRO C 433 24.60 30.21 25.65
C PRO C 433 26.03 30.41 25.27
N MET C 434 26.57 29.59 24.37
CA MET C 434 27.95 29.77 23.95
C MET C 434 28.07 30.98 23.04
N VAL C 435 27.03 31.30 22.28
CA VAL C 435 27.03 32.53 21.49
C VAL C 435 26.94 33.75 22.40
N LEU C 436 26.03 33.69 23.38
CA LEU C 436 25.76 34.87 24.18
C LEU C 436 26.98 35.32 24.96
N ALA C 437 27.73 34.39 25.55
CA ALA C 437 29.01 34.76 26.15
C ALA C 437 29.98 34.98 25.01
N GLY C 438 29.99 36.21 24.49
CA GLY C 438 30.59 36.50 23.22
C GLY C 438 31.99 36.01 22.95
N ASP C 439 32.98 36.59 23.62
CA ASP C 439 34.37 36.31 23.31
C ASP C 439 35.08 35.49 24.38
N LYS C 440 34.36 35.02 25.38
CA LYS C 440 34.90 34.01 26.28
C LYS C 440 34.74 32.62 25.70
N ALA C 441 33.98 32.49 24.62
CA ALA C 441 33.71 31.22 23.99
C ALA C 441 34.54 30.97 22.75
N LYS C 442 35.39 31.91 22.37
CA LYS C 442 36.23 31.71 21.20
C LYS C 442 37.58 31.19 21.65
N GLN C 443 37.56 29.97 22.17
CA GLN C 443 38.76 29.24 22.51
C GLN C 443 38.93 28.09 21.53
N VAL C 444 40.14 27.96 20.99
CA VAL C 444 40.39 26.88 20.06
C VAL C 444 40.45 25.56 20.82
N GLN C 445 39.78 24.55 20.29
CA GLN C 445 39.72 23.25 20.91
C GLN C 445 40.20 22.21 19.91
N TRP C 446 40.96 21.24 20.38
CA TRP C 446 41.50 20.22 19.51
C TRP C 446 40.77 18.91 19.69
N THR C 447 40.43 18.27 18.58
CA THR C 447 39.64 17.05 18.61
C THR C 447 40.52 15.83 18.88
N ASN C 448 39.89 14.76 19.33
CA ASN C 448 40.56 13.47 19.39
C ASN C 448 41.06 13.10 18.02
N VAL C 449 42.08 12.26 17.99
CA VAL C 449 42.59 11.74 16.73
C VAL C 449 41.44 11.05 16.01
N TYR C 450 41.35 11.28 14.70
CA TYR C 450 40.37 10.62 13.86
C TYR C 450 40.96 10.54 12.47
N LEU C 451 40.25 9.89 11.56
CA LEU C 451 40.70 9.78 10.18
C LEU C 451 40.03 10.86 9.33
N ASP C 452 40.83 11.54 8.53
CA ASP C 452 40.32 12.64 7.72
C ASP C 452 39.32 12.14 6.69
N ALA C 453 38.33 12.96 6.38
CA ALA C 453 37.38 12.59 5.33
C ALA C 453 38.05 12.50 3.98
N LEU C 454 38.77 13.55 3.58
CA LEU C 454 39.64 13.46 2.42
C LEU C 454 40.95 12.85 2.89
N GLU C 455 41.30 11.70 2.33
CA GLU C 455 42.22 10.78 2.99
C GLU C 455 43.61 11.35 3.23
N LEU C 456 43.94 11.62 4.50
CA LEU C 456 45.29 11.91 4.95
C LEU C 456 45.67 11.17 6.22
N GLY C 457 44.81 10.32 6.75
CA GLY C 457 45.22 9.52 7.88
C GLY C 457 44.77 10.10 9.20
N LEU C 458 45.62 10.02 10.22
CA LEU C 458 45.28 10.47 11.56
C LEU C 458 45.52 11.96 11.65
N VAL C 459 44.47 12.72 11.96
CA VAL C 459 44.59 14.16 12.12
C VAL C 459 43.76 14.59 13.31
N ILE C 460 44.35 15.39 14.19
CA ILE C 460 43.54 16.17 15.10
C ILE C 460 43.17 17.42 14.35
N THR C 461 42.23 18.19 14.86
CA THR C 461 41.71 19.35 14.16
C THR C 461 41.32 20.41 15.17
N GLY C 462 41.77 21.65 14.95
CA GLY C 462 41.46 22.72 15.86
C GLY C 462 40.25 23.49 15.37
N THR C 463 39.30 23.72 16.25
CA THR C 463 38.04 24.31 15.86
C THR C 463 37.85 25.64 16.56
N LEU C 464 37.00 26.48 16.00
CA LEU C 464 36.62 27.75 16.58
C LEU C 464 35.26 28.15 16.04
N PRO C 465 34.24 28.31 16.87
CA PRO C 465 32.93 28.70 16.36
C PRO C 465 32.95 30.12 15.82
N VAL C 466 32.10 30.37 14.84
CA VAL C 466 32.01 31.67 14.19
C VAL C 466 30.63 32.22 14.44
N PHE C 467 30.54 33.43 14.97
CA PHE C 467 29.27 33.96 15.44
C PHE C 467 28.65 34.91 14.42
N ASN C 468 27.38 35.22 14.63
CA ASN C 468 26.64 36.11 13.74
C ASN C 468 26.58 37.49 14.37
N ILE C 469 27.03 38.50 13.63
CA ILE C 469 27.37 39.82 14.16
C ILE C 469 26.68 40.93 13.39
N THR C 470 25.48 40.69 12.87
CA THR C 470 24.84 41.74 12.06
C THR C 470 24.55 42.97 12.91
N GLY C 471 23.71 42.84 13.93
CA GLY C 471 23.36 44.00 14.73
C GLY C 471 24.31 44.22 15.88
N GLN C 472 25.27 45.12 15.69
CA GLN C 472 26.30 45.38 16.68
C GLN C 472 26.76 46.82 16.53
N PHE C 473 26.74 47.58 17.63
CA PHE C 473 26.96 49.03 17.70
C PHE C 473 25.81 49.82 17.10
N GLU C 474 24.79 49.15 16.57
CA GLU C 474 23.49 49.73 16.25
C GLU C 474 22.39 48.79 16.75
N ASN C 475 22.52 48.40 18.02
CA ASN C 475 21.85 47.25 18.64
C ASN C 475 20.42 47.08 18.14
N LYS C 476 20.12 45.88 17.63
CA LYS C 476 18.86 45.63 16.95
C LYS C 476 18.14 44.43 17.54
N THR C 477 17.12 43.93 16.83
CA THR C 477 16.24 42.91 17.38
C THR C 477 16.98 41.61 17.71
N ASN C 478 17.92 41.22 16.85
CA ASN C 478 18.66 39.96 17.00
C ASN C 478 17.72 38.77 17.02
N LEU C 479 17.02 38.57 15.90
CA LEU C 479 16.14 37.42 15.75
C LEU C 479 16.89 36.12 15.95
N LYS C 480 17.83 35.82 15.05
CA LYS C 480 18.62 34.61 15.09
C LYS C 480 20.11 34.91 15.26
N ASN C 481 20.41 36.01 15.94
CA ASN C 481 21.79 36.29 16.32
C ASN C 481 22.28 35.42 17.46
N GLN C 482 21.50 34.43 17.84
CA GLN C 482 21.89 33.48 18.86
C GLN C 482 22.41 32.18 18.29
N LEU C 483 22.50 32.05 16.98
CA LEU C 483 23.09 30.87 16.38
C LEU C 483 24.48 31.19 15.87
N ILE C 484 25.22 30.17 15.54
CA ILE C 484 26.54 30.35 14.96
C ILE C 484 26.42 30.21 13.46
N LEU C 485 27.26 30.93 12.73
CA LEU C 485 27.32 30.69 11.30
C LEU C 485 27.86 29.30 11.01
N GLY C 486 28.83 28.87 11.78
CA GLY C 486 29.48 27.59 11.51
C GLY C 486 30.69 27.45 12.40
N VAL C 487 31.59 26.59 11.99
CA VAL C 487 32.79 26.30 12.75
C VAL C 487 33.97 26.33 11.80
N MET C 488 35.00 27.08 12.15
CA MET C 488 36.26 26.99 11.44
C MET C 488 37.05 25.82 11.99
N GLY C 489 37.79 25.15 11.13
CA GLY C 489 38.60 24.06 11.60
C GLY C 489 39.82 23.89 10.74
N VAL C 490 41.00 23.86 11.33
CA VAL C 490 42.25 23.69 10.60
C VAL C 490 42.91 22.42 11.08
N ASP C 491 43.18 21.50 10.16
CA ASP C 491 43.71 20.20 10.53
C ASP C 491 45.17 20.26 10.89
N VAL C 492 45.60 19.31 11.73
CA VAL C 492 47.01 19.04 11.98
C VAL C 492 47.19 17.54 11.82
N SER C 493 48.22 17.14 11.08
CA SER C 493 48.47 15.72 10.89
C SER C 493 49.31 15.19 12.03
N LEU C 494 49.11 13.92 12.36
CA LEU C 494 49.94 13.34 13.41
C LEU C 494 51.36 13.13 12.94
N GLU C 495 51.55 12.88 11.65
CA GLU C 495 52.91 12.84 11.12
C GLU C 495 53.60 14.16 11.31
N ASP C 496 52.85 15.26 11.31
CA ASP C 496 53.45 16.56 11.54
C ASP C 496 53.92 16.71 12.97
N ILE C 497 53.20 16.15 13.93
CA ILE C 497 53.65 16.21 15.31
C ILE C 497 54.83 15.27 15.53
N LYS C 498 54.83 14.13 14.86
CA LYS C 498 55.92 13.18 15.04
C LYS C 498 57.25 13.71 14.54
N ARG C 499 57.24 14.76 13.72
CA ARG C 499 58.49 15.37 13.27
C ARG C 499 59.06 16.34 14.28
N LEU C 500 58.28 16.76 15.27
CA LEU C 500 58.78 17.59 16.35
C LEU C 500 59.26 16.77 17.54
N THR C 501 59.19 15.44 17.43
CA THR C 501 59.65 14.52 18.46
C THR C 501 60.64 13.59 17.81
N PRO C 502 61.84 14.07 17.50
CA PRO C 502 62.78 13.28 16.71
C PRO C 502 63.37 12.15 17.53
N ARG C 503 63.26 10.94 17.01
CA ARG C 503 63.51 9.75 17.81
C ARG C 503 64.82 9.04 17.49
N PHE C 504 65.60 9.51 16.53
CA PHE C 504 66.73 8.68 16.14
C PHE C 504 67.94 8.84 17.05
N THR C 505 67.95 9.83 17.94
CA THR C 505 68.97 9.92 18.95
C THR C 505 68.64 9.09 20.18
N LEU C 506 67.49 8.43 20.21
CA LEU C 506 67.08 7.55 21.28
C LEU C 506 67.36 6.12 20.88
N CYS C 507 67.41 5.23 21.86
CA CYS C 507 67.55 3.83 21.55
C CYS C 507 66.24 3.32 20.96
N PRO C 508 66.28 2.21 20.24
CA PRO C 508 65.04 1.70 19.62
C PRO C 508 63.95 1.41 20.61
N ASN C 509 64.26 1.31 21.89
CA ASN C 509 63.24 1.06 22.88
C ASN C 509 62.58 2.34 23.36
N GLY C 510 63.34 3.42 23.52
CA GLY C 510 62.79 4.66 24.01
C GLY C 510 61.96 5.39 22.98
N TYR C 511 61.03 6.21 23.45
CA TYR C 511 60.10 6.85 22.53
C TYR C 511 59.44 8.02 23.24
N TYR C 512 58.57 8.72 22.51
CA TYR C 512 57.70 9.75 23.05
C TYR C 512 56.27 9.24 23.07
N PHE C 513 55.45 9.88 23.88
CA PHE C 513 54.01 9.67 23.79
C PHE C 513 53.33 10.84 24.47
N ALA C 514 52.19 11.25 23.95
CA ALA C 514 51.43 12.35 24.51
C ALA C 514 50.02 11.88 24.84
N ILE C 515 49.37 12.60 25.72
CA ILE C 515 48.18 12.09 26.38
C ILE C 515 47.13 13.20 26.45
N ASP C 516 45.91 12.84 26.11
CA ASP C 516 44.75 13.69 26.21
C ASP C 516 44.36 13.85 27.68
N PRO C 517 43.61 14.88 28.02
CA PRO C 517 42.96 14.89 29.34
C PRO C 517 41.93 13.81 29.58
N ASN C 518 41.61 13.00 28.57
CA ASN C 518 40.85 11.78 28.80
C ASN C 518 41.73 10.56 28.87
N GLY C 519 43.03 10.71 28.77
CA GLY C 519 43.94 9.60 28.77
C GLY C 519 44.24 9.03 27.41
N TYR C 520 43.54 9.45 26.37
CA TYR C 520 43.80 8.94 25.04
C TYR C 520 45.14 9.41 24.52
N VAL C 521 45.81 8.56 23.77
CA VAL C 521 47.14 8.87 23.27
C VAL C 521 46.98 9.69 22.00
N LEU C 522 47.41 10.95 22.07
CA LEU C 522 47.61 11.72 20.85
C LEU C 522 48.69 11.09 20.00
N LEU C 523 49.75 10.63 20.64
CA LEU C 523 50.96 10.20 19.98
C LEU C 523 51.54 9.02 20.75
N HIS C 524 51.80 7.94 20.06
CA HIS C 524 52.32 6.75 20.70
C HIS C 524 52.85 5.82 19.63
N PRO C 525 53.97 5.15 19.86
CA PRO C 525 54.48 4.23 18.84
C PRO C 525 53.56 3.08 18.55
N ASN C 526 52.58 2.83 19.42
CA ASN C 526 51.71 1.68 19.31
C ASN C 526 50.35 2.06 18.74
N LEU C 527 50.19 3.31 18.33
CA LEU C 527 48.94 3.79 17.76
C LEU C 527 49.03 3.75 16.25
N GLN C 528 48.01 3.17 15.62
CA GLN C 528 48.15 2.94 14.20
C GLN C 528 47.01 3.57 13.43
N PRO C 529 47.25 4.02 12.21
CA PRO C 529 46.18 4.65 11.43
C PRO C 529 45.12 3.66 11.01
N LYS C 530 44.37 3.14 11.96
CA LYS C 530 43.41 2.09 11.69
C LYS C 530 42.32 2.19 12.74
N PRO C 531 41.05 2.11 12.35
CA PRO C 531 39.97 2.36 13.30
C PRO C 531 40.00 1.37 14.46
N ILE C 532 39.52 1.83 15.60
CA ILE C 532 39.63 1.09 16.84
C ILE C 532 38.43 0.16 16.98
N GLY C 533 38.69 -1.12 17.22
CA GLY C 533 37.62 -2.10 17.25
C GLY C 533 36.83 -2.05 18.53
N VAL C 534 35.56 -2.43 18.44
CA VAL C 534 34.68 -2.39 19.60
C VAL C 534 33.98 -3.71 19.89
N GLY C 535 33.74 -4.57 18.92
CA GLY C 535 33.13 -5.85 19.21
C GLY C 535 33.36 -6.79 18.06
N ILE C 536 33.15 -8.08 18.33
CA ILE C 536 33.43 -9.09 17.30
C ILE C 536 32.53 -8.85 16.10
N PRO C 537 33.08 -8.70 14.90
CA PRO C 537 32.24 -8.32 13.75
C PRO C 537 31.29 -9.43 13.37
N THR C 538 30.15 -9.02 12.82
CA THR C 538 29.12 -9.96 12.41
C THR C 538 29.47 -10.60 11.08
N GLN C 554 34.61 6.23 10.62
CA GLN C 554 34.10 7.58 10.80
C GLN C 554 33.94 7.89 12.29
N GLU C 555 34.55 7.03 13.14
CA GLU C 555 34.69 7.08 14.59
C GLU C 555 36.10 7.54 14.94
N PRO C 556 36.26 8.19 16.09
CA PRO C 556 37.59 8.64 16.50
C PRO C 556 38.46 7.46 16.88
N VAL C 557 39.76 7.64 16.70
CA VAL C 557 40.74 6.62 17.12
C VAL C 557 41.13 6.98 18.55
N THR C 558 40.28 6.56 19.49
CA THR C 558 40.46 6.88 20.89
C THR C 558 41.05 5.67 21.58
N LEU C 559 42.36 5.51 21.43
CA LEU C 559 43.08 4.43 22.09
C LEU C 559 43.59 4.95 23.43
N ASP C 560 43.12 4.36 24.52
CA ASP C 560 43.57 4.83 25.81
C ASP C 560 45.05 4.53 25.98
N PHE C 561 45.67 5.20 26.94
CA PHE C 561 47.08 4.97 27.17
C PHE C 561 47.32 3.55 27.67
N LEU C 562 46.57 3.15 28.69
CA LEU C 562 46.76 1.82 29.25
C LEU C 562 46.34 0.72 28.30
N ASP C 563 45.68 1.05 27.21
CA ASP C 563 45.44 0.08 26.15
C ASP C 563 46.55 0.05 25.13
N ALA C 564 47.51 0.96 25.22
CA ALA C 564 48.64 0.99 24.32
C ALA C 564 49.89 0.34 24.89
N GLU C 565 49.94 0.17 26.20
CA GLU C 565 51.14 -0.32 26.88
C GLU C 565 50.76 -1.22 28.06
N LEU C 566 51.42 -2.36 28.26
CA LEU C 566 51.07 -3.27 29.35
C LEU C 566 50.94 -2.48 30.63
N GLU C 567 49.86 -2.73 31.35
CA GLU C 567 49.48 -1.86 32.45
C GLU C 567 50.10 -2.34 33.76
N ASN C 568 50.83 -1.47 34.42
CA ASN C 568 51.32 -1.73 35.75
C ASN C 568 50.52 -0.92 36.76
N ASP C 569 50.89 -1.04 38.02
CA ASP C 569 50.35 -0.14 39.02
C ASP C 569 51.02 1.20 38.95
N ILE C 570 52.27 1.24 38.49
CA ILE C 570 52.99 2.50 38.40
C ILE C 570 52.50 3.30 37.20
N LYS C 571 52.15 2.62 36.12
CA LYS C 571 51.72 3.33 34.92
C LYS C 571 50.41 4.06 35.13
N VAL C 572 49.52 3.52 35.97
CA VAL C 572 48.30 4.23 36.25
C VAL C 572 48.59 5.50 37.04
N GLU C 573 49.57 5.44 37.94
CA GLU C 573 50.00 6.65 38.63
C GLU C 573 50.58 7.66 37.66
N ILE C 574 51.41 7.19 36.73
CA ILE C 574 51.97 8.08 35.70
C ILE C 574 50.86 8.76 34.93
N ARG C 575 49.89 7.98 34.46
CA ARG C 575 48.84 8.52 33.61
C ARG C 575 47.95 9.49 34.36
N ASN C 576 47.59 9.18 35.60
CA ASN C 576 46.82 10.14 36.37
C ASN C 576 47.62 11.39 36.65
N LYS C 577 48.94 11.27 36.75
CA LYS C 577 49.76 12.45 36.94
C LYS C 577 49.75 13.32 35.70
N MET C 578 49.91 12.71 34.53
CA MET C 578 49.97 13.45 33.27
C MET C 578 48.64 14.07 32.93
N ILE C 579 47.54 13.39 33.23
CA ILE C 579 46.22 13.95 32.95
C ILE C 579 46.01 15.23 33.76
N ASP C 580 46.53 15.26 34.99
CA ASP C 580 46.42 16.46 35.81
C ASP C 580 47.28 17.60 35.30
N GLY C 581 48.24 17.35 34.43
CA GLY C 581 49.12 18.40 34.02
C GLY C 581 50.11 18.74 35.09
N GLU C 582 51.01 17.82 35.40
CA GLU C 582 52.05 18.04 36.39
C GLU C 582 53.34 17.42 35.89
N SER C 583 54.41 18.19 35.89
CA SER C 583 55.70 17.68 35.45
C SER C 583 56.21 16.64 36.42
N GLY C 584 57.14 15.82 35.94
CA GLY C 584 57.75 14.87 36.85
C GLY C 584 58.57 13.83 36.10
N GLU C 585 59.04 12.85 36.87
CA GLU C 585 59.80 11.75 36.30
C GLU C 585 59.76 10.58 37.28
N LYS C 586 60.00 9.38 36.75
CA LYS C 586 59.83 8.16 37.54
C LYS C 586 60.55 7.03 36.86
N THR C 587 61.34 6.27 37.61
CA THR C 587 62.11 5.17 37.04
C THR C 587 61.75 3.86 37.72
N PHE C 588 61.59 2.80 36.94
CA PHE C 588 61.11 1.55 37.51
C PHE C 588 61.31 0.41 36.52
N ARG C 589 60.73 -0.75 36.84
CA ARG C 589 60.80 -1.93 36.00
C ARG C 589 59.44 -2.18 35.37
N THR C 590 59.45 -2.58 34.09
CA THR C 590 58.24 -2.69 33.30
C THR C 590 58.22 -4.05 32.62
N LEU C 591 57.02 -4.58 32.43
CA LEU C 591 56.84 -5.78 31.61
C LEU C 591 56.65 -5.30 30.18
N VAL C 592 57.77 -5.04 29.50
CA VAL C 592 57.75 -4.39 28.20
C VAL C 592 57.43 -5.43 27.14
N LYS C 593 56.27 -5.33 26.54
CA LYS C 593 55.92 -6.23 25.46
C LYS C 593 56.84 -5.97 24.28
N SER C 594 57.19 -7.03 23.56
CA SER C 594 58.09 -6.86 22.44
C SER C 594 57.38 -6.11 21.32
N GLN C 595 58.07 -5.93 20.20
CA GLN C 595 57.42 -5.31 19.06
C GLN C 595 56.49 -6.29 18.38
N ASP C 596 56.87 -7.57 18.35
CA ASP C 596 56.23 -8.58 17.52
C ASP C 596 55.08 -9.29 18.20
N GLU C 597 54.69 -8.84 19.39
CA GLU C 597 53.48 -9.34 20.04
C GLU C 597 53.58 -10.82 20.37
N ARG C 598 54.79 -11.28 20.70
CA ARG C 598 55.03 -12.67 21.06
C ARG C 598 55.82 -12.88 22.32
N TYR C 599 56.60 -11.90 22.79
CA TYR C 599 57.46 -12.08 23.95
C TYR C 599 57.14 -11.00 24.98
N ILE C 600 57.85 -11.03 26.09
CA ILE C 600 57.86 -9.95 27.08
C ILE C 600 59.25 -9.85 27.67
N ASP C 601 59.76 -8.63 27.79
CA ASP C 601 61.01 -8.37 28.48
C ASP C 601 60.73 -7.79 29.86
N LYS C 602 61.68 -8.01 30.77
CA LYS C 602 61.60 -7.40 32.09
C LYS C 602 62.32 -6.07 31.98
N GLY C 603 61.57 -5.03 31.69
CA GLY C 603 62.16 -3.77 31.32
C GLY C 603 62.70 -2.97 32.48
N ASN C 604 63.30 -1.84 32.13
CA ASN C 604 63.94 -0.92 33.07
C ASN C 604 63.83 0.47 32.44
N ARG C 605 62.79 1.21 32.79
CA ARG C 605 62.45 2.41 32.07
C ARG C 605 62.48 3.64 32.97
N THR C 606 62.51 4.79 32.32
CA THR C 606 62.47 6.10 32.97
C THR C 606 61.49 6.96 32.20
N TYR C 607 60.37 7.29 32.83
CA TYR C 607 59.37 8.16 32.23
C TYR C 607 59.61 9.58 32.70
N THR C 608 59.68 10.51 31.78
CA THR C 608 59.71 11.92 32.12
C THR C 608 58.53 12.59 31.46
N TRP C 609 57.92 13.57 32.10
CA TRP C 609 56.75 14.16 31.48
C TRP C 609 56.58 15.60 31.92
N THR C 610 55.90 16.36 31.08
CA THR C 610 55.61 17.76 31.30
C THR C 610 54.23 18.05 30.71
N PRO C 611 53.58 19.12 31.12
CA PRO C 611 52.44 19.61 30.35
C PRO C 611 52.92 20.28 29.08
N VAL C 612 52.09 20.22 28.05
CA VAL C 612 52.31 20.98 26.84
C VAL C 612 51.52 22.27 26.97
N ASN C 613 52.22 23.36 27.26
CA ASN C 613 51.55 24.57 27.71
C ASN C 613 50.60 25.10 26.65
N GLY C 614 49.65 25.91 27.09
CA GLY C 614 48.72 26.55 26.18
C GLY C 614 47.79 25.55 25.52
N THR C 615 47.82 24.32 26.01
CA THR C 615 47.08 23.22 25.42
C THR C 615 46.77 22.25 26.54
N ASP C 616 45.90 21.29 26.26
CA ASP C 616 45.52 20.32 27.27
C ASP C 616 46.35 19.04 27.24
N TYR C 617 47.12 18.80 26.18
CA TYR C 617 47.88 17.57 26.07
C TYR C 617 49.03 17.57 27.06
N SER C 618 49.57 16.38 27.31
CA SER C 618 50.78 16.28 28.13
C SER C 618 51.75 15.32 27.46
N LEU C 619 53.03 15.62 27.54
CA LEU C 619 54.04 14.94 26.75
C LEU C 619 55.00 14.20 27.66
N ALA C 620 55.40 13.00 27.26
CA ALA C 620 56.28 12.19 28.07
C ALA C 620 57.25 11.42 27.19
N LEU C 621 58.42 11.17 27.73
CA LEU C 621 59.51 10.49 27.07
C LEU C 621 59.88 9.27 27.89
N VAL C 622 59.89 8.11 27.24
CA VAL C 622 60.26 6.85 27.83
C VAL C 622 61.70 6.55 27.42
N LEU C 623 62.57 6.39 28.40
CA LEU C 623 63.97 6.13 28.10
C LEU C 623 64.45 4.91 28.87
N PRO C 624 64.98 3.89 28.20
CA PRO C 624 65.77 2.89 28.90
C PRO C 624 67.03 3.51 29.46
N THR C 625 67.47 2.99 30.60
CA THR C 625 68.59 3.60 31.30
C THR C 625 69.87 3.57 30.48
N TYR C 626 70.04 2.55 29.64
CA TYR C 626 71.21 2.46 28.78
C TYR C 626 71.09 3.32 27.54
N SER C 627 70.12 4.22 27.49
CA SER C 627 69.94 5.13 26.38
C SER C 627 70.20 6.58 26.76
N PHE C 628 70.91 6.80 27.87
CA PHE C 628 71.19 8.15 28.33
C PHE C 628 72.34 8.79 27.58
N TYR C 629 72.99 8.05 26.69
CA TYR C 629 74.05 8.60 25.86
C TYR C 629 73.88 8.06 24.46
N TYR C 630 74.35 8.81 23.48
CA TYR C 630 74.23 8.37 22.11
C TYR C 630 75.48 8.73 21.33
N ILE C 631 75.78 7.89 20.34
CA ILE C 631 76.94 8.06 19.49
C ILE C 631 76.62 9.12 18.44
N LYS C 632 77.30 10.26 18.51
CA LYS C 632 77.23 11.26 17.46
C LYS C 632 78.50 11.22 16.63
N ALA C 633 78.33 11.05 15.33
CA ALA C 633 79.46 10.90 14.42
C ALA C 633 80.11 12.25 14.18
N LYS C 634 81.43 12.30 14.37
CA LYS C 634 82.22 13.50 14.10
C LYS C 634 82.99 13.30 12.81
N LEU C 635 82.31 13.53 11.69
CA LEU C 635 82.90 13.45 10.36
C LEU C 635 82.84 14.84 9.75
N GLU C 636 84.01 15.45 9.51
CA GLU C 636 84.04 16.82 9.02
C GLU C 636 85.12 17.04 7.97
N GLU C 637 85.68 15.97 7.40
CA GLU C 637 86.76 16.10 6.43
C GLU C 637 86.28 16.09 4.98
N THR C 638 85.01 15.75 4.75
CA THR C 638 84.37 15.69 3.43
C THR C 638 84.96 14.57 2.58
N ILE C 639 85.99 13.88 3.05
CA ILE C 639 86.54 12.73 2.35
C ILE C 639 86.41 11.44 3.16
N THR C 640 86.30 11.51 4.48
CA THR C 640 86.03 10.30 5.26
C THR C 640 84.64 9.76 4.95
N GLN C 641 83.69 10.67 4.71
CA GLN C 641 82.36 10.25 4.29
C GLN C 641 82.43 9.35 3.06
N ALA C 642 83.20 9.77 2.06
CA ALA C 642 83.32 8.94 0.85
C ALA C 642 83.98 7.62 1.16
N ARG C 643 85.08 7.64 1.92
CA ARG C 643 85.83 6.42 2.19
C ARG C 643 85.05 5.44 3.06
N TYR C 644 83.95 5.90 3.67
CA TYR C 644 83.01 4.95 4.25
C TYR C 644 81.86 4.62 3.33
N SER C 645 81.51 5.52 2.41
CA SER C 645 80.29 5.37 1.63
C SER C 645 80.47 4.58 0.35
N GLU C 646 81.69 4.36 -0.13
CA GLU C 646 81.79 3.46 -1.28
C GLU C 646 81.36 2.06 -0.92
N THR C 647 81.36 1.73 0.37
CA THR C 647 81.09 0.38 0.86
C THR C 647 79.63 0.02 0.79
N LEU C 648 78.81 0.82 0.10
CA LEU C 648 77.39 0.58 0.00
C LEU C 648 76.94 0.27 -1.42
N LYS C 649 77.78 0.51 -2.42
CA LYS C 649 77.35 0.38 -3.80
C LYS C 649 76.90 -1.04 -4.10
N PRO C 650 75.79 -1.23 -4.81
CA PRO C 650 75.32 -2.59 -5.12
C PRO C 650 76.14 -3.26 -6.20
N ASP C 651 77.45 -3.29 -6.00
CA ASP C 651 78.36 -4.04 -6.85
C ASP C 651 79.27 -4.97 -6.07
N ASN C 652 79.78 -4.52 -4.92
CA ASN C 652 80.80 -5.21 -4.16
C ASN C 652 80.22 -6.06 -3.05
N PHE C 653 79.04 -6.63 -3.27
CA PHE C 653 78.49 -7.54 -2.27
C PHE C 653 79.11 -8.91 -2.43
N GLU C 654 80.44 -8.98 -2.44
CA GLU C 654 81.17 -10.20 -2.12
C GLU C 654 82.31 -9.87 -1.19
N GLU C 655 82.84 -8.65 -1.30
CA GLU C 655 83.84 -8.22 -0.32
C GLU C 655 83.19 -8.02 1.03
N SER C 656 82.10 -7.27 1.05
CA SER C 656 81.31 -7.08 2.25
C SER C 656 80.12 -8.02 2.23
N GLY C 657 79.31 -7.95 3.28
CA GLY C 657 78.08 -8.70 3.33
C GLY C 657 77.02 -8.00 2.50
N TYR C 658 75.78 -8.40 2.72
CA TYR C 658 74.65 -7.86 1.97
C TYR C 658 73.96 -6.84 2.85
N THR C 659 73.96 -5.58 2.41
CA THR C 659 73.54 -4.49 3.25
C THR C 659 72.13 -4.02 2.91
N PHE C 660 71.52 -3.33 3.88
CA PHE C 660 70.30 -2.57 3.71
C PHE C 660 70.47 -1.21 4.36
N ILE C 661 69.65 -0.26 3.93
CA ILE C 661 69.60 1.06 4.54
C ILE C 661 68.19 1.29 5.06
N ALA C 662 68.09 1.65 6.32
CA ALA C 662 66.81 1.94 6.95
C ALA C 662 66.20 3.17 6.29
N PRO C 663 65.00 3.08 5.75
CA PRO C 663 64.44 4.23 5.03
C PRO C 663 64.08 5.37 5.96
N ARG C 664 65.08 6.11 6.40
CA ARG C 664 64.89 7.30 7.20
C ARG C 664 64.90 8.53 6.31
N ASP C 665 64.40 9.63 6.86
CA ASP C 665 64.34 10.88 6.10
C ASP C 665 65.68 11.61 6.23
N TYR C 666 66.68 11.08 5.53
CA TYR C 666 67.97 11.74 5.48
C TYR C 666 67.81 13.14 4.91
N CYS C 667 67.04 13.26 3.83
CA CYS C 667 66.45 14.50 3.36
C CYS C 667 65.52 14.25 2.18
N ASN C 668 64.55 15.16 2.06
CA ASN C 668 63.39 14.96 1.19
C ASN C 668 63.79 14.74 -0.25
N ASP C 669 64.98 15.19 -0.63
CA ASP C 669 65.46 14.92 -1.98
C ASP C 669 65.53 13.42 -2.23
N LEU C 670 65.86 12.64 -1.21
CA LEU C 670 65.63 11.20 -1.27
C LEU C 670 64.17 10.94 -0.99
N LYS C 671 63.62 9.94 -1.66
CA LYS C 671 62.26 9.49 -1.41
C LYS C 671 62.33 8.08 -0.84
N ILE C 672 61.75 7.88 0.34
CA ILE C 672 61.81 6.60 1.01
C ILE C 672 60.86 5.62 0.32
N SER C 673 61.29 4.37 0.20
CA SER C 673 60.53 3.39 -0.58
C SER C 673 60.65 2.02 0.06
N ASP C 674 59.74 1.14 -0.33
CA ASP C 674 59.77 -0.24 0.14
C ASP C 674 60.78 -1.10 -0.62
N ASN C 675 61.09 -0.75 -1.87
CA ASN C 675 62.15 -1.46 -2.57
C ASN C 675 63.47 -1.01 -1.95
N ASN C 676 63.87 -1.69 -0.86
CA ASN C 676 65.06 -1.26 -0.16
C ASN C 676 66.30 -1.31 -1.04
N THR C 677 66.30 -2.18 -2.06
CA THR C 677 67.34 -2.09 -3.08
C THR C 677 67.29 -0.75 -3.77
N GLU C 678 66.09 -0.30 -4.14
CA GLU C 678 65.96 0.99 -4.81
C GLU C 678 66.39 2.12 -3.90
N PHE C 679 66.05 2.04 -2.62
CA PHE C 679 66.45 3.07 -1.69
C PHE C 679 67.96 3.10 -1.51
N LEU C 680 68.59 1.93 -1.41
CA LEU C 680 70.04 1.89 -1.32
C LEU C 680 70.67 2.50 -2.56
N LEU C 681 70.13 2.17 -3.73
CA LEU C 681 70.55 2.85 -4.95
C LEU C 681 70.52 4.35 -4.76
N ASN C 682 69.33 4.91 -4.54
CA ASN C 682 69.19 6.36 -4.46
C ASN C 682 70.14 6.95 -3.45
N PHE C 683 70.37 6.23 -2.35
CA PHE C 683 71.33 6.72 -1.36
C PHE C 683 72.73 6.78 -1.94
N ASN C 684 73.10 5.80 -2.75
CA ASN C 684 74.42 5.83 -3.39
C ASN C 684 74.54 7.01 -4.35
N GLU C 685 73.57 7.15 -5.27
CA GLU C 685 73.64 8.29 -6.18
C GLU C 685 73.66 9.61 -5.43
N PHE C 686 72.97 9.68 -4.30
CA PHE C 686 72.87 10.95 -3.59
C PHE C 686 74.12 11.26 -2.80
N ILE C 687 74.80 10.25 -2.25
CA ILE C 687 76.10 10.50 -1.64
C ILE C 687 77.09 10.90 -2.71
N ASP C 688 76.96 10.33 -3.91
CA ASP C 688 77.87 10.67 -5.01
C ASP C 688 77.89 12.17 -5.25
N ARG C 689 76.76 12.84 -5.05
CA ARG C 689 76.68 14.30 -5.17
C ARG C 689 76.07 14.85 -3.88
N LYS C 690 76.92 15.07 -2.89
CA LYS C 690 76.51 15.45 -1.54
C LYS C 690 77.09 16.78 -1.09
N THR C 691 78.35 17.05 -1.40
CA THR C 691 79.02 18.22 -0.83
C THR C 691 78.30 19.53 -1.12
N PRO C 692 77.78 19.80 -2.32
CA PRO C 692 77.03 21.06 -2.50
C PRO C 692 75.83 21.18 -1.59
N ASN C 693 75.17 20.07 -1.25
CA ASN C 693 73.99 20.09 -0.39
C ASN C 693 74.36 19.89 1.08
N ASN C 694 75.32 20.67 1.58
CA ASN C 694 75.57 20.66 3.02
C ASN C 694 74.37 21.13 3.82
N PRO C 695 73.73 22.27 3.52
CA PRO C 695 72.58 22.69 4.31
C PRO C 695 71.24 22.16 3.80
N SER C 696 71.22 21.43 2.68
CA SER C 696 69.96 20.85 2.21
C SER C 696 69.38 19.89 3.22
N CYS C 697 70.23 19.11 3.88
CA CYS C 697 69.74 18.13 4.83
C CYS C 697 70.80 17.79 5.86
N ASN C 698 70.31 17.25 6.97
CA ASN C 698 71.08 17.21 8.20
C ASN C 698 72.29 16.29 8.11
N ALA C 699 73.40 16.76 8.65
CA ALA C 699 74.62 15.98 8.67
C ALA C 699 74.61 14.91 9.74
N ASP C 700 73.69 14.98 10.70
CA ASP C 700 73.70 14.03 11.81
C ASP C 700 73.38 12.64 11.34
N LEU C 701 72.23 12.47 10.68
CA LEU C 701 71.82 11.14 10.24
C LEU C 701 72.77 10.58 9.21
N ILE C 702 73.20 11.40 8.25
CA ILE C 702 74.12 10.92 7.23
C ILE C 702 75.45 10.52 7.86
N ASN C 703 75.97 11.36 8.75
CA ASN C 703 77.25 11.05 9.37
C ASN C 703 77.15 9.77 10.19
N ARG C 704 76.05 9.59 10.93
CA ARG C 704 75.88 8.39 11.72
C ARG C 704 75.82 7.15 10.83
N VAL C 705 75.01 7.21 9.76
CA VAL C 705 74.88 6.04 8.92
C VAL C 705 76.19 5.73 8.23
N LEU C 706 76.98 6.75 7.89
CA LEU C 706 78.27 6.50 7.25
C LEU C 706 79.26 5.91 8.24
N LEU C 707 79.28 6.40 9.47
CA LEU C 707 80.15 5.82 10.49
C LEU C 707 79.79 4.36 10.74
N ASP C 708 78.50 4.07 10.83
CA ASP C 708 78.08 2.69 11.06
C ASP C 708 78.40 1.81 9.87
N ALA C 709 78.23 2.33 8.65
CA ALA C 709 78.58 1.55 7.47
C ALA C 709 80.08 1.25 7.46
N GLY C 710 80.90 2.24 7.82
CA GLY C 710 82.32 2.01 7.90
C GLY C 710 82.68 0.94 8.91
N PHE C 711 82.10 1.02 10.10
CA PHE C 711 82.44 0.03 11.13
C PHE C 711 81.93 -1.34 10.73
N THR C 712 80.74 -1.42 10.16
CA THR C 712 80.18 -2.70 9.76
C THR C 712 81.00 -3.36 8.67
N ASN C 713 81.41 -2.60 7.65
CA ASN C 713 82.25 -3.20 6.62
C ASN C 713 83.62 -3.58 7.19
N GLU C 714 84.15 -2.78 8.10
CA GLU C 714 85.42 -3.14 8.72
C GLU C 714 85.30 -4.48 9.42
N LEU C 715 84.22 -4.68 10.16
CA LEU C 715 84.04 -5.93 10.88
C LEU C 715 83.79 -7.09 9.92
N VAL C 716 83.08 -6.82 8.81
CA VAL C 716 82.85 -7.85 7.81
C VAL C 716 84.16 -8.32 7.20
N GLN C 717 85.06 -7.37 6.90
CA GLN C 717 86.30 -7.73 6.23
C GLN C 717 87.28 -8.39 7.20
N ASN C 718 87.56 -7.74 8.33
CA ASN C 718 88.69 -8.16 9.13
C ASN C 718 88.40 -9.32 10.08
N TYR C 719 87.13 -9.68 10.29
CA TYR C 719 86.82 -10.81 11.16
C TYR C 719 85.84 -11.82 10.58
N TRP C 720 85.00 -11.42 9.62
CA TRP C 720 84.10 -12.36 8.97
C TRP C 720 84.64 -12.84 7.64
N SER C 721 85.15 -11.93 6.81
CA SER C 721 85.70 -12.33 5.53
C SER C 721 86.97 -13.12 5.69
N LYS C 722 87.79 -12.81 6.69
CA LYS C 722 89.04 -13.53 6.89
C LYS C 722 88.82 -14.97 7.31
N GLN C 723 87.59 -15.35 7.65
CA GLN C 723 87.26 -16.72 7.99
C GLN C 723 86.46 -17.41 6.89
N LYS C 724 85.43 -16.75 6.36
CA LYS C 724 84.72 -17.03 5.12
C LYS C 724 83.76 -18.21 5.22
N ASN C 725 83.81 -19.04 6.26
CA ASN C 725 82.83 -20.11 6.44
C ASN C 725 82.94 -20.84 7.76
N ILE C 726 81.81 -21.08 8.41
CA ILE C 726 81.72 -22.01 9.53
C ILE C 726 80.55 -22.94 9.29
N LYS C 727 80.79 -24.24 9.49
CA LYS C 727 79.76 -25.25 9.25
C LYS C 727 78.58 -25.08 10.20
N GLY C 728 78.83 -24.71 11.44
CA GLY C 728 77.76 -24.63 12.42
C GLY C 728 76.71 -23.59 12.06
N VAL C 729 77.15 -22.42 11.60
CA VAL C 729 76.24 -21.31 11.35
C VAL C 729 75.59 -21.48 9.99
N LYS C 730 74.48 -20.78 9.77
CA LYS C 730 73.83 -20.72 8.46
C LYS C 730 73.88 -19.33 7.85
N ALA C 731 73.87 -18.29 8.68
CA ALA C 731 74.10 -16.94 8.22
C ALA C 731 74.62 -16.13 9.39
N ARG C 732 75.30 -15.03 9.08
CA ARG C 732 75.82 -14.15 10.13
C ARG C 732 75.51 -12.71 9.73
N PHE C 733 75.12 -11.90 10.69
CA PHE C 733 74.69 -10.54 10.39
C PHE C 733 75.00 -9.63 11.56
N VAL C 734 75.10 -8.34 11.26
CA VAL C 734 75.16 -7.30 12.28
C VAL C 734 74.18 -6.23 11.88
N VAL C 735 73.38 -5.77 12.84
CA VAL C 735 72.45 -4.68 12.64
C VAL C 735 72.87 -3.57 13.59
N THR C 736 72.65 -2.32 13.16
CA THR C 736 73.06 -1.17 13.95
C THR C 736 71.97 -0.13 13.95
N ASP C 737 72.05 0.78 14.92
CA ASP C 737 71.04 1.83 15.04
C ASP C 737 71.24 2.95 14.04
N GLY C 738 72.33 2.92 13.26
CA GLY C 738 72.45 3.83 12.14
C GLY C 738 71.66 3.42 10.92
N GLY C 739 71.30 2.14 10.81
CA GLY C 739 70.57 1.63 9.67
C GLY C 739 71.23 0.48 8.95
N ILE C 740 72.53 0.27 9.14
CA ILE C 740 73.24 -0.80 8.46
C ILE C 740 72.89 -2.13 9.10
N THR C 741 72.46 -3.09 8.28
CA THR C 741 72.11 -4.42 8.77
C THR C 741 72.71 -5.48 7.86
N ARG C 742 74.02 -5.38 7.62
CA ARG C 742 74.70 -6.29 6.71
C ARG C 742 74.59 -7.74 7.18
N VAL C 743 74.32 -8.62 6.22
CA VAL C 743 74.38 -10.07 6.41
C VAL C 743 75.41 -10.62 5.44
N TYR C 744 76.28 -11.52 5.93
CA TYR C 744 77.50 -11.83 5.18
C TYR C 744 77.27 -12.66 3.92
N PRO C 745 76.84 -13.93 4.00
CA PRO C 745 77.02 -14.82 2.84
C PRO C 745 76.33 -14.36 1.56
N LYS C 746 75.49 -13.33 1.61
CA LYS C 746 74.77 -12.80 0.46
C LYS C 746 73.70 -13.73 -0.05
N GLU C 747 73.61 -14.94 0.50
CA GLU C 747 72.66 -15.92 0.00
C GLU C 747 71.42 -16.00 0.88
N ALA C 748 71.62 -16.21 2.18
CA ALA C 748 70.50 -16.11 3.12
C ALA C 748 70.02 -14.69 3.27
N GLY C 749 70.77 -13.70 2.76
CA GLY C 749 70.26 -12.35 2.70
C GLY C 749 68.98 -12.27 1.90
N GLU C 750 68.88 -13.01 0.80
CA GLU C 750 67.61 -13.11 0.10
C GLU C 750 66.55 -13.81 0.93
N ASN C 751 66.94 -14.54 1.97
CA ASN C 751 66.04 -15.13 2.93
C ASN C 751 66.03 -14.37 4.25
N TRP C 752 66.43 -13.09 4.23
CA TRP C 752 66.35 -12.21 5.38
C TRP C 752 65.15 -11.29 5.21
N GLN C 753 64.21 -11.33 6.16
CA GLN C 753 62.97 -10.57 6.02
C GLN C 753 62.71 -9.65 7.20
N GLU C 754 63.75 -9.31 7.95
CA GLU C 754 63.56 -8.37 9.05
C GLU C 754 63.31 -6.97 8.50
N ASN C 755 62.71 -6.13 9.33
CA ASN C 755 62.37 -4.79 8.88
C ASN C 755 63.64 -4.04 8.52
N PRO C 756 63.74 -3.47 7.32
CA PRO C 756 64.93 -2.69 6.98
C PRO C 756 65.18 -1.54 7.93
N GLU C 757 64.11 -0.93 8.43
CA GLU C 757 64.23 0.12 9.44
C GLU C 757 64.61 -0.53 10.76
N THR C 758 65.84 -0.31 11.22
CA THR C 758 66.34 -1.10 12.34
C THR C 758 65.58 -0.82 13.62
N TYR C 759 65.00 0.37 13.76
CA TYR C 759 64.26 0.68 14.97
C TYR C 759 62.99 -0.15 15.10
N GLU C 760 62.55 -0.81 14.03
CA GLU C 760 61.35 -1.62 14.05
C GLU C 760 61.64 -3.11 14.14
N ASP C 761 62.90 -3.52 14.15
CA ASP C 761 63.22 -4.93 14.27
C ASP C 761 62.94 -5.40 15.68
N SER C 762 62.00 -6.32 15.82
CA SER C 762 61.65 -6.81 17.14
C SER C 762 62.83 -7.44 17.84
N PHE C 763 63.62 -8.23 17.12
CA PHE C 763 64.75 -8.88 17.75
C PHE C 763 65.78 -7.88 18.23
N TYR C 764 65.96 -6.76 17.51
CA TYR C 764 66.89 -5.73 17.96
C TYR C 764 66.44 -5.14 19.28
N LYS C 765 65.16 -4.74 19.36
CA LYS C 765 64.67 -4.13 20.58
C LYS C 765 64.73 -5.09 21.74
N ARG C 766 64.34 -6.35 21.50
CA ARG C 766 64.41 -7.34 22.56
C ARG C 766 65.85 -7.60 22.99
N SER C 767 66.77 -7.63 22.03
CA SER C 767 68.16 -7.92 22.34
C SER C 767 68.82 -6.78 23.08
N LEU C 768 68.33 -5.55 22.94
CA LEU C 768 68.88 -4.48 23.74
C LEU C 768 68.55 -4.63 25.21
N ASP C 769 67.36 -5.16 25.54
CA ASP C 769 66.98 -5.35 26.93
C ASP C 769 67.79 -6.44 27.60
N ASN C 770 67.67 -7.66 27.11
CA ASN C 770 68.38 -8.78 27.71
C ASN C 770 69.87 -8.59 27.55
N ASP C 771 70.60 -8.58 28.65
CA ASP C 771 72.06 -8.54 28.59
C ASP C 771 72.62 -9.96 28.48
N ASN C 772 72.09 -10.69 27.51
CA ASN C 772 72.48 -12.07 27.23
C ASN C 772 71.88 -12.46 25.89
N TYR C 773 72.37 -13.56 25.34
CA TYR C 773 71.97 -13.98 24.00
C TYR C 773 70.47 -14.28 23.97
N VAL C 774 69.86 -14.06 22.80
CA VAL C 774 68.43 -14.19 22.65
C VAL C 774 68.13 -15.04 21.42
N PHE C 775 67.19 -15.97 21.57
CA PHE C 775 66.81 -16.91 20.51
C PHE C 775 65.40 -16.57 20.02
N THR C 776 65.32 -15.93 18.86
CA THR C 776 64.05 -15.51 18.28
C THR C 776 63.53 -16.62 17.37
N ALA C 777 62.61 -17.42 17.90
CA ALA C 777 62.15 -18.60 17.16
C ALA C 777 61.44 -18.17 15.88
N PRO C 778 61.55 -18.94 14.81
CA PRO C 778 60.88 -18.58 13.57
C PRO C 778 59.39 -18.81 13.65
N TYR C 779 58.67 -18.15 12.75
CA TYR C 779 57.23 -18.30 12.66
C TYR C 779 56.89 -19.70 12.15
N PHE C 780 56.16 -20.47 12.94
CA PHE C 780 55.49 -21.64 12.39
C PHE C 780 54.58 -21.24 11.24
N ASN C 781 54.76 -21.89 10.10
CA ASN C 781 53.80 -21.81 9.00
C ASN C 781 53.62 -20.39 8.50
N LYS C 782 54.75 -19.71 8.23
CA LYS C 782 54.75 -18.42 7.55
C LYS C 782 55.46 -18.60 6.22
N SER C 783 54.71 -18.44 5.13
CA SER C 783 55.20 -18.76 3.78
C SER C 783 56.47 -17.97 3.46
N GLY C 784 57.50 -18.69 3.00
CA GLY C 784 58.75 -18.05 2.66
C GLY C 784 59.94 -18.90 3.06
N PRO C 785 61.00 -18.24 3.52
CA PRO C 785 62.19 -18.98 3.98
C PRO C 785 61.90 -19.93 5.14
N GLY C 786 60.86 -19.69 5.92
CA GLY C 786 60.56 -20.61 7.00
C GLY C 786 61.71 -20.70 8.00
N ALA C 787 62.07 -21.92 8.35
CA ALA C 787 63.10 -22.17 9.35
C ALA C 787 64.26 -23.00 8.83
N TYR C 788 63.98 -24.05 8.05
CA TYR C 788 65.05 -24.95 7.62
C TYR C 788 66.10 -24.23 6.79
N GLU C 789 65.67 -23.38 5.85
CA GLU C 789 66.62 -22.63 5.04
C GLU C 789 66.89 -21.24 5.60
N SER C 790 66.50 -20.98 6.83
CA SER C 790 66.84 -19.74 7.52
C SER C 790 67.67 -19.98 8.77
N GLY C 791 67.28 -20.95 9.59
CA GLY C 791 67.90 -21.18 10.88
C GLY C 791 67.08 -20.59 11.99
N ILE C 792 67.74 -20.33 13.11
CA ILE C 792 67.10 -19.65 14.23
C ILE C 792 67.92 -18.41 14.57
N MET C 793 67.26 -17.29 14.77
CA MET C 793 67.96 -16.05 15.00
C MET C 793 68.53 -16.02 16.41
N VAL C 794 69.82 -15.73 16.52
CA VAL C 794 70.49 -15.64 17.80
C VAL C 794 71.14 -14.27 17.83
N SER C 795 70.94 -13.54 18.91
CA SER C 795 71.43 -12.17 18.93
C SER C 795 72.06 -11.80 20.26
N LYS C 796 72.96 -10.83 20.22
CA LYS C 796 73.46 -10.16 21.41
C LYS C 796 73.86 -8.74 21.04
N ALA C 797 73.65 -7.81 21.97
CA ALA C 797 73.95 -6.41 21.75
C ALA C 797 75.39 -6.07 22.13
N VAL C 798 76.00 -5.17 21.35
CA VAL C 798 77.30 -4.63 21.71
C VAL C 798 77.16 -3.83 23.00
N GLU C 799 78.23 -3.79 23.80
CA GLU C 799 78.17 -3.21 25.13
C GLU C 799 79.36 -2.30 25.41
N ILE C 800 79.64 -1.36 24.50
CA ILE C 800 80.87 -0.58 24.61
C ILE C 800 80.86 0.28 25.86
N TYR C 801 82.05 0.71 26.27
CA TYR C 801 82.26 1.58 27.44
C TYR C 801 83.20 2.70 27.04
N ILE C 802 82.65 3.87 26.74
CA ILE C 802 83.44 5.03 26.38
C ILE C 802 83.50 5.95 27.59
N GLN C 803 84.70 6.13 28.13
CA GLN C 803 84.91 6.92 29.35
C GLN C 803 84.11 6.37 30.52
N GLY C 804 83.90 5.06 30.53
CA GLY C 804 83.06 4.45 31.53
C GLY C 804 81.58 4.58 31.30
N LYS C 805 81.17 4.96 30.09
CA LYS C 805 79.77 5.13 29.74
C LYS C 805 79.35 3.94 28.90
N LEU C 806 78.33 3.21 29.35
CA LEU C 806 77.91 2.00 28.69
C LEU C 806 76.92 2.33 27.58
N LEU C 807 77.22 1.86 26.38
CA LEU C 807 76.42 2.12 25.19
C LEU C 807 76.16 0.80 24.50
N LYS C 808 75.03 0.74 23.80
CA LYS C 808 74.65 -0.45 23.05
C LYS C 808 74.35 -0.05 21.62
N PRO C 809 75.39 0.22 20.82
CA PRO C 809 75.16 0.77 19.49
C PRO C 809 74.69 -0.23 18.45
N ALA C 810 74.89 -1.52 18.65
CA ALA C 810 74.51 -2.45 17.60
C ALA C 810 74.31 -3.84 18.18
N VAL C 811 73.61 -4.67 17.43
CA VAL C 811 73.34 -6.04 17.79
C VAL C 811 73.90 -6.95 16.71
N VAL C 812 74.71 -7.92 17.12
CA VAL C 812 75.27 -8.91 16.21
C VAL C 812 74.53 -10.22 16.42
N GLY C 813 74.26 -10.92 15.33
CA GLY C 813 73.48 -12.13 15.40
C GLY C 813 73.92 -13.15 14.37
N ILE C 814 73.53 -14.40 14.63
CA ILE C 814 73.75 -15.53 13.75
C ILE C 814 72.43 -16.22 13.52
N LYS C 815 72.11 -16.49 12.26
CA LYS C 815 71.02 -17.38 11.92
C LYS C 815 71.61 -18.78 11.95
N ILE C 816 71.33 -19.53 13.03
CA ILE C 816 71.95 -20.83 13.23
C ILE C 816 71.29 -21.87 12.33
N ASP C 817 72.15 -22.71 11.74
CA ASP C 817 71.71 -23.84 10.93
C ASP C 817 70.84 -24.78 11.76
N VAL C 818 69.68 -25.12 11.22
CA VAL C 818 68.81 -26.07 11.92
C VAL C 818 69.44 -27.46 11.95
N ASN C 819 70.00 -27.90 10.82
CA ASN C 819 70.48 -29.28 10.72
C ASN C 819 71.67 -29.52 11.63
N SER C 820 72.62 -28.58 11.65
CA SER C 820 73.82 -28.77 12.46
C SER C 820 73.49 -28.78 13.94
N TRP C 821 72.57 -27.93 14.38
CA TRP C 821 72.22 -28.00 15.79
C TRP C 821 71.36 -29.21 16.10
N ILE C 822 70.59 -29.71 15.15
CA ILE C 822 69.87 -30.96 15.39
C ILE C 822 70.86 -32.11 15.57
N GLU C 823 71.89 -32.17 14.74
CA GLU C 823 72.85 -33.26 14.88
C GLU C 823 73.68 -33.10 16.14
N ASN C 824 74.06 -31.87 16.50
CA ASN C 824 74.75 -31.69 17.76
C ASN C 824 73.84 -31.97 18.95
N PHE C 825 72.53 -31.88 18.76
CA PHE C 825 71.60 -32.09 19.87
C PHE C 825 71.17 -33.55 20.01
N THR C 826 71.14 -34.31 18.90
CA THR C 826 70.77 -35.72 19.01
C THR C 826 71.83 -36.54 19.71
N LYS C 827 73.00 -35.98 19.97
CA LYS C 827 74.08 -36.74 20.60
C LYS C 827 73.87 -36.83 22.10
N THR C 828 72.66 -37.21 22.50
CA THR C 828 72.26 -37.39 23.89
C THR C 828 71.28 -38.57 23.93
N SER C 829 70.57 -38.72 25.04
CA SER C 829 69.48 -39.67 25.08
C SER C 829 68.35 -39.21 24.17
N ILE C 830 67.71 -40.16 23.49
CA ILE C 830 66.58 -39.87 22.62
C ILE C 830 65.52 -40.93 22.84
N ARG C 831 64.25 -40.50 22.83
CA ARG C 831 63.09 -41.39 22.99
C ARG C 831 63.23 -42.29 24.20
N MET C 848 62.27 -40.08 27.61
CA MET C 848 61.68 -39.96 26.29
C MET C 848 62.12 -38.67 25.60
N ASP C 849 61.41 -37.56 25.83
CA ASP C 849 61.59 -36.38 24.99
C ASP C 849 62.25 -35.25 25.76
N CYS C 850 63.42 -34.83 25.27
CA CYS C 850 64.16 -33.69 25.79
C CYS C 850 64.08 -32.57 24.76
N VAL C 851 63.38 -31.49 25.11
CA VAL C 851 63.07 -30.42 24.20
C VAL C 851 63.78 -29.15 24.68
N ILE C 852 63.76 -28.12 23.84
CA ILE C 852 64.27 -26.81 24.21
C ILE C 852 63.20 -25.76 23.98
N LEU C 853 62.89 -24.99 25.01
CA LEU C 853 61.94 -23.90 24.96
C LEU C 853 62.63 -22.62 25.37
N ASP C 854 61.88 -21.52 25.43
CA ASP C 854 62.45 -20.21 25.70
C ASP C 854 61.37 -19.31 26.28
N ASP C 855 61.69 -18.02 26.39
CA ASP C 855 60.68 -17.03 26.70
C ASP C 855 59.61 -17.06 25.63
N GLY C 856 58.36 -17.06 26.05
CA GLY C 856 57.28 -17.30 25.12
C GLY C 856 57.01 -18.76 24.86
N GLY C 857 57.79 -19.67 25.44
CA GLY C 857 57.52 -21.09 25.28
C GLY C 857 57.49 -21.55 23.84
N PHE C 858 58.45 -21.10 23.03
CA PHE C 858 58.46 -21.43 21.62
C PHE C 858 59.44 -22.57 21.36
N LEU C 859 59.10 -23.41 20.40
CA LEU C 859 59.83 -24.65 20.19
C LEU C 859 61.10 -24.38 19.41
N LEU C 860 62.24 -24.41 20.10
CA LEU C 860 63.53 -24.33 19.42
C LEU C 860 63.81 -25.61 18.67
N MET C 861 63.93 -26.73 19.38
CA MET C 861 63.94 -28.04 18.75
C MET C 861 63.65 -29.08 19.83
N ALA C 862 63.47 -30.31 19.40
CA ALA C 862 63.24 -31.40 20.32
C ALA C 862 64.09 -32.58 19.88
N ASN C 863 64.45 -33.43 20.84
CA ASN C 863 65.13 -34.66 20.48
C ASN C 863 64.21 -35.63 19.75
N HIS C 864 62.91 -35.36 19.74
CA HIS C 864 61.96 -36.37 19.28
C HIS C 864 61.97 -36.49 17.77
N ASP C 865 62.56 -35.52 17.07
CA ASP C 865 62.94 -35.53 15.65
C ASP C 865 61.79 -35.35 14.67
N ASP C 866 60.55 -35.13 15.14
CA ASP C 866 59.48 -34.68 14.26
C ASP C 866 58.84 -33.39 14.74
N TYR C 867 58.99 -33.04 16.02
CA TYR C 867 58.65 -31.70 16.49
C TYR C 867 59.40 -30.65 15.68
N THR C 868 60.68 -30.90 15.41
CA THR C 868 61.46 -29.94 14.64
C THR C 868 60.95 -29.81 13.22
N ASN C 869 60.11 -30.74 12.75
CA ASN C 869 59.44 -30.51 11.48
C ASN C 869 58.42 -29.39 11.62
N GLN C 870 57.63 -29.42 12.68
CA GLN C 870 56.75 -28.30 13.04
C GLN C 870 57.44 -27.34 14.03
N ILE C 871 58.67 -26.97 13.68
CA ILE C 871 59.44 -26.04 14.49
C ILE C 871 58.76 -24.68 14.49
N GLY C 872 58.96 -23.93 15.57
CA GLY C 872 58.39 -22.61 15.67
C GLY C 872 56.97 -22.59 16.20
N ARG C 873 56.33 -23.73 16.33
CA ARG C 873 55.00 -23.78 16.89
C ARG C 873 55.07 -23.42 18.37
N PHE C 874 53.94 -23.00 18.92
CA PHE C 874 53.85 -22.91 20.37
C PHE C 874 53.95 -24.31 20.96
N PHE C 875 54.75 -24.46 22.01
CA PHE C 875 54.94 -25.80 22.54
C PHE C 875 53.72 -26.28 23.30
N GLY C 876 52.86 -25.37 23.77
CA GLY C 876 51.57 -25.77 24.31
C GLY C 876 50.55 -26.08 23.26
N GLU C 877 50.82 -25.72 22.01
CA GLU C 877 50.02 -26.16 20.89
C GLU C 877 50.19 -27.65 20.65
N ILE C 878 51.20 -28.28 21.26
CA ILE C 878 51.50 -29.70 21.07
C ILE C 878 51.10 -30.51 22.30
N ASP C 879 51.71 -30.23 23.45
CA ASP C 879 51.42 -30.94 24.69
C ASP C 879 50.96 -29.92 25.72
N PRO C 880 49.69 -29.52 25.66
CA PRO C 880 49.24 -28.42 26.54
C PRO C 880 49.37 -28.71 28.02
N SER C 881 49.15 -29.96 28.44
CA SER C 881 49.18 -30.26 29.87
C SER C 881 50.56 -29.98 30.45
N LEU C 882 51.60 -30.20 29.67
CA LEU C 882 52.95 -30.02 30.18
C LEU C 882 53.18 -28.59 30.64
N MET C 883 53.02 -27.62 29.73
CA MET C 883 53.22 -26.26 30.19
C MET C 883 52.08 -25.73 31.04
N ARG C 884 50.89 -26.32 31.01
CA ARG C 884 49.89 -25.86 31.97
C ARG C 884 50.34 -26.19 33.39
N HIS C 885 50.89 -27.39 33.57
CA HIS C 885 51.57 -27.72 34.83
C HIS C 885 52.73 -26.78 35.08
N LEU C 886 53.49 -26.45 34.03
CA LEU C 886 54.64 -25.58 34.19
C LEU C 886 54.23 -24.19 34.68
N VAL C 887 53.13 -23.67 34.14
CA VAL C 887 52.61 -22.40 34.61
C VAL C 887 52.20 -22.51 36.07
N ASN C 888 51.54 -23.62 36.43
CA ASN C 888 51.20 -23.79 37.84
C ASN C 888 52.45 -23.85 38.71
N ILE C 889 53.56 -24.33 38.16
CA ILE C 889 54.84 -24.30 38.89
C ILE C 889 55.31 -22.87 39.09
N SER C 890 54.86 -21.96 38.24
CA SER C 890 55.46 -20.63 38.08
C SER C 890 56.86 -20.75 37.48
N VAL C 891 56.96 -21.42 36.33
CA VAL C 891 58.18 -21.31 35.53
C VAL C 891 57.84 -20.45 34.32
N TYR C 892 56.58 -20.47 33.91
CA TYR C 892 56.03 -19.48 33.00
C TYR C 892 54.98 -18.67 33.72
N ALA C 893 55.11 -17.35 33.65
CA ALA C 893 54.00 -16.46 33.97
C ALA C 893 53.22 -16.23 32.69
N PHE C 894 52.31 -15.26 32.72
CA PHE C 894 51.62 -14.87 31.50
C PHE C 894 50.96 -13.52 31.73
N ASN C 895 50.81 -12.78 30.64
CA ASN C 895 49.99 -11.58 30.61
C ASN C 895 49.09 -11.64 29.41
N LYS C 896 47.79 -11.55 29.66
CA LYS C 896 46.78 -11.53 28.62
C LYS C 896 46.25 -10.12 28.53
N SER C 897 46.59 -9.42 27.46
CA SER C 897 46.10 -8.06 27.26
C SER C 897 45.22 -8.05 26.03
N TYR C 898 44.76 -6.86 25.66
CA TYR C 898 43.86 -6.71 24.54
C TYR C 898 44.48 -5.83 23.48
N ASP C 899 44.11 -6.08 22.24
CA ASP C 899 44.52 -5.25 21.11
C ASP C 899 43.25 -4.75 20.44
N TYR C 900 42.92 -3.48 20.68
CA TYR C 900 41.66 -2.93 20.20
C TYR C 900 41.68 -2.60 18.73
N GLN C 901 42.83 -2.73 18.10
CA GLN C 901 43.09 -2.10 16.82
C GLN C 901 43.74 -3.10 15.89
N SER C 902 43.12 -4.26 15.79
CA SER C 902 43.63 -5.39 15.05
C SER C 902 42.59 -5.86 14.06
N VAL C 903 43.06 -6.48 12.98
CA VAL C 903 42.16 -6.98 11.95
C VAL C 903 41.56 -8.32 12.38
N CYS C 904 40.28 -8.50 12.04
CA CYS C 904 39.51 -9.62 12.52
C CYS C 904 38.68 -10.16 11.37
N GLU C 905 38.54 -11.47 11.30
CA GLU C 905 37.69 -12.06 10.26
C GLU C 905 36.23 -11.69 10.48
N PRO C 906 35.51 -11.35 9.41
CA PRO C 906 34.05 -11.21 9.53
C PRO C 906 33.40 -12.47 10.04
N GLY C 907 32.78 -12.39 11.20
CA GLY C 907 32.30 -13.57 11.88
C GLY C 907 30.98 -14.09 11.35
N ALA C 908 30.63 -15.29 11.81
CA ALA C 908 29.35 -15.91 11.52
C ALA C 908 28.38 -15.55 12.63
N ALA C 909 27.26 -14.94 12.26
CA ALA C 909 26.27 -14.56 13.26
C ALA C 909 25.50 -15.77 13.78
N SER C 970 34.88 -6.58 3.68
CA SER C 970 35.90 -7.62 3.73
C SER C 970 36.25 -7.96 5.17
N LYS C 971 37.41 -7.51 5.62
CA LYS C 971 37.86 -7.68 6.99
C LYS C 971 37.52 -6.42 7.79
N GLN C 972 37.43 -6.58 9.10
CA GLN C 972 37.00 -5.50 9.95
C GLN C 972 37.91 -5.42 11.17
N SER C 973 37.71 -4.37 11.97
CA SER C 973 38.45 -4.18 13.21
C SER C 973 37.68 -4.86 14.34
N CYS C 974 38.42 -5.22 15.40
CA CYS C 974 37.92 -6.21 16.34
C CYS C 974 38.91 -6.38 17.47
N ILE C 975 38.43 -6.36 18.71
CA ILE C 975 39.34 -6.57 19.83
C ILE C 975 39.89 -7.97 19.74
N THR C 976 41.19 -8.12 19.98
CA THR C 976 41.79 -9.44 20.02
C THR C 976 42.58 -9.61 21.29
N GLU C 977 42.19 -10.59 22.09
CA GLU C 977 42.99 -10.98 23.23
C GLU C 977 44.32 -11.49 22.74
N GLN C 978 45.40 -11.04 23.36
CA GLN C 978 46.69 -11.60 23.00
C GLN C 978 47.47 -11.90 24.26
N THR C 979 48.16 -13.05 24.23
CA THR C 979 48.69 -13.69 25.41
C THR C 979 50.19 -13.79 25.26
N GLN C 980 50.92 -13.54 26.35
CA GLN C 980 52.37 -13.59 26.27
C GLN C 980 52.95 -14.23 27.52
N TYR C 981 53.97 -15.07 27.33
CA TYR C 981 54.56 -15.83 28.42
C TYR C 981 56.02 -15.45 28.61
N PHE C 982 56.50 -15.63 29.84
CA PHE C 982 57.87 -15.28 30.15
C PHE C 982 58.32 -16.02 31.40
N PHE C 983 59.62 -15.97 31.64
CA PHE C 983 60.23 -16.71 32.75
C PHE C 983 59.88 -16.04 34.05
N ASP C 984 58.92 -16.62 34.78
CA ASP C 984 58.39 -15.96 35.96
C ASP C 984 59.42 -15.87 37.08
N ASN C 985 60.07 -16.99 37.41
CA ASN C 985 61.04 -17.03 38.48
C ASN C 985 62.46 -16.92 37.94
N ASP C 986 63.41 -17.14 38.84
CA ASP C 986 64.82 -16.96 38.53
C ASP C 986 65.64 -18.24 38.65
N SER C 987 65.06 -19.32 39.19
CA SER C 987 65.83 -20.52 39.45
C SER C 987 66.18 -21.23 38.15
N LYS C 988 67.25 -22.04 38.22
CA LYS C 988 67.85 -22.64 37.03
C LYS C 988 67.44 -24.08 36.78
N SER C 989 66.80 -24.75 37.74
CA SER C 989 66.37 -26.13 37.57
C SER C 989 65.04 -26.37 38.27
N PHE C 990 64.20 -27.20 37.66
CA PHE C 990 62.88 -27.54 38.22
C PHE C 990 62.58 -28.99 37.92
N SER C 991 62.22 -29.75 38.95
CA SER C 991 61.86 -31.15 38.81
C SER C 991 60.41 -31.35 39.20
N GLY C 992 59.78 -32.36 38.61
CA GLY C 992 58.43 -32.69 39.03
C GLY C 992 57.89 -33.88 38.28
N VAL C 993 56.64 -34.20 38.60
CA VAL C 993 55.85 -35.20 37.88
C VAL C 993 54.48 -34.60 37.60
N LEU C 994 54.23 -34.30 36.33
CA LEU C 994 52.89 -33.93 35.92
C LEU C 994 51.92 -35.06 36.19
N ASP C 995 50.78 -34.71 36.77
CA ASP C 995 49.79 -35.70 37.16
C ASP C 995 48.74 -35.85 36.06
N CYS C 996 49.16 -36.53 34.99
CA CYS C 996 48.27 -36.83 33.89
C CYS C 996 47.16 -37.74 34.36
N GLY C 997 46.13 -37.89 33.52
CA GLY C 997 45.03 -38.76 33.88
C GLY C 997 45.52 -40.18 34.09
N ASN C 998 45.59 -40.61 35.35
CA ASN C 998 46.05 -41.93 35.77
C ASN C 998 47.50 -42.22 35.36
N CYS C 999 48.22 -41.23 34.84
CA CYS C 999 49.57 -41.45 34.36
C CYS C 999 50.51 -40.43 34.99
N SER C 1000 51.79 -40.79 35.01
CA SER C 1000 52.83 -39.96 35.61
C SER C 1000 53.76 -39.45 34.52
N ARG C 1001 53.93 -38.13 34.47
CA ARG C 1001 54.80 -37.48 33.51
C ARG C 1001 56.01 -36.92 34.25
N ILE C 1002 57.03 -37.75 34.45
CA ILE C 1002 58.24 -37.28 35.12
C ILE C 1002 58.96 -36.30 34.21
N PHE C 1003 59.47 -35.21 34.77
CA PHE C 1003 60.13 -34.19 33.99
C PHE C 1003 61.14 -33.45 34.85
N HIS C 1004 62.20 -32.98 34.19
CA HIS C 1004 63.15 -32.09 34.82
C HIS C 1004 63.61 -31.10 33.77
N GLY C 1005 63.67 -29.82 34.14
CA GLY C 1005 64.03 -28.79 33.20
C GLY C 1005 65.04 -27.81 33.77
N GLU C 1006 66.11 -27.58 33.03
CA GLU C 1006 67.16 -26.67 33.45
C GLU C 1006 67.17 -25.47 32.52
N LYS C 1007 67.03 -24.28 33.08
CA LYS C 1007 67.15 -23.07 32.29
C LYS C 1007 68.61 -22.81 32.00
N LEU C 1008 68.97 -22.82 30.72
CA LEU C 1008 70.39 -22.70 30.35
C LEU C 1008 70.93 -21.38 30.87
N MET C 1009 72.21 -21.35 31.20
CA MET C 1009 72.80 -20.15 31.75
C MET C 1009 73.26 -19.19 30.65
N ASN C 1010 73.22 -17.89 30.98
CA ASN C 1010 73.72 -16.84 30.09
C ASN C 1010 73.01 -16.86 28.75
N THR C 1011 71.70 -17.12 28.79
CA THR C 1011 70.89 -17.18 27.59
C THR C 1011 69.42 -17.26 28.02
N ASN C 1012 68.53 -17.28 27.03
CA ASN C 1012 67.11 -17.26 27.26
C ASN C 1012 66.45 -18.58 26.89
N LEU C 1013 67.13 -19.70 27.10
CA LEU C 1013 66.56 -21.00 26.82
C LEU C 1013 66.35 -21.81 28.08
N ILE C 1014 65.53 -22.84 27.92
CA ILE C 1014 65.30 -23.85 28.94
C ILE C 1014 65.33 -25.20 28.25
N PHE C 1015 65.92 -26.18 28.91
CA PHE C 1015 66.01 -27.55 28.42
C PHE C 1015 65.05 -28.36 29.27
N ILE C 1016 64.00 -28.89 28.65
CA ILE C 1016 62.93 -29.57 29.37
C ILE C 1016 62.91 -31.02 28.94
N MET C 1017 63.23 -31.95 29.84
CA MET C 1017 63.13 -33.37 29.51
C MET C 1017 61.94 -33.95 30.25
N VAL C 1018 60.95 -34.43 29.50
CA VAL C 1018 59.82 -35.17 30.01
C VAL C 1018 59.95 -36.60 29.51
N GLU C 1019 60.03 -37.55 30.44
CA GLU C 1019 60.29 -38.94 30.11
C GLU C 1019 58.96 -39.67 30.02
N SER C 1020 58.11 -39.22 29.11
CA SER C 1020 56.85 -39.92 28.91
C SER C 1020 56.25 -39.59 27.54
N LYS C 1021 56.30 -40.57 26.64
CA LYS C 1021 55.75 -40.43 25.30
C LYS C 1021 54.95 -41.69 24.98
N GLY C 1022 53.82 -41.52 24.30
CA GLY C 1022 52.95 -42.63 23.98
C GLY C 1022 52.06 -43.08 25.12
N THR C 1023 52.10 -42.40 26.26
CA THR C 1023 51.26 -42.75 27.39
C THR C 1023 49.85 -42.24 27.13
N CYS C 1024 49.01 -42.24 28.17
CA CYS C 1024 47.66 -41.74 28.03
C CYS C 1024 47.68 -40.28 27.59
N PRO C 1025 46.77 -39.88 26.70
CA PRO C 1025 46.73 -38.47 26.27
C PRO C 1025 45.89 -37.59 27.20
N CYS C 1026 46.54 -36.64 27.87
CA CYS C 1026 45.84 -35.65 28.68
C CYS C 1026 45.40 -34.46 27.86
N ASP C 1027 45.37 -34.60 26.54
CA ASP C 1027 45.07 -33.49 25.64
C ASP C 1027 43.59 -33.13 25.70
N THR C 1028 43.16 -32.64 26.87
CA THR C 1028 41.76 -32.26 27.03
C THR C 1028 41.44 -30.98 26.26
N ARG C 1029 42.34 -30.00 26.29
CA ARG C 1029 42.21 -28.78 25.51
C ARG C 1029 43.60 -28.42 24.97
N LEU C 1030 43.75 -27.17 24.52
CA LEU C 1030 45.04 -26.65 24.08
C LEU C 1030 45.29 -25.29 24.69
N LEU C 1031 46.57 -25.01 24.93
CA LEU C 1031 47.04 -23.65 25.21
C LEU C 1031 47.36 -22.98 23.88
N ILE C 1032 46.58 -21.96 23.53
CA ILE C 1032 46.82 -21.20 22.32
C ILE C 1032 47.47 -19.89 22.72
N GLN C 1033 48.72 -19.68 22.29
CA GLN C 1033 49.30 -18.34 22.28
C GLN C 1033 49.10 -17.78 20.88
N ALA C 1034 48.01 -17.06 20.70
CA ALA C 1034 47.74 -16.44 19.42
C ALA C 1034 46.80 -15.28 19.63
N GLU C 1035 46.71 -14.45 18.60
CA GLU C 1035 45.81 -13.31 18.61
C GLU C 1035 44.38 -13.80 18.47
N GLN C 1036 43.84 -14.45 19.49
CA GLN C 1036 42.52 -15.02 19.37
C GLN C 1036 41.49 -13.92 19.56
N THR C 1037 40.51 -13.90 18.68
CA THR C 1037 39.46 -12.89 18.75
C THR C 1037 38.71 -12.99 20.08
N SER C 1038 38.37 -11.84 20.64
CA SER C 1038 37.58 -11.82 21.86
C SER C 1038 36.83 -10.51 21.95
N ASP C 1039 35.67 -10.55 22.59
CA ASP C 1039 35.06 -9.33 23.07
C ASP C 1039 35.95 -8.75 24.14
N GLY C 1040 36.02 -7.43 24.20
CA GLY C 1040 36.94 -6.78 25.09
C GLY C 1040 36.54 -6.97 26.54
N PRO C 1041 37.03 -6.10 27.40
CA PRO C 1041 36.57 -6.12 28.78
C PRO C 1041 35.09 -5.82 28.84
N ASN C 1042 34.43 -6.36 29.83
CA ASN C 1042 33.02 -6.07 30.00
C ASN C 1042 32.86 -4.59 30.34
N PRO C 1043 32.12 -3.83 29.55
CA PRO C 1043 31.96 -2.40 29.86
C PRO C 1043 30.95 -2.14 30.95
N CYS C 1044 30.05 -3.08 31.23
CA CYS C 1044 29.19 -2.91 32.39
C CYS C 1044 29.99 -2.94 33.68
N ASP C 1045 31.23 -3.44 33.63
CA ASP C 1045 32.14 -3.44 34.75
C ASP C 1045 32.97 -2.18 34.83
N MET C 1046 33.55 -1.75 33.71
CA MET C 1046 34.47 -0.63 33.75
C MET C 1046 33.81 0.67 34.15
N VAL C 1047 32.54 0.87 33.82
CA VAL C 1047 31.88 2.11 34.20
C VAL C 1047 31.66 2.22 35.70
N LYS C 1048 31.74 1.11 36.43
CA LYS C 1048 31.63 1.20 37.89
C LYS C 1048 32.81 1.94 38.48
N GLN C 1049 34.02 1.59 38.08
CA GLN C 1049 35.24 2.27 38.52
C GLN C 1049 36.00 2.74 37.29
N PRO C 1050 35.53 3.81 36.66
CA PRO C 1050 36.14 4.25 35.41
C PRO C 1050 37.53 4.78 35.67
N ARG C 1051 38.34 4.79 34.63
CA ARG C 1051 39.67 5.36 34.75
C ARG C 1051 39.57 6.83 35.07
N TYR C 1052 40.61 7.37 35.69
CA TYR C 1052 40.63 8.79 35.98
C TYR C 1052 40.62 9.60 34.69
N ARG C 1053 39.97 10.75 34.74
CA ARG C 1053 39.61 11.48 33.54
C ARG C 1053 39.29 12.91 33.95
N LYS C 1054 39.88 13.88 33.28
CA LYS C 1054 39.67 15.28 33.62
C LYS C 1054 38.95 15.98 32.49
N GLY C 1055 37.90 16.71 32.83
CA GLY C 1055 37.04 17.29 31.82
C GLY C 1055 37.39 18.71 31.48
N PRO C 1056 36.74 19.26 30.46
CA PRO C 1056 37.05 20.62 30.04
C PRO C 1056 36.77 21.64 31.13
N ASP C 1057 37.59 22.68 31.15
CA ASP C 1057 37.51 23.67 32.22
C ASP C 1057 36.21 24.46 32.14
N VAL C 1058 35.91 25.01 30.97
CA VAL C 1058 34.83 25.96 30.80
C VAL C 1058 33.76 25.35 29.91
N CYS C 1059 32.50 25.54 30.31
CA CYS C 1059 31.40 25.16 29.46
C CYS C 1059 30.26 26.14 29.67
N PHE C 1060 29.51 26.37 28.60
CA PHE C 1060 28.50 27.41 28.55
C PHE C 1060 27.13 26.77 28.44
N ASP C 1061 26.33 26.96 29.48
CA ASP C 1061 24.91 26.70 29.43
C ASP C 1061 24.26 27.78 30.27
N ASN C 1062 22.93 27.87 30.18
CA ASN C 1062 22.18 28.64 31.16
C ASN C 1062 22.67 30.09 31.20
N ASN C 1063 22.45 30.78 30.09
CA ASN C 1063 22.52 32.22 30.09
C ASN C 1063 21.12 32.77 30.27
N VAL C 1064 21.01 33.88 31.01
CA VAL C 1064 19.69 34.43 31.25
C VAL C 1064 19.16 35.18 30.03
N LEU C 1065 20.04 35.72 29.19
CA LEU C 1065 19.61 36.47 28.03
C LEU C 1065 19.04 35.59 26.93
N GLU C 1066 19.17 34.27 27.05
CA GLU C 1066 18.83 33.37 25.96
C GLU C 1066 17.35 33.48 25.61
N ASP C 1067 17.06 33.35 24.32
CA ASP C 1067 15.72 33.59 23.78
C ASP C 1067 15.02 32.26 23.56
N TYR C 1068 14.09 31.92 24.44
CA TYR C 1068 13.54 30.59 24.57
C TYR C 1068 12.38 30.33 23.63
N THR C 1069 11.98 31.34 22.85
CA THR C 1069 10.68 31.37 22.20
C THR C 1069 10.72 30.81 20.80
N ASP C 1070 11.56 29.81 20.56
CA ASP C 1070 11.72 29.22 19.23
C ASP C 1070 11.63 27.71 19.32
N CYS C 1071 10.61 27.19 19.98
CA CYS C 1071 10.49 25.75 20.10
C CYS C 1071 10.31 25.06 18.76
N GLY C 1072 9.20 25.29 18.09
CA GLY C 1072 8.91 24.56 16.88
C GLY C 1072 7.53 23.95 16.93
#